data_4CZ0
#
_entry.id   4CZ0
#
_cell.length_a   69.113
_cell.length_b   216.085
_cell.length_c   81.486
_cell.angle_alpha   90.00
_cell.angle_beta   105.23
_cell.angle_gamma   90.00
#
_symmetry.space_group_name_H-M   'P 1 21 1'
#
loop_
_entity.id
_entity.type
_entity.pdbx_description
1 polymer HAEMAGGLUTININ
2 polymer HAEMAGGLUTININ
3 branched 'N-acetyl-alpha-neuraminic acid-(2-3)-beta-D-galactopyranose-(1-4)-2-acetamido-2-deoxy-6-O-sulfo-beta-D-glucopyranose'
4 branched alpha-D-mannopyranose-(1-3)-[alpha-D-mannopyranose-(1-6)]beta-D-mannopyranose-(1-4)-2-acetamido-2-deoxy-beta-D-glucopyranose-(1-4)-2-acetamido-2-deoxy-beta-D-glucopyranose
5 non-polymer 2-acetamido-2-deoxy-beta-D-glucopyranose
#
loop_
_entity_poly.entity_id
_entity_poly.type
_entity_poly.pdbx_seq_one_letter_code
_entity_poly.pdbx_strand_id
1 'polypeptide(L)'
;DKICLGHHAVANGTIVKTLTNEQEEVTNATETVESTSLDRLCMKGRSHKDLGNCHPIGMLIGTPACDLHLTGTWDTLIER
ENAIAYCYPGATVNEEALRQKIMESGGISKISTGFTYGSSINSAGTTKACMRNGGNSFYAELKWLVSKSKGQNFPQTTNT
YRNTDTAEHLIMWGIHHPSSTQEKNDLYGTQSLSISVGSSTYQSNFVPVVGARPQVNGQSGRIDFHWTLVQPGDNITFSH
NGGLIAPSRVSKLIGRGLGIQSDAPIDNNCESKCFWRGGSINTRLPFQNLSPRTVGQCPKYVNKKSLMLATGMRNVPE
;
A,C,E
2 'polypeptide(L)'
;GLFGAIAGFIENGWEGMVDGWYGFRHQNAQGTGQAADYKSTQAAIDQITGKLNRLIEKTNTEFESIESEFSEIEHQIGNV
INWTKDSITDIWTYQAELLVAMENQHTIDMADSEMLNLYERVRKQLRQNAEEDGKGCFEIYHACDDSCMESIRNNTYDHS
QYREEALLNRLN
;
B,D,F
#
# COMPACT_ATOMS: atom_id res chain seq x y z
N ASP A 1 -0.01 8.52 -63.60
CA ASP A 1 0.40 7.09 -63.64
C ASP A 1 1.01 6.62 -62.30
N LYS A 2 0.43 7.09 -61.19
CA LYS A 2 0.91 6.72 -59.86
C LYS A 2 -0.21 6.60 -58.82
N ILE A 3 -0.04 5.65 -57.90
CA ILE A 3 -0.97 5.46 -56.78
C ILE A 3 -0.23 5.71 -55.45
N CYS A 4 -0.79 6.59 -54.62
CA CYS A 4 -0.13 7.01 -53.39
C CYS A 4 -0.78 6.44 -52.12
N LEU A 5 -0.05 6.50 -51.02
CA LEU A 5 -0.54 6.04 -49.72
C LEU A 5 -0.27 7.06 -48.61
N GLY A 6 -1.14 7.05 -47.60
CA GLY A 6 -1.03 8.01 -46.50
C GLY A 6 -2.17 7.92 -45.51
N HIS A 7 -1.97 8.56 -44.36
CA HIS A 7 -2.94 8.54 -43.26
C HIS A 7 -3.75 9.82 -43.21
N HIS A 8 -4.64 9.93 -42.22
CA HIS A 8 -5.46 11.13 -42.06
C HIS A 8 -4.90 12.03 -40.95
N ALA A 9 -5.20 13.33 -41.04
CA ALA A 9 -4.70 14.32 -40.10
C ALA A 9 -5.74 15.38 -39.77
N VAL A 10 -5.57 16.02 -38.60
CA VAL A 10 -6.47 17.08 -38.16
C VAL A 10 -5.72 18.41 -37.98
N ALA A 11 -6.46 19.50 -37.88
CA ALA A 11 -5.88 20.83 -37.71
C ALA A 11 -5.40 21.05 -36.26
N ASN A 12 -6.28 20.82 -35.30
CA ASN A 12 -5.93 20.89 -33.89
C ASN A 12 -5.76 19.50 -33.28
N GLY A 13 -4.55 19.22 -32.79
CA GLY A 13 -4.24 17.93 -32.19
C GLY A 13 -4.28 17.96 -30.68
N THR A 14 -4.18 16.77 -30.08
CA THR A 14 -4.20 16.62 -28.63
C THR A 14 -2.84 16.16 -28.12
N ILE A 15 -2.35 16.83 -27.08
CA ILE A 15 -1.03 16.54 -26.51
C ILE A 15 -1.12 15.39 -25.51
N VAL A 16 -0.23 14.42 -25.65
CA VAL A 16 -0.15 13.27 -24.74
C VAL A 16 1.28 12.98 -24.26
N LYS A 17 1.38 12.28 -23.14
CA LYS A 17 2.67 11.88 -22.58
C LYS A 17 3.00 10.43 -22.93
N THR A 18 4.22 10.22 -23.43
CA THR A 18 4.72 8.89 -23.74
C THR A 18 6.00 8.60 -22.96
N LEU A 19 6.58 7.42 -23.17
CA LEU A 19 7.85 7.03 -22.55
C LEU A 19 9.02 7.86 -23.09
N THR A 20 8.89 8.31 -24.34
CA THR A 20 9.97 9.02 -25.02
C THR A 20 9.74 10.53 -25.08
N ASN A 21 8.47 10.95 -25.00
CA ASN A 21 8.11 12.36 -25.13
C ASN A 21 6.86 12.73 -24.34
N GLU A 22 6.87 13.93 -23.76
CA GLU A 22 5.71 14.44 -23.03
C GLU A 22 5.00 15.57 -23.82
N GLN A 23 5.44 15.77 -25.06
CA GLN A 23 4.90 16.80 -25.94
C GLN A 23 4.38 16.19 -27.24
N GLU A 24 3.98 14.92 -27.17
CA GLU A 24 3.48 14.18 -28.34
C GLU A 24 2.10 14.70 -28.77
N GLU A 25 1.92 14.86 -30.07
CA GLU A 25 0.67 15.39 -30.63
C GLU A 25 -0.07 14.34 -31.45
N VAL A 26 -1.02 13.66 -30.82
CA VAL A 26 -1.88 12.69 -31.51
C VAL A 26 -3.11 13.38 -32.12
N THR A 27 -3.83 12.66 -32.97
CA THR A 27 -5.02 13.20 -33.64
C THR A 27 -6.18 13.39 -32.66
N ASN A 28 -6.41 12.41 -31.80
CA ASN A 28 -7.50 12.46 -30.82
C ASN A 28 -7.17 11.67 -29.55
N ALA A 29 -7.56 12.22 -28.40
CA ALA A 29 -7.31 11.60 -27.09
C ALA A 29 -8.44 11.85 -26.11
N THR A 30 -8.53 11.01 -25.08
CA THR A 30 -9.55 11.12 -24.04
C THR A 30 -8.97 11.19 -22.61
N GLU A 31 -9.74 11.74 -21.68
CA GLU A 31 -9.32 11.89 -20.28
C GLU A 31 -9.57 10.62 -19.48
N THR A 32 -8.70 10.36 -18.50
CA THR A 32 -8.81 9.16 -17.65
C THR A 32 -8.97 9.50 -16.16
N VAL A 33 -8.77 10.76 -15.82
CA VAL A 33 -8.90 11.24 -14.43
C VAL A 33 -10.08 12.19 -14.33
N GLU A 34 -11.02 11.86 -13.44
CA GLU A 34 -12.24 12.65 -13.26
C GLU A 34 -12.00 13.91 -12.42
N SER A 35 -12.51 15.04 -12.91
CA SER A 35 -12.45 16.31 -12.21
C SER A 35 -13.84 16.82 -11.86
N THR A 36 -14.86 16.21 -12.46
CA THR A 36 -16.25 16.63 -12.26
C THR A 36 -16.84 15.99 -11.00
N SER A 37 -17.45 16.82 -10.16
CA SER A 37 -18.13 16.36 -8.96
C SER A 37 -19.53 16.92 -8.87
N LEU A 38 -20.49 16.04 -8.60
CA LEU A 38 -21.86 16.45 -8.35
C LEU A 38 -21.99 16.74 -6.86
N ASP A 39 -22.20 18.00 -6.53
CA ASP A 39 -22.32 18.44 -5.13
C ASP A 39 -23.65 18.05 -4.49
N ARG A 40 -24.12 16.86 -4.84
CA ARG A 40 -25.38 16.33 -4.34
C ARG A 40 -25.21 14.85 -4.03
N LEU A 41 -25.83 14.40 -2.94
CA LEU A 41 -25.85 12.99 -2.59
C LEU A 41 -26.91 12.26 -3.40
N CYS A 42 -26.48 11.57 -4.45
CA CYS A 42 -27.39 10.84 -5.35
C CYS A 42 -27.94 9.59 -4.67
N MET A 43 -29.22 9.65 -4.28
CA MET A 43 -29.82 8.62 -3.44
C MET A 43 -30.99 7.87 -4.08
N LYS A 44 -31.04 7.86 -5.40
CA LYS A 44 -32.07 7.12 -6.14
C LYS A 44 -31.91 5.62 -5.92
N GLY A 45 -33.03 4.93 -5.74
CA GLY A 45 -33.03 3.48 -5.50
C GLY A 45 -32.28 3.12 -4.24
N ARG A 46 -32.40 3.98 -3.23
CA ARG A 46 -31.63 3.85 -2.00
C ARG A 46 -32.42 4.43 -0.82
N SER A 47 -32.72 3.56 0.15
CA SER A 47 -33.48 3.93 1.34
C SER A 47 -32.60 4.65 2.36
N HIS A 48 -32.34 5.93 2.10
CA HIS A 48 -31.40 6.70 2.91
C HIS A 48 -32.04 7.32 4.14
N LYS A 49 -31.23 7.56 5.16
CA LYS A 49 -31.68 8.22 6.39
C LYS A 49 -30.78 9.41 6.73
N ASP A 50 -31.32 10.62 6.54
CA ASP A 50 -30.63 11.84 6.91
C ASP A 50 -30.74 12.05 8.42
N LEU A 51 -29.68 12.55 9.04
CA LEU A 51 -29.65 12.79 10.48
C LEU A 51 -29.75 14.27 10.85
N GLY A 52 -29.48 15.14 9.88
CA GLY A 52 -29.60 16.59 10.05
C GLY A 52 -28.75 17.17 11.15
N ASN A 53 -29.33 17.26 12.35
CA ASN A 53 -28.64 17.79 13.52
C ASN A 53 -28.22 16.72 14.53
N CYS A 54 -28.66 15.48 14.31
CA CYS A 54 -28.28 14.38 15.19
C CYS A 54 -26.94 13.75 14.80
N HIS A 55 -26.15 13.41 15.82
CA HIS A 55 -24.91 12.65 15.67
C HIS A 55 -25.18 11.20 16.05
N PRO A 56 -24.65 10.23 15.27
CA PRO A 56 -24.93 8.79 15.40
C PRO A 56 -25.04 8.24 16.83
N ILE A 57 -24.19 8.71 17.75
CA ILE A 57 -24.22 8.25 19.14
C ILE A 57 -25.49 8.71 19.86
N GLY A 58 -26.04 9.85 19.44
CA GLY A 58 -27.30 10.37 19.98
C GLY A 58 -28.50 9.47 19.75
N MET A 59 -28.44 8.64 18.71
CA MET A 59 -29.48 7.65 18.41
C MET A 59 -29.64 6.61 19.52
N LEU A 60 -28.53 6.30 20.20
CA LEU A 60 -28.51 5.25 21.21
C LEU A 60 -28.81 5.76 22.61
N ILE A 61 -28.70 7.08 22.80
CA ILE A 61 -28.91 7.69 24.11
C ILE A 61 -30.19 8.52 24.21
N GLY A 62 -30.50 9.29 23.16
CA GLY A 62 -31.75 10.04 23.09
C GLY A 62 -31.62 11.54 23.26
N THR A 63 -30.78 12.15 22.43
CA THR A 63 -30.62 13.60 22.40
C THR A 63 -31.88 14.24 21.82
N PRO A 64 -32.35 15.36 22.42
CA PRO A 64 -33.57 16.07 21.98
C PRO A 64 -33.65 16.36 20.48
N ALA A 65 -32.52 16.66 19.85
CA ALA A 65 -32.47 16.93 18.41
C ALA A 65 -32.45 15.63 17.59
N CYS A 66 -32.11 14.53 18.26
CA CYS A 66 -32.00 13.22 17.64
C CYS A 66 -33.22 12.34 17.95
N ASP A 67 -34.25 12.97 18.50
CA ASP A 67 -35.48 12.29 18.93
C ASP A 67 -36.23 11.64 17.76
N LEU A 68 -36.05 12.19 16.56
CA LEU A 68 -36.69 11.69 15.35
C LEU A 68 -36.10 10.37 14.84
N HIS A 69 -34.80 10.19 15.08
CA HIS A 69 -34.04 9.12 14.43
C HIS A 69 -33.68 7.94 15.34
N LEU A 70 -34.38 7.81 16.47
CA LEU A 70 -34.06 6.77 17.47
C LEU A 70 -34.29 5.33 17.00
N THR A 71 -34.97 5.17 15.87
CA THR A 71 -35.29 3.85 15.30
C THR A 71 -35.55 3.97 13.79
N GLY A 72 -35.19 2.92 13.05
CA GLY A 72 -35.46 2.85 11.61
C GLY A 72 -34.68 1.75 10.93
N THR A 73 -34.95 1.53 9.65
CA THR A 73 -34.17 0.60 8.83
C THR A 73 -33.65 1.32 7.59
N TRP A 74 -32.37 1.12 7.30
CA TRP A 74 -31.71 1.79 6.19
C TRP A 74 -30.64 0.93 5.52
N ASP A 75 -30.23 1.35 4.33
CA ASP A 75 -29.07 0.78 3.65
C ASP A 75 -27.98 1.84 3.57
N THR A 76 -28.35 3.07 3.92
CA THR A 76 -27.43 4.21 3.93
C THR A 76 -27.80 5.22 5.01
N LEU A 77 -26.79 5.70 5.73
CA LEU A 77 -26.97 6.64 6.83
C LEU A 77 -26.10 7.87 6.60
N ILE A 78 -26.73 9.05 6.51
CA ILE A 78 -26.02 10.30 6.24
C ILE A 78 -25.78 11.09 7.52
N GLU A 79 -24.53 11.51 7.73
CA GLU A 79 -24.12 12.27 8.90
C GLU A 79 -23.67 13.68 8.49
N ARG A 80 -23.94 14.67 9.32
CA ARG A 80 -23.64 16.06 9.01
C ARG A 80 -22.58 16.66 9.93
N GLU A 81 -22.08 17.84 9.56
CA GLU A 81 -21.16 18.62 10.40
C GLU A 81 -21.95 19.27 11.53
N ASN A 82 -21.27 19.50 12.65
CA ASN A 82 -21.85 20.18 13.82
C ASN A 82 -23.03 19.43 14.46
N ALA A 83 -23.14 18.13 14.14
CA ALA A 83 -24.21 17.29 14.64
C ALA A 83 -24.07 17.04 16.14
N ILE A 84 -25.08 17.46 16.90
CA ILE A 84 -25.06 17.36 18.37
C ILE A 84 -25.37 15.94 18.85
N ALA A 85 -24.59 15.46 19.82
CA ALA A 85 -24.79 14.14 20.41
C ALA A 85 -25.02 14.25 21.91
N TYR A 86 -24.42 15.26 22.53
CA TYR A 86 -24.51 15.45 23.97
C TYR A 86 -25.17 16.79 24.31
N CYS A 87 -26.42 16.72 24.79
CA CYS A 87 -27.15 17.89 25.24
C CYS A 87 -26.47 18.45 26.49
N TYR A 88 -26.10 17.54 27.40
CA TYR A 88 -25.44 17.87 28.65
C TYR A 88 -23.97 17.47 28.56
N PRO A 89 -23.06 18.40 28.93
CA PRO A 89 -21.60 18.27 28.85
C PRO A 89 -21.06 16.86 29.09
N GLY A 90 -20.13 16.43 28.25
CA GLY A 90 -19.49 15.12 28.36
C GLY A 90 -19.08 14.52 27.04
N ALA A 91 -18.67 13.25 27.08
CA ALA A 91 -18.27 12.49 25.89
C ALA A 91 -18.41 10.99 26.12
N THR A 92 -18.00 10.20 25.13
CA THR A 92 -18.07 8.74 25.23
C THR A 92 -16.68 8.12 25.11
N VAL A 93 -16.40 7.12 25.95
CA VAL A 93 -15.16 6.35 25.90
C VAL A 93 -15.06 5.65 24.54
N ASN A 94 -13.95 5.87 23.86
CA ASN A 94 -13.78 5.53 22.42
C ASN A 94 -15.06 5.73 21.60
N GLU A 95 -15.40 7.00 21.40
CA GLU A 95 -16.63 7.39 20.71
C GLU A 95 -16.57 7.16 19.20
N GLU A 96 -15.37 7.16 18.64
CA GLU A 96 -15.17 6.90 17.22
C GLU A 96 -15.39 5.41 16.91
N ALA A 97 -14.89 4.56 17.79
CA ALA A 97 -15.09 3.11 17.69
C ALA A 97 -16.58 2.74 17.71
N LEU A 98 -17.38 3.60 18.34
CA LEU A 98 -18.82 3.42 18.41
C LEU A 98 -19.53 4.06 17.22
N ARG A 99 -19.07 5.25 16.81
CA ARG A 99 -19.71 6.01 15.74
C ARG A 99 -19.66 5.29 14.39
N GLN A 100 -18.49 4.78 14.02
CA GLN A 100 -18.33 4.05 12.75
C GLN A 100 -19.01 2.69 12.77
N LYS A 101 -19.27 2.17 13.97
CA LYS A 101 -20.04 0.93 14.15
C LYS A 101 -21.51 1.17 13.78
N ILE A 102 -21.99 2.37 14.07
CA ILE A 102 -23.36 2.78 13.74
C ILE A 102 -23.48 3.10 12.24
N MET A 103 -22.41 3.63 11.66
CA MET A 103 -22.39 3.97 10.24
C MET A 103 -22.22 2.72 9.37
N GLU A 104 -21.76 1.63 9.99
CA GLU A 104 -21.67 0.34 9.31
C GLU A 104 -22.97 -0.44 9.43
N SER A 105 -23.78 -0.09 10.42
CA SER A 105 -25.05 -0.78 10.68
C SER A 105 -26.13 -0.41 9.68
N GLY A 106 -27.13 -1.30 9.55
CA GLY A 106 -28.26 -1.08 8.67
C GLY A 106 -29.58 -1.12 9.40
N GLY A 107 -29.66 -0.40 10.52
CA GLY A 107 -30.88 -0.33 11.32
C GLY A 107 -30.63 -0.49 12.81
N ILE A 108 -31.48 0.14 13.62
CA ILE A 108 -31.40 0.05 15.08
C ILE A 108 -32.75 -0.38 15.66
N SER A 109 -32.73 -1.46 16.44
CA SER A 109 -33.90 -1.94 17.16
C SER A 109 -33.73 -1.68 18.66
N LYS A 110 -34.76 -1.11 19.28
CA LYS A 110 -34.72 -0.80 20.71
C LYS A 110 -35.46 -1.83 21.55
N ILE A 111 -34.84 -2.22 22.67
CA ILE A 111 -35.42 -3.19 23.60
C ILE A 111 -35.29 -2.69 25.04
N SER A 112 -36.36 -2.83 25.81
CA SER A 112 -36.41 -2.38 27.20
C SER A 112 -35.50 -3.19 28.11
N THR A 113 -34.95 -2.54 29.14
CA THR A 113 -34.08 -3.20 30.11
C THR A 113 -34.88 -3.85 31.24
N GLY A 114 -36.00 -3.22 31.60
CA GLY A 114 -36.86 -3.71 32.67
C GLY A 114 -36.28 -3.47 34.05
N PHE A 115 -35.92 -2.23 34.32
CA PHE A 115 -35.26 -1.85 35.58
C PHE A 115 -36.25 -1.25 36.57
N THR A 116 -36.36 -1.89 37.74
CA THR A 116 -37.24 -1.40 38.81
C THR A 116 -36.41 -0.79 39.94
N TYR A 117 -36.85 0.38 40.42
CA TYR A 117 -36.11 1.13 41.43
C TYR A 117 -36.90 1.27 42.73
N GLY A 118 -36.17 1.42 43.84
CA GLY A 118 -36.77 1.53 45.17
C GLY A 118 -37.41 2.87 45.45
N SER A 119 -37.92 3.02 46.67
CA SER A 119 -38.63 4.23 47.09
C SER A 119 -37.69 5.43 47.30
N SER A 120 -36.46 5.13 47.70
CA SER A 120 -35.47 6.17 48.00
C SER A 120 -34.78 6.74 46.76
N ILE A 121 -35.15 6.23 45.58
CA ILE A 121 -34.52 6.63 44.33
C ILE A 121 -35.47 7.44 43.44
N ASN A 122 -35.07 8.69 43.14
CA ASN A 122 -35.80 9.53 42.20
C ASN A 122 -35.28 9.29 40.78
N SER A 123 -35.98 8.42 40.05
CA SER A 123 -35.56 8.02 38.70
C SER A 123 -35.90 9.08 37.64
N ALA A 124 -36.52 10.18 38.08
CA ALA A 124 -36.94 11.24 37.16
C ALA A 124 -36.00 12.45 37.19
N GLY A 125 -34.71 12.20 36.98
CA GLY A 125 -33.72 13.26 36.91
C GLY A 125 -33.74 13.96 35.57
N THR A 126 -33.78 15.30 35.60
CA THR A 126 -33.84 16.11 34.38
C THR A 126 -32.83 17.26 34.40
N THR A 127 -32.65 17.89 33.25
CA THR A 127 -31.74 19.03 33.10
C THR A 127 -32.25 20.06 32.10
N LYS A 128 -31.81 21.31 32.24
CA LYS A 128 -32.18 22.39 31.32
C LYS A 128 -31.40 22.29 29.99
N ALA A 129 -30.34 21.48 29.98
CA ALA A 129 -29.57 21.22 28.77
C ALA A 129 -30.38 20.37 27.78
N CYS A 130 -31.02 19.33 28.29
CA CYS A 130 -31.92 18.48 27.50
C CYS A 130 -33.35 19.00 27.57
N MET A 131 -33.81 19.66 26.50
CA MET A 131 -35.15 20.23 26.46
C MET A 131 -36.08 19.48 25.49
N ARG A 132 -37.26 19.13 25.97
CA ARG A 132 -38.29 18.48 25.17
C ARG A 132 -39.63 19.18 25.37
N ASN A 133 -40.38 19.34 24.26
CA ASN A 133 -41.65 20.08 24.23
C ASN A 133 -41.50 21.58 24.54
N GLY A 134 -40.40 21.94 25.19
CA GLY A 134 -40.17 23.31 25.65
C GLY A 134 -39.57 23.35 27.04
N GLY A 135 -40.03 22.45 27.91
CA GLY A 135 -39.52 22.33 29.26
C GLY A 135 -38.31 21.43 29.37
N ASN A 136 -37.88 21.16 30.60
CA ASN A 136 -36.70 20.34 30.86
C ASN A 136 -36.97 18.84 30.78
N SER A 137 -35.97 18.09 30.33
CA SER A 137 -36.08 16.64 30.18
C SER A 137 -34.71 15.96 30.33
N PHE A 138 -34.59 14.74 29.78
CA PHE A 138 -33.37 13.96 29.88
C PHE A 138 -33.20 13.08 28.64
N TYR A 139 -32.06 12.39 28.53
CA TYR A 139 -31.80 11.46 27.44
C TYR A 139 -32.86 10.34 27.41
N ALA A 140 -33.46 10.16 26.24
CA ALA A 140 -34.62 9.28 26.07
C ALA A 140 -34.42 7.83 26.53
N GLU A 141 -33.23 7.30 26.27
CA GLU A 141 -32.95 5.89 26.53
C GLU A 141 -32.30 5.66 27.89
N LEU A 142 -32.10 6.75 28.64
CA LEU A 142 -31.39 6.70 29.92
C LEU A 142 -32.19 7.32 31.06
N LYS A 143 -31.81 7.02 32.29
CA LYS A 143 -32.47 7.55 33.49
C LYS A 143 -31.45 8.02 34.54
N TRP A 144 -31.54 9.29 34.91
CA TRP A 144 -30.70 9.84 35.97
C TRP A 144 -31.23 9.41 37.33
N LEU A 145 -30.40 8.72 38.09
CA LEU A 145 -30.79 8.25 39.42
C LEU A 145 -30.13 9.08 40.52
N VAL A 146 -30.97 9.79 41.28
CA VAL A 146 -30.52 10.57 42.43
C VAL A 146 -31.26 10.12 43.69
N SER A 147 -30.83 10.64 44.84
CA SER A 147 -31.51 10.42 46.11
C SER A 147 -32.88 11.10 46.09
N LYS A 148 -33.85 10.52 46.77
CA LYS A 148 -35.21 11.05 46.78
C LYS A 148 -35.27 12.37 47.55
N SER A 149 -34.47 12.47 48.61
CA SER A 149 -34.36 13.70 49.39
C SER A 149 -32.91 14.13 49.54
N LYS A 150 -32.69 15.43 49.74
CA LYS A 150 -31.36 16.00 49.90
C LYS A 150 -30.59 15.40 51.07
N GLY A 151 -29.31 15.12 50.85
CA GLY A 151 -28.44 14.57 51.90
C GLY A 151 -28.46 13.05 51.95
N GLN A 152 -29.66 12.48 52.07
CA GLN A 152 -29.86 11.03 52.20
C GLN A 152 -28.98 10.23 51.23
N ASN A 153 -28.28 9.23 51.77
CA ASN A 153 -27.40 8.39 50.98
C ASN A 153 -28.16 7.49 50.02
N PHE A 154 -27.70 7.47 48.76
CA PHE A 154 -28.27 6.62 47.72
C PHE A 154 -28.04 5.16 48.10
N PRO A 155 -29.13 4.37 48.13
CA PRO A 155 -29.05 2.97 48.57
C PRO A 155 -28.27 2.07 47.61
N GLN A 156 -27.59 1.07 48.16
CA GLN A 156 -26.87 0.09 47.36
C GLN A 156 -27.88 -0.75 46.57
N THR A 157 -28.06 -0.40 45.30
CA THR A 157 -29.08 -1.02 44.45
C THR A 157 -28.45 -1.88 43.36
N THR A 158 -29.03 -3.06 43.16
CA THR A 158 -28.55 -4.02 42.16
C THR A 158 -29.57 -4.15 41.03
N ASN A 159 -29.15 -3.75 39.82
CA ASN A 159 -29.99 -3.82 38.63
C ASN A 159 -29.37 -4.74 37.58
N THR A 160 -30.16 -5.68 37.08
CA THR A 160 -29.66 -6.69 36.13
C THR A 160 -30.49 -6.70 34.85
N TYR A 161 -29.81 -6.56 33.71
CA TYR A 161 -30.44 -6.77 32.40
C TYR A 161 -30.07 -8.15 31.86
N ARG A 162 -31.06 -8.84 31.29
CA ARG A 162 -30.87 -10.19 30.77
C ARG A 162 -31.21 -10.28 29.30
N ASN A 163 -30.42 -11.06 28.57
CA ASN A 163 -30.60 -11.26 27.13
C ASN A 163 -31.45 -12.49 26.83
N THR A 164 -32.32 -12.38 25.83
CA THR A 164 -33.18 -13.48 25.41
C THR A 164 -33.10 -13.67 23.88
N ASP A 165 -32.81 -12.57 23.19
CA ASP A 165 -32.71 -12.55 21.72
C ASP A 165 -31.51 -13.37 21.22
N THR A 166 -31.60 -13.85 19.99
CA THR A 166 -30.55 -14.65 19.35
C THR A 166 -29.30 -13.81 19.04
N ALA A 167 -29.52 -12.53 18.70
CA ALA A 167 -28.43 -11.61 18.40
C ALA A 167 -27.84 -10.98 19.66
N GLU A 168 -26.87 -10.09 19.49
CA GLU A 168 -26.19 -9.43 20.60
C GLU A 168 -26.64 -7.97 20.76
N HIS A 169 -26.97 -7.60 22.00
CA HIS A 169 -27.43 -6.24 22.31
C HIS A 169 -26.30 -5.35 22.81
N LEU A 170 -26.29 -4.10 22.37
CA LEU A 170 -25.31 -3.10 22.81
C LEU A 170 -25.90 -2.23 23.93
N ILE A 171 -25.36 -2.37 25.14
CA ILE A 171 -25.85 -1.62 26.29
C ILE A 171 -24.97 -0.41 26.61
N MET A 172 -25.61 0.73 26.87
CA MET A 172 -24.92 1.96 27.21
C MET A 172 -25.31 2.44 28.61
N TRP A 173 -24.35 3.06 29.30
CA TRP A 173 -24.62 3.72 30.57
C TRP A 173 -23.70 4.92 30.76
N GLY A 174 -24.10 5.84 31.63
CA GLY A 174 -23.32 7.04 31.91
C GLY A 174 -22.88 7.16 33.35
N ILE A 175 -21.81 7.93 33.56
CA ILE A 175 -21.33 8.24 34.90
C ILE A 175 -21.34 9.75 35.07
N HIS A 176 -22.02 10.23 36.12
CA HIS A 176 -22.09 11.66 36.39
C HIS A 176 -20.89 12.16 37.19
N HIS A 177 -20.33 13.27 36.75
CA HIS A 177 -19.20 13.92 37.42
C HIS A 177 -19.65 15.28 37.97
N PRO A 178 -19.89 15.36 39.29
CA PRO A 178 -20.36 16.58 39.97
C PRO A 178 -19.38 17.75 39.88
N SER A 179 -19.88 18.97 40.10
CA SER A 179 -19.09 20.18 39.92
C SER A 179 -18.44 20.72 41.20
N SER A 180 -18.92 20.25 42.34
CA SER A 180 -18.36 20.64 43.64
C SER A 180 -18.74 19.65 44.74
N THR A 181 -17.91 19.59 45.79
CA THR A 181 -18.13 18.71 46.94
C THR A 181 -19.48 18.98 47.62
N GLN A 182 -19.84 20.27 47.70
CA GLN A 182 -21.10 20.70 48.28
C GLN A 182 -22.30 20.23 47.46
N GLU A 183 -22.15 20.25 46.13
CA GLU A 183 -23.19 19.80 45.22
C GLU A 183 -23.29 18.27 45.18
N LYS A 184 -22.13 17.60 45.30
CA LYS A 184 -22.06 16.14 45.29
C LYS A 184 -22.90 15.51 46.40
N ASN A 185 -22.82 16.10 47.60
CA ASN A 185 -23.53 15.59 48.77
C ASN A 185 -25.05 15.74 48.67
N ASP A 186 -25.50 16.73 47.88
CA ASP A 186 -26.92 16.95 47.63
C ASP A 186 -27.53 15.81 46.80
N LEU A 187 -26.83 15.42 45.74
CA LEU A 187 -27.36 14.47 44.76
C LEU A 187 -27.40 13.03 45.25
N TYR A 188 -26.29 12.54 45.79
CA TYR A 188 -26.16 11.14 46.16
C TYR A 188 -25.89 10.94 47.64
N GLY A 189 -25.23 11.91 48.26
CA GLY A 189 -24.90 11.85 49.67
C GLY A 189 -23.43 12.07 49.95
N THR A 190 -23.05 11.98 51.22
CA THR A 190 -21.67 12.19 51.65
C THR A 190 -20.81 10.94 51.45
N GLN A 191 -21.47 9.78 51.44
CA GLN A 191 -20.78 8.48 51.34
C GLN A 191 -19.95 8.31 50.07
N SER A 192 -18.94 7.45 50.14
CA SER A 192 -18.08 7.15 49.01
C SER A 192 -18.83 6.35 47.95
N LEU A 193 -18.81 6.85 46.72
CA LEU A 193 -19.57 6.26 45.61
C LEU A 193 -18.71 5.34 44.75
N SER A 194 -19.31 4.23 44.32
CA SER A 194 -18.66 3.27 43.44
C SER A 194 -19.68 2.58 42.52
N ILE A 195 -19.44 2.67 41.22
CA ILE A 195 -20.30 2.04 40.22
C ILE A 195 -19.58 0.86 39.57
N SER A 196 -20.05 -0.35 39.87
CA SER A 196 -19.44 -1.56 39.35
C SER A 196 -20.34 -2.26 38.32
N VAL A 197 -19.80 -2.45 37.13
CA VAL A 197 -20.52 -3.11 36.03
C VAL A 197 -19.93 -4.49 35.79
N GLY A 198 -20.78 -5.51 35.87
CA GLY A 198 -20.35 -6.90 35.71
C GLY A 198 -21.13 -7.68 34.66
N SER A 199 -20.42 -8.47 33.87
CA SER A 199 -21.03 -9.33 32.86
C SER A 199 -20.31 -10.68 32.82
N SER A 200 -19.89 -11.09 31.62
CA SER A 200 -19.09 -12.31 31.46
C SER A 200 -17.81 -12.02 30.67
N THR A 201 -17.76 -10.84 30.06
CA THR A 201 -16.60 -10.42 29.28
C THR A 201 -16.10 -9.04 29.69
N TYR A 202 -16.92 -8.29 30.43
CA TYR A 202 -16.60 -6.92 30.82
C TYR A 202 -16.75 -6.68 32.31
N GLN A 203 -15.67 -6.22 32.93
CA GLN A 203 -15.66 -5.81 34.34
C GLN A 203 -14.86 -4.53 34.50
N SER A 204 -15.52 -3.48 35.00
CA SER A 204 -14.89 -2.17 35.21
C SER A 204 -15.58 -1.37 36.29
N ASN A 205 -14.79 -0.69 37.12
CA ASN A 205 -15.32 0.18 38.16
C ASN A 205 -15.10 1.65 37.83
N PHE A 206 -16.07 2.48 38.22
CA PHE A 206 -16.00 3.93 37.99
C PHE A 206 -16.26 4.70 39.28
N VAL A 207 -15.45 5.73 39.51
CA VAL A 207 -15.64 6.65 40.63
C VAL A 207 -15.91 8.05 40.07
N PRO A 208 -17.04 8.67 40.49
CA PRO A 208 -17.41 10.01 40.01
C PRO A 208 -16.37 11.07 40.35
N VAL A 209 -15.88 11.75 39.32
CA VAL A 209 -14.91 12.84 39.45
C VAL A 209 -15.64 14.11 39.92
N VAL A 210 -15.21 14.66 41.04
CA VAL A 210 -15.82 15.89 41.55
C VAL A 210 -14.79 17.03 41.57
N GLY A 211 -15.16 18.17 40.97
CA GLY A 211 -14.28 19.32 40.89
C GLY A 211 -14.82 20.45 40.02
N ALA A 212 -14.29 21.65 40.24
CA ALA A 212 -14.72 22.85 39.52
C ALA A 212 -14.33 22.81 38.04
N ARG A 213 -15.25 23.21 37.18
CA ARG A 213 -15.05 23.19 35.73
C ARG A 213 -15.69 24.43 35.08
N PRO A 214 -15.20 24.83 33.89
CA PRO A 214 -15.84 25.89 33.12
C PRO A 214 -17.29 25.56 32.73
N GLN A 215 -18.05 26.59 32.35
CA GLN A 215 -19.46 26.43 32.05
C GLN A 215 -19.70 26.04 30.59
N VAL A 216 -20.35 24.90 30.40
CA VAL A 216 -20.73 24.41 29.06
C VAL A 216 -22.25 24.26 28.99
N ASN A 217 -22.87 24.96 28.03
CA ASN A 217 -24.32 25.03 27.89
C ASN A 217 -25.03 25.64 29.11
N GLY A 218 -24.23 26.15 30.05
CA GLY A 218 -24.74 26.70 31.30
C GLY A 218 -24.59 25.74 32.47
N GLN A 219 -23.62 24.84 32.37
CA GLN A 219 -23.37 23.83 33.39
C GLN A 219 -21.89 23.52 33.59
N SER A 220 -21.52 23.19 34.83
CA SER A 220 -20.14 22.80 35.15
C SER A 220 -20.02 21.27 35.27
N GLY A 221 -21.07 20.62 35.77
CA GLY A 221 -21.11 19.16 35.90
C GLY A 221 -21.19 18.49 34.56
N ARG A 222 -20.67 17.27 34.48
CA ARG A 222 -20.58 16.54 33.20
C ARG A 222 -20.94 15.05 33.33
N ILE A 223 -21.49 14.48 32.26
CA ILE A 223 -21.75 13.04 32.20
C ILE A 223 -21.01 12.40 31.02
N ASP A 224 -20.10 11.48 31.32
CA ASP A 224 -19.41 10.69 30.31
C ASP A 224 -20.12 9.36 30.12
N PHE A 225 -20.07 8.82 28.90
CA PHE A 225 -20.80 7.60 28.57
C PHE A 225 -19.89 6.41 28.29
N HIS A 226 -20.36 5.23 28.69
CA HIS A 226 -19.63 3.98 28.48
C HIS A 226 -20.54 2.97 27.78
N TRP A 227 -19.93 2.09 26.98
CA TRP A 227 -20.70 1.11 26.21
C TRP A 227 -20.02 -0.25 26.10
N THR A 228 -20.84 -1.31 26.06
CA THR A 228 -20.38 -2.68 25.80
C THR A 228 -21.52 -3.52 25.20
N LEU A 229 -21.16 -4.62 24.55
CA LEU A 229 -22.17 -5.50 23.95
C LEU A 229 -22.30 -6.84 24.67
N VAL A 230 -23.55 -7.21 24.97
CA VAL A 230 -23.86 -8.43 25.71
C VAL A 230 -24.28 -9.54 24.74
N GLN A 231 -23.76 -10.74 24.96
CA GLN A 231 -24.04 -11.90 24.11
C GLN A 231 -25.42 -12.51 24.40
N PRO A 232 -25.93 -13.36 23.48
CA PRO A 232 -27.18 -14.09 23.73
C PRO A 232 -27.08 -15.09 24.87
N GLY A 233 -28.04 -15.04 25.80
CA GLY A 233 -28.05 -15.90 26.98
C GLY A 233 -27.16 -15.39 28.10
N ASP A 234 -26.54 -14.23 27.87
CA ASP A 234 -25.62 -13.64 28.82
C ASP A 234 -26.28 -12.50 29.60
N ASN A 235 -25.89 -12.35 30.87
CA ASN A 235 -26.49 -11.36 31.75
C ASN A 235 -25.50 -10.26 32.14
N ILE A 236 -26.00 -9.05 32.32
CA ILE A 236 -25.17 -7.93 32.77
C ILE A 236 -25.74 -7.33 34.07
N THR A 237 -24.93 -7.40 35.13
CA THR A 237 -25.36 -7.00 36.47
C THR A 237 -24.65 -5.71 36.92
N PHE A 238 -25.45 -4.74 37.36
CA PHE A 238 -24.94 -3.46 37.85
C PHE A 238 -24.99 -3.40 39.38
N SER A 239 -23.95 -2.84 39.98
CA SER A 239 -23.89 -2.64 41.43
C SER A 239 -23.38 -1.23 41.73
N HIS A 240 -24.24 -0.39 42.30
CA HIS A 240 -23.90 1.01 42.55
C HIS A 240 -24.66 1.62 43.73
N ASN A 241 -24.03 2.60 44.37
CA ASN A 241 -24.65 3.40 45.43
C ASN A 241 -24.78 4.86 45.02
N GLY A 242 -25.08 5.07 43.73
CA GLY A 242 -25.27 6.41 43.18
C GLY A 242 -24.25 6.76 42.11
N GLY A 243 -24.61 7.73 41.26
CA GLY A 243 -23.71 8.22 40.22
C GLY A 243 -23.96 7.62 38.85
N LEU A 244 -24.55 6.43 38.83
CA LEU A 244 -24.84 5.73 37.57
C LEU A 244 -26.02 6.34 36.84
N ILE A 245 -25.83 6.62 35.56
CA ILE A 245 -26.92 7.00 34.67
C ILE A 245 -27.46 5.72 34.04
N ALA A 246 -28.53 5.20 34.64
CA ALA A 246 -29.08 3.88 34.30
C ALA A 246 -29.59 3.77 32.86
N PRO A 247 -29.45 2.58 32.26
CA PRO A 247 -30.04 2.32 30.94
C PRO A 247 -31.48 1.85 31.05
N SER A 248 -32.39 2.54 30.36
CA SER A 248 -33.79 2.12 30.31
C SER A 248 -34.05 1.24 29.09
N ARG A 249 -33.30 1.47 28.02
CA ARG A 249 -33.35 0.62 26.83
C ARG A 249 -31.97 0.32 26.26
N VAL A 250 -31.82 -0.90 25.73
CA VAL A 250 -30.59 -1.33 25.06
C VAL A 250 -30.75 -1.21 23.53
N SER A 251 -29.64 -0.99 22.85
CA SER A 251 -29.63 -0.92 21.39
C SER A 251 -29.26 -2.25 20.75
N LYS A 252 -29.74 -2.46 19.52
CA LYS A 252 -29.43 -3.66 18.75
C LYS A 252 -29.37 -3.31 17.28
N LEU A 253 -28.21 -3.56 16.66
CA LEU A 253 -27.99 -3.25 15.25
C LEU A 253 -28.49 -4.39 14.36
N ILE A 254 -29.30 -4.05 13.36
CA ILE A 254 -29.97 -5.04 12.51
C ILE A 254 -29.01 -5.66 11.49
N GLY A 255 -28.65 -4.90 10.46
CA GLY A 255 -27.82 -5.42 9.38
C GLY A 255 -26.64 -4.54 9.07
N ARG A 256 -26.23 -4.54 7.79
CA ARG A 256 -25.12 -3.72 7.33
C ARG A 256 -25.57 -2.64 6.37
N GLY A 257 -25.15 -1.40 6.64
CA GLY A 257 -25.47 -0.26 5.78
C GLY A 257 -24.23 0.52 5.39
N LEU A 258 -24.44 1.63 4.67
CA LEU A 258 -23.35 2.50 4.27
C LEU A 258 -23.35 3.79 5.09
N GLY A 259 -22.15 4.28 5.41
CA GLY A 259 -22.01 5.47 6.22
C GLY A 259 -21.34 6.63 5.49
N ILE A 260 -22.11 7.67 5.23
CA ILE A 260 -21.61 8.85 4.53
C ILE A 260 -21.49 10.04 5.49
N GLN A 261 -20.33 10.70 5.44
CA GLN A 261 -20.13 11.94 6.17
C GLN A 261 -19.99 13.09 5.17
N SER A 262 -21.12 13.70 4.82
CA SER A 262 -21.14 14.80 3.87
C SER A 262 -22.14 15.88 4.28
N ASP A 263 -21.83 17.12 3.93
CA ASP A 263 -22.70 18.26 4.25
C ASP A 263 -23.58 18.66 3.06
N ALA A 264 -23.33 18.03 1.91
CA ALA A 264 -24.04 18.34 0.66
C ALA A 264 -25.54 17.98 0.71
N PRO A 265 -26.37 18.71 -0.08
CA PRO A 265 -27.80 18.43 -0.17
C PRO A 265 -28.12 17.09 -0.81
N ILE A 266 -29.28 16.52 -0.46
CA ILE A 266 -29.72 15.23 -1.00
C ILE A 266 -30.48 15.42 -2.31
N ASP A 267 -30.37 14.43 -3.20
CA ASP A 267 -31.09 14.42 -4.47
C ASP A 267 -31.49 13.00 -4.86
N ASN A 268 -32.76 12.83 -5.22
CA ASN A 268 -33.28 11.52 -5.62
C ASN A 268 -33.34 11.31 -7.14
N ASN A 269 -32.92 12.33 -7.88
CA ASN A 269 -32.95 12.28 -9.35
C ASN A 269 -31.84 11.41 -9.94
N CYS A 270 -30.67 11.46 -9.32
CA CYS A 270 -29.52 10.67 -9.73
C CYS A 270 -29.22 9.55 -8.74
N GLU A 271 -28.41 8.58 -9.17
CA GLU A 271 -27.93 7.52 -8.29
C GLU A 271 -26.41 7.37 -8.40
N SER A 272 -25.76 7.11 -7.28
CA SER A 272 -24.30 7.02 -7.23
C SER A 272 -23.82 5.84 -6.38
N LYS A 273 -22.61 5.37 -6.66
CA LYS A 273 -21.96 4.34 -5.86
C LYS A 273 -20.76 4.90 -5.08
N CYS A 274 -20.37 6.13 -5.42
CA CYS A 274 -19.19 6.75 -4.83
C CYS A 274 -19.50 8.12 -4.25
N PHE A 275 -19.16 8.31 -2.98
CA PHE A 275 -19.42 9.57 -2.26
C PHE A 275 -18.18 10.12 -1.57
N TRP A 276 -18.14 11.45 -1.43
CA TRP A 276 -17.13 12.12 -0.62
C TRP A 276 -17.74 13.29 0.16
N ARG A 277 -16.88 14.11 0.76
CA ARG A 277 -17.31 15.24 1.60
C ARG A 277 -18.02 16.33 0.80
N GLY A 278 -17.74 16.39 -0.49
CA GLY A 278 -18.32 17.41 -1.37
C GLY A 278 -19.45 16.93 -2.27
N GLY A 279 -19.87 15.68 -2.08
CA GLY A 279 -21.00 15.14 -2.83
C GLY A 279 -20.82 13.73 -3.37
N SER A 280 -21.17 13.54 -4.64
CA SER A 280 -21.09 12.25 -5.30
C SER A 280 -20.13 12.25 -6.48
N ILE A 281 -19.57 11.08 -6.78
CA ILE A 281 -18.73 10.88 -7.95
C ILE A 281 -19.40 9.89 -8.89
N ASN A 282 -19.82 10.38 -10.05
CA ASN A 282 -20.44 9.55 -11.09
C ASN A 282 -19.59 9.52 -12.35
N THR A 283 -18.84 8.43 -12.52
CA THR A 283 -17.93 8.27 -13.65
C THR A 283 -17.57 6.80 -13.91
N ARG A 284 -17.20 6.50 -15.16
CA ARG A 284 -16.83 5.13 -15.55
C ARG A 284 -15.33 4.87 -15.45
N LEU A 285 -14.54 5.91 -15.71
CA LEU A 285 -13.07 5.82 -15.68
C LEU A 285 -12.52 5.57 -14.27
N PRO A 286 -11.31 4.97 -14.17
CA PRO A 286 -10.83 4.45 -12.88
C PRO A 286 -10.03 5.42 -12.00
N PHE A 287 -9.94 6.68 -12.39
CA PHE A 287 -9.20 7.68 -11.60
C PHE A 287 -10.00 8.94 -11.27
N GLN A 288 -9.66 9.57 -10.15
CA GLN A 288 -10.26 10.84 -9.74
C GLN A 288 -9.26 11.69 -8.96
N ASN A 289 -9.39 13.01 -9.08
CA ASN A 289 -8.49 13.94 -8.38
C ASN A 289 -9.20 14.86 -7.39
N LEU A 290 -10.40 14.45 -6.97
CA LEU A 290 -11.23 15.26 -6.07
C LEU A 290 -10.77 15.19 -4.62
N SER A 291 -10.80 14.01 -4.03
CA SER A 291 -10.40 13.81 -2.62
C SER A 291 -9.80 12.42 -2.40
N PRO A 292 -8.80 12.32 -1.49
CA PRO A 292 -8.21 11.03 -1.14
C PRO A 292 -9.15 10.13 -0.33
N ARG A 293 -10.14 10.73 0.32
CA ARG A 293 -11.09 10.01 1.16
C ARG A 293 -12.47 9.89 0.54
N THR A 294 -12.86 8.66 0.21
CA THR A 294 -14.17 8.35 -0.38
C THR A 294 -14.79 7.09 0.23
N VAL A 295 -16.05 6.84 -0.09
CA VAL A 295 -16.75 5.64 0.37
C VAL A 295 -17.55 4.94 -0.73
N GLY A 296 -17.51 3.61 -0.73
CA GLY A 296 -18.21 2.79 -1.73
C GLY A 296 -17.30 2.30 -2.84
N GLN A 297 -17.92 1.94 -3.97
CA GLN A 297 -17.18 1.56 -5.17
C GLN A 297 -16.68 2.82 -5.87
N CYS A 298 -15.37 3.05 -5.79
CA CYS A 298 -14.80 4.33 -6.18
C CYS A 298 -13.56 4.23 -7.08
N PRO A 299 -13.34 5.25 -7.94
CA PRO A 299 -12.07 5.39 -8.65
C PRO A 299 -10.96 5.75 -7.66
N LYS A 300 -9.76 5.24 -7.93
CA LYS A 300 -8.60 5.47 -7.06
C LYS A 300 -8.06 6.88 -7.23
N TYR A 301 -7.68 7.49 -6.12
CA TYR A 301 -7.21 8.89 -6.11
C TYR A 301 -5.79 9.01 -6.68
N VAL A 302 -5.60 10.04 -7.51
CA VAL A 302 -4.29 10.36 -8.09
C VAL A 302 -3.96 11.84 -7.91
N ASN A 303 -2.67 12.14 -7.75
CA ASN A 303 -2.21 13.51 -7.51
C ASN A 303 -2.27 14.45 -8.71
N LYS A 304 -2.28 13.87 -9.91
CA LYS A 304 -2.34 14.65 -11.15
C LYS A 304 -3.76 15.09 -11.50
N LYS A 305 -3.86 16.25 -12.14
CA LYS A 305 -5.14 16.80 -12.57
C LYS A 305 -5.66 16.11 -13.82
N SER A 306 -4.84 16.11 -14.88
CA SER A 306 -5.22 15.57 -16.18
C SER A 306 -4.24 14.53 -16.69
N LEU A 307 -4.77 13.45 -17.24
CA LEU A 307 -3.98 12.42 -17.92
C LEU A 307 -4.72 11.90 -19.16
N MET A 308 -4.21 12.27 -20.34
CA MET A 308 -4.89 11.98 -21.60
C MET A 308 -4.42 10.68 -22.25
N LEU A 309 -5.36 9.76 -22.46
CA LEU A 309 -5.10 8.51 -23.18
C LEU A 309 -5.39 8.70 -24.67
N ALA A 310 -4.39 8.43 -25.50
CA ALA A 310 -4.51 8.62 -26.95
C ALA A 310 -5.37 7.54 -27.60
N THR A 311 -6.33 7.99 -28.41
CA THR A 311 -7.21 7.08 -29.14
C THR A 311 -6.84 7.03 -30.63
N GLY A 312 -6.12 8.06 -31.08
CA GLY A 312 -5.68 8.16 -32.47
C GLY A 312 -4.17 8.19 -32.65
N MET A 313 -3.74 8.15 -33.90
CA MET A 313 -2.33 8.14 -34.29
C MET A 313 -1.68 9.52 -34.23
N ARG A 314 -0.41 9.58 -34.64
CA ARG A 314 0.33 10.85 -34.71
C ARG A 314 -0.36 11.85 -35.63
N ASN A 315 -0.43 13.09 -35.17
CA ASN A 315 -1.01 14.17 -35.95
C ASN A 315 0.08 14.99 -36.64
N VAL A 316 0.17 14.86 -37.95
CA VAL A 316 1.14 15.61 -38.74
C VAL A 316 0.42 16.61 -39.63
N PRO A 317 0.60 17.92 -39.37
CA PRO A 317 -0.10 18.98 -40.10
C PRO A 317 0.37 19.15 -41.55
N GLU A 318 -0.49 19.71 -42.39
CA GLU A 318 -0.18 19.91 -43.81
C GLU A 318 0.46 21.28 -44.05
N GLY B 1 8.61 6.80 -36.96
CA GLY B 1 8.31 6.09 -35.68
C GLY B 1 8.98 4.74 -35.59
N LEU B 2 8.43 3.87 -34.72
CA LEU B 2 8.96 2.52 -34.51
C LEU B 2 8.91 1.71 -35.81
N PHE B 3 7.76 1.75 -36.48
CA PHE B 3 7.60 1.12 -37.79
C PHE B 3 7.95 2.08 -38.91
N GLY B 4 8.17 3.35 -38.55
CA GLY B 4 8.74 4.36 -39.45
C GLY B 4 7.92 4.72 -40.68
N ALA B 5 6.61 4.50 -40.60
CA ALA B 5 5.71 4.84 -41.70
C ALA B 5 5.04 6.20 -41.45
N ILE B 6 4.28 6.30 -40.37
CA ILE B 6 3.65 7.57 -39.97
C ILE B 6 4.73 8.56 -39.53
N ALA B 7 4.72 9.74 -40.15
CA ALA B 7 5.75 10.76 -39.99
C ALA B 7 7.14 10.28 -40.41
N GLY B 8 7.18 9.09 -41.02
CA GLY B 8 8.42 8.50 -41.52
C GLY B 8 8.68 8.94 -42.94
N PHE B 9 8.66 7.98 -43.87
CA PHE B 9 8.87 8.29 -45.29
C PHE B 9 7.72 9.08 -45.91
N ILE B 10 6.51 8.83 -45.41
CA ILE B 10 5.35 9.65 -45.76
C ILE B 10 5.45 10.97 -45.00
N GLU B 11 5.51 12.08 -45.74
CA GLU B 11 5.70 13.41 -45.16
C GLU B 11 4.66 13.76 -44.10
N ASN B 12 3.38 13.67 -44.49
CA ASN B 12 2.27 14.01 -43.60
C ASN B 12 0.98 13.28 -43.96
N GLY B 13 -0.03 13.43 -43.11
CA GLY B 13 -1.36 12.90 -43.36
C GLY B 13 -2.23 13.88 -44.13
N TRP B 14 -3.41 13.42 -44.54
CA TRP B 14 -4.34 14.27 -45.30
C TRP B 14 -5.48 14.76 -44.44
N GLU B 15 -5.66 16.08 -44.40
CA GLU B 15 -6.73 16.72 -43.63
C GLU B 15 -8.08 16.66 -44.35
N GLY B 16 -8.07 16.15 -45.58
CA GLY B 16 -9.29 15.93 -46.35
C GLY B 16 -9.88 14.55 -46.15
N MET B 17 -9.04 13.62 -45.69
CA MET B 17 -9.44 12.24 -45.44
C MET B 17 -10.41 12.16 -44.25
N VAL B 18 -11.70 12.29 -44.54
CA VAL B 18 -12.74 12.30 -43.50
C VAL B 18 -13.53 11.00 -43.41
N ASP B 19 -13.54 10.24 -44.51
CA ASP B 19 -14.28 8.97 -44.59
C ASP B 19 -13.49 7.77 -44.07
N GLY B 20 -12.27 8.02 -43.57
CA GLY B 20 -11.43 6.95 -43.03
C GLY B 20 -10.17 7.44 -42.35
N TRP B 21 -9.29 6.50 -42.00
CA TRP B 21 -8.03 6.80 -41.33
C TRP B 21 -6.83 6.64 -42.26
N TYR B 22 -6.94 5.70 -43.21
CA TYR B 22 -5.91 5.47 -44.20
C TYR B 22 -6.55 5.37 -45.58
N GLY B 23 -5.88 5.93 -46.59
CA GLY B 23 -6.42 5.93 -47.95
C GLY B 23 -5.41 6.06 -49.07
N PHE B 24 -5.91 6.33 -50.26
CA PHE B 24 -5.11 6.44 -51.47
C PHE B 24 -5.36 7.78 -52.15
N ARG B 25 -4.32 8.32 -52.80
CA ARG B 25 -4.46 9.53 -53.61
C ARG B 25 -3.82 9.33 -54.99
N HIS B 26 -4.60 8.74 -55.89
CA HIS B 26 -4.11 8.31 -57.20
C HIS B 26 -4.31 9.36 -58.30
N GLN B 27 -3.38 9.38 -59.24
CA GLN B 27 -3.42 10.28 -60.38
C GLN B 27 -3.13 9.52 -61.67
N ASN B 28 -4.03 9.67 -62.66
CA ASN B 28 -3.84 9.07 -63.98
C ASN B 28 -4.30 10.00 -65.10
N ALA B 29 -4.52 9.43 -66.28
CA ALA B 29 -4.93 10.19 -67.46
C ALA B 29 -6.29 10.86 -67.27
N GLN B 30 -7.22 10.14 -66.64
CA GLN B 30 -8.57 10.64 -66.38
C GLN B 30 -8.58 11.83 -65.42
N GLY B 31 -7.74 11.76 -64.39
CA GLY B 31 -7.64 12.81 -63.38
C GLY B 31 -7.20 12.30 -62.03
N THR B 32 -7.66 12.97 -60.97
CA THR B 32 -7.25 12.65 -59.61
C THR B 32 -8.10 11.54 -58.98
N GLY B 33 -7.99 11.39 -57.66
CA GLY B 33 -8.76 10.38 -56.92
C GLY B 33 -8.40 10.34 -55.44
N GLN B 34 -9.37 9.92 -54.62
CA GLN B 34 -9.20 9.81 -53.17
C GLN B 34 -10.24 8.86 -52.57
N ALA B 35 -9.78 7.72 -52.07
CA ALA B 35 -10.66 6.75 -51.42
C ALA B 35 -9.94 6.03 -50.28
N ALA B 36 -10.64 5.89 -49.15
CA ALA B 36 -10.07 5.29 -47.95
C ALA B 36 -10.12 3.76 -47.95
N ASP B 37 -9.33 3.15 -47.07
CA ASP B 37 -9.30 1.70 -46.91
C ASP B 37 -10.01 1.25 -45.64
N TYR B 38 -10.79 0.18 -45.75
CA TYR B 38 -11.58 -0.35 -44.64
C TYR B 38 -10.74 -1.14 -43.64
N LYS B 39 -10.06 -2.18 -44.13
CA LYS B 39 -9.29 -3.10 -43.28
C LYS B 39 -8.29 -2.38 -42.36
N SER B 40 -7.48 -1.49 -42.94
CA SER B 40 -6.45 -0.76 -42.21
C SER B 40 -7.04 0.16 -41.13
N THR B 41 -8.09 0.90 -41.51
CA THR B 41 -8.80 1.77 -40.57
C THR B 41 -9.44 0.96 -39.45
N GLN B 42 -10.18 -0.08 -39.81
CA GLN B 42 -10.89 -0.92 -38.84
C GLN B 42 -9.97 -1.67 -37.87
N ALA B 43 -8.80 -2.08 -38.34
CA ALA B 43 -7.80 -2.73 -37.49
C ALA B 43 -7.31 -1.77 -36.40
N ALA B 44 -7.15 -0.50 -36.77
CA ALA B 44 -6.75 0.54 -35.83
C ALA B 44 -7.88 0.89 -34.87
N ILE B 45 -9.11 0.93 -35.39
CA ILE B 45 -10.30 1.25 -34.58
C ILE B 45 -10.65 0.12 -33.60
N ASP B 46 -10.69 -1.11 -34.09
CA ASP B 46 -11.03 -2.29 -33.27
C ASP B 46 -10.12 -2.49 -32.06
N GLN B 47 -8.84 -2.13 -32.23
CA GLN B 47 -7.84 -2.32 -31.18
C GLN B 47 -7.89 -1.23 -30.10
N ILE B 48 -8.23 0.00 -30.50
CA ILE B 48 -8.42 1.11 -29.56
C ILE B 48 -9.68 0.88 -28.71
N THR B 49 -10.74 0.40 -29.34
CA THR B 49 -12.01 0.11 -28.66
C THR B 49 -11.82 -0.91 -27.53
N GLY B 50 -11.12 -2.00 -27.82
CA GLY B 50 -10.80 -3.01 -26.82
C GLY B 50 -9.78 -2.55 -25.79
N LYS B 51 -9.03 -1.51 -26.14
CA LYS B 51 -8.08 -0.88 -25.22
C LYS B 51 -8.83 0.06 -24.28
N LEU B 52 -9.88 0.69 -24.79
CA LEU B 52 -10.77 1.52 -24.00
C LEU B 52 -11.72 0.66 -23.15
N ASN B 53 -11.95 -0.58 -23.59
CA ASN B 53 -12.82 -1.52 -22.89
C ASN B 53 -12.29 -1.96 -21.52
N ARG B 54 -10.99 -2.14 -21.41
CA ARG B 54 -10.36 -2.53 -20.14
C ARG B 54 -10.43 -1.38 -19.13
N LEU B 55 -10.35 -0.15 -19.66
CA LEU B 55 -10.32 1.08 -18.85
C LEU B 55 -11.58 1.28 -18.01
N ILE B 56 -12.74 1.13 -18.64
CA ILE B 56 -14.02 1.39 -17.97
C ILE B 56 -14.58 0.18 -17.20
N GLU B 57 -13.83 -0.92 -17.18
CA GLU B 57 -14.17 -2.09 -16.38
C GLU B 57 -14.00 -1.77 -14.90
N LYS B 58 -15.11 -1.40 -14.26
CA LYS B 58 -15.11 -0.92 -12.89
C LYS B 58 -14.99 -2.04 -11.85
N THR B 59 -14.15 -1.81 -10.84
CA THR B 59 -13.96 -2.76 -9.76
C THR B 59 -15.09 -2.68 -8.75
N ASN B 60 -15.57 -3.85 -8.32
CA ASN B 60 -16.62 -3.95 -7.30
C ASN B 60 -16.06 -4.02 -5.88
N THR B 61 -15.20 -3.07 -5.55
CA THR B 61 -14.53 -3.02 -4.24
C THR B 61 -15.19 -1.96 -3.36
N GLU B 62 -15.73 -2.43 -2.23
CA GLU B 62 -16.47 -1.56 -1.31
C GLU B 62 -15.57 -1.05 -0.18
N PHE B 63 -15.39 0.27 -0.13
CA PHE B 63 -14.61 0.90 0.94
C PHE B 63 -15.50 1.74 1.86
N GLU B 64 -15.17 1.70 3.15
CA GLU B 64 -15.90 2.47 4.16
C GLU B 64 -14.94 3.37 4.94
N SER B 65 -15.46 4.50 5.42
CA SER B 65 -14.63 5.55 6.04
C SER B 65 -13.97 5.09 7.33
N ILE B 66 -12.64 5.00 7.30
CA ILE B 66 -11.83 4.70 8.47
C ILE B 66 -11.33 5.99 9.12
N GLU B 67 -11.29 7.05 8.32
CA GLU B 67 -10.89 8.37 8.78
C GLU B 67 -12.14 9.23 8.95
N SER B 68 -12.40 9.66 10.19
CA SER B 68 -13.57 10.47 10.50
C SER B 68 -13.40 11.90 10.00
N GLU B 69 -14.48 12.45 9.44
CA GLU B 69 -14.43 13.75 8.76
C GLU B 69 -14.56 14.93 9.71
N PHE B 70 -15.56 14.90 10.59
CA PHE B 70 -15.87 16.03 11.47
C PHE B 70 -15.24 15.89 12.85
N SER B 71 -15.40 14.73 13.47
CA SER B 71 -14.86 14.46 14.80
C SER B 71 -13.35 14.22 14.75
N GLU B 72 -12.72 14.15 15.92
CA GLU B 72 -11.29 13.91 16.02
C GLU B 72 -10.94 12.44 16.19
N ILE B 73 -9.80 12.04 15.64
CA ILE B 73 -9.28 10.68 15.80
C ILE B 73 -7.98 10.69 16.60
N GLU B 74 -7.64 9.55 17.21
CA GLU B 74 -6.41 9.39 17.98
C GLU B 74 -5.19 9.77 17.15
N HIS B 75 -4.29 10.55 17.74
CA HIS B 75 -3.16 11.15 17.01
C HIS B 75 -2.16 10.16 16.42
N GLN B 76 -1.94 9.03 17.08
CA GLN B 76 -0.99 8.04 16.59
C GLN B 76 -1.52 7.23 15.40
N ILE B 77 -2.77 6.76 15.51
CA ILE B 77 -3.45 6.09 14.40
C ILE B 77 -3.73 7.10 13.28
N GLY B 78 -3.92 8.36 13.68
CA GLY B 78 -4.15 9.46 12.73
C GLY B 78 -2.96 9.76 11.85
N ASN B 79 -1.76 9.39 12.32
CA ASN B 79 -0.55 9.46 11.50
C ASN B 79 -0.38 8.22 10.63
N VAL B 80 -0.76 7.06 11.18
CA VAL B 80 -0.70 5.78 10.47
C VAL B 80 -1.59 5.79 9.23
N ILE B 81 -2.82 6.27 9.39
CA ILE B 81 -3.77 6.38 8.30
C ILE B 81 -3.28 7.39 7.25
N ASN B 82 -2.85 8.56 7.72
CA ASN B 82 -2.29 9.59 6.83
C ASN B 82 -1.07 9.12 6.04
N TRP B 83 -0.28 8.26 6.65
CA TRP B 83 0.90 7.68 5.97
C TRP B 83 0.47 6.62 4.95
N THR B 84 -0.38 5.70 5.36
CA THR B 84 -0.86 4.61 4.49
C THR B 84 -1.61 5.16 3.27
N LYS B 85 -2.49 6.14 3.50
CA LYS B 85 -3.25 6.76 2.41
C LYS B 85 -2.35 7.47 1.39
N ASP B 86 -1.37 8.21 1.89
CA ASP B 86 -0.41 8.91 1.03
C ASP B 86 0.52 7.96 0.29
N SER B 87 0.77 6.80 0.88
CA SER B 87 1.58 5.75 0.25
C SER B 87 0.79 5.01 -0.83
N ILE B 88 -0.49 4.81 -0.59
CA ILE B 88 -1.40 4.22 -1.57
C ILE B 88 -1.57 5.18 -2.76
N THR B 89 -1.74 6.47 -2.44
CA THR B 89 -1.85 7.53 -3.45
C THR B 89 -0.65 7.55 -4.38
N ASP B 90 0.56 7.52 -3.81
CA ASP B 90 1.80 7.51 -4.59
C ASP B 90 1.87 6.35 -5.58
N ILE B 91 1.42 5.16 -5.16
CA ILE B 91 1.38 3.98 -6.01
C ILE B 91 0.44 4.22 -7.20
N TRP B 92 -0.79 4.63 -6.93
CA TRP B 92 -1.80 4.82 -7.98
C TRP B 92 -1.55 6.02 -8.89
N THR B 93 -0.81 7.02 -8.39
CA THR B 93 -0.47 8.19 -9.20
C THR B 93 0.63 7.88 -10.21
N TYR B 94 1.70 7.24 -9.73
CA TYR B 94 2.78 6.81 -10.62
C TYR B 94 2.29 5.73 -11.57
N GLN B 95 1.47 4.82 -11.05
CA GLN B 95 0.93 3.71 -11.83
C GLN B 95 0.06 4.22 -12.99
N ALA B 96 -0.72 5.27 -12.71
CA ALA B 96 -1.57 5.91 -13.72
C ALA B 96 -0.74 6.56 -14.82
N GLU B 97 0.29 7.32 -14.43
CA GLU B 97 1.16 7.99 -15.39
C GLU B 97 1.92 6.97 -16.25
N LEU B 98 2.15 5.78 -15.70
CA LEU B 98 2.80 4.69 -16.41
C LEU B 98 1.88 4.09 -17.46
N LEU B 99 0.67 3.71 -17.03
CA LEU B 99 -0.34 3.12 -17.92
C LEU B 99 -0.66 4.03 -19.11
N VAL B 100 -1.01 5.29 -18.82
CA VAL B 100 -1.27 6.29 -19.84
C VAL B 100 -0.11 6.38 -20.84
N ALA B 101 1.11 6.54 -20.33
CA ALA B 101 2.30 6.66 -21.19
C ALA B 101 2.61 5.38 -21.97
N MET B 102 2.42 4.23 -21.34
CA MET B 102 2.68 2.94 -21.98
C MET B 102 1.67 2.65 -23.09
N GLU B 103 0.39 2.87 -22.79
CA GLU B 103 -0.69 2.69 -23.78
C GLU B 103 -0.60 3.73 -24.89
N ASN B 104 -0.10 4.91 -24.56
CA ASN B 104 0.16 5.95 -25.56
C ASN B 104 1.26 5.56 -26.55
N GLN B 105 2.32 4.94 -26.03
CA GLN B 105 3.44 4.51 -26.88
C GLN B 105 3.05 3.38 -27.83
N HIS B 106 2.37 2.37 -27.29
CA HIS B 106 1.97 1.19 -28.07
C HIS B 106 0.92 1.49 -29.14
N THR B 107 -0.04 2.36 -28.83
CA THR B 107 -1.09 2.71 -29.78
C THR B 107 -0.56 3.47 -30.99
N ILE B 108 0.29 4.47 -30.75
CA ILE B 108 0.92 5.24 -31.82
C ILE B 108 1.69 4.33 -32.77
N ASP B 109 2.46 3.40 -32.18
CA ASP B 109 3.23 2.43 -32.95
C ASP B 109 2.36 1.33 -33.58
N MET B 110 1.22 1.04 -32.96
CA MET B 110 0.25 0.10 -33.52
C MET B 110 -0.40 0.68 -34.76
N ALA B 111 -0.78 1.95 -34.68
CA ALA B 111 -1.35 2.67 -35.81
C ALA B 111 -0.32 2.86 -36.91
N ASP B 112 0.95 2.90 -36.52
CA ASP B 112 2.08 3.00 -37.45
C ASP B 112 2.30 1.70 -38.23
N SER B 113 2.03 0.57 -37.58
CA SER B 113 2.23 -0.75 -38.18
C SER B 113 1.20 -1.07 -39.27
N GLU B 114 -0.06 -0.73 -39.01
CA GLU B 114 -1.16 -0.98 -39.95
C GLU B 114 -1.07 -0.10 -41.20
N MET B 115 -0.32 0.99 -41.09
CA MET B 115 0.03 1.84 -42.23
C MET B 115 1.07 1.12 -43.10
N LEU B 116 2.10 0.58 -42.46
CA LEU B 116 3.16 -0.15 -43.14
C LEU B 116 2.66 -1.48 -43.70
N ASN B 117 1.73 -2.12 -42.98
CA ASN B 117 1.14 -3.38 -43.43
C ASN B 117 0.28 -3.22 -44.69
N LEU B 118 -0.26 -2.01 -44.88
CA LEU B 118 -1.03 -1.69 -46.08
C LEU B 118 -0.10 -1.37 -47.25
N TYR B 119 0.97 -0.63 -46.96
CA TYR B 119 2.00 -0.32 -47.94
C TYR B 119 2.64 -1.59 -48.51
N GLU B 120 2.91 -2.54 -47.61
CA GLU B 120 3.47 -3.84 -47.98
C GLU B 120 2.47 -4.72 -48.73
N ARG B 121 1.18 -4.46 -48.50
CA ARG B 121 0.12 -5.18 -49.19
C ARG B 121 -0.03 -4.70 -50.64
N VAL B 122 0.26 -3.42 -50.88
CA VAL B 122 0.20 -2.82 -52.20
C VAL B 122 1.46 -3.13 -53.02
N ARG B 123 2.62 -3.07 -52.36
CA ARG B 123 3.91 -3.39 -53.00
C ARG B 123 3.95 -4.81 -53.56
N LYS B 124 3.45 -5.77 -52.79
CA LYS B 124 3.42 -7.17 -53.19
C LYS B 124 2.36 -7.45 -54.27
N GLN B 125 1.30 -6.66 -54.25
CA GLN B 125 0.20 -6.81 -55.21
C GLN B 125 0.59 -6.27 -56.59
N LEU B 126 1.36 -5.19 -56.61
CA LEU B 126 1.85 -4.59 -57.85
C LEU B 126 3.05 -5.35 -58.43
N ARG B 127 3.59 -6.28 -57.65
CA ARG B 127 4.71 -7.14 -58.05
C ARG B 127 5.82 -6.39 -58.80
N GLN B 128 5.95 -6.65 -60.10
CA GLN B 128 6.98 -6.02 -60.92
C GLN B 128 6.39 -5.07 -61.96
N ASN B 129 5.18 -4.61 -61.72
CA ASN B 129 4.49 -3.68 -62.61
C ASN B 129 4.64 -2.23 -62.15
N ALA B 130 5.10 -2.06 -60.91
CA ALA B 130 5.33 -0.74 -60.33
C ALA B 130 6.59 -0.70 -59.47
N GLU B 131 7.22 0.47 -59.42
CA GLU B 131 8.43 0.70 -58.61
C GLU B 131 8.17 1.70 -57.49
N GLU B 132 8.92 1.57 -56.39
CA GLU B 132 8.72 2.40 -55.20
C GLU B 132 9.20 3.84 -55.37
N ASP B 133 8.36 4.78 -54.89
CA ASP B 133 8.59 6.21 -55.07
C ASP B 133 9.62 6.79 -54.11
N GLY B 134 9.47 6.48 -52.82
CA GLY B 134 10.34 7.02 -51.78
C GLY B 134 9.60 7.86 -50.76
N LYS B 135 8.54 8.55 -51.20
CA LYS B 135 7.69 9.35 -50.32
C LYS B 135 6.40 8.62 -49.94
N GLY B 136 6.33 7.33 -50.25
CA GLY B 136 5.19 6.49 -49.87
C GLY B 136 4.23 6.18 -51.01
N CYS B 137 4.61 6.56 -52.23
CA CYS B 137 3.78 6.30 -53.41
C CYS B 137 4.31 5.12 -54.23
N PHE B 138 3.64 4.84 -55.35
CA PHE B 138 4.07 3.80 -56.27
C PHE B 138 4.02 4.30 -57.70
N GLU B 139 5.16 4.24 -58.38
CA GLU B 139 5.25 4.65 -59.78
C GLU B 139 4.80 3.51 -60.68
N ILE B 140 3.59 3.63 -61.20
CA ILE B 140 3.01 2.61 -62.08
C ILE B 140 3.47 2.86 -63.51
N TYR B 141 4.17 1.87 -64.08
CA TYR B 141 4.77 1.99 -65.40
C TYR B 141 3.88 1.48 -66.55
N HIS B 142 2.59 1.37 -66.30
CA HIS B 142 1.62 1.07 -67.33
C HIS B 142 0.40 1.98 -67.20
N ALA B 143 -0.37 2.11 -68.28
CA ALA B 143 -1.59 2.91 -68.27
C ALA B 143 -2.65 2.24 -67.40
N CYS B 144 -2.82 2.75 -66.19
CA CYS B 144 -3.79 2.23 -65.23
C CYS B 144 -4.96 3.18 -65.08
N ASP B 145 -6.10 2.79 -65.65
CA ASP B 145 -7.32 3.60 -65.64
C ASP B 145 -7.97 3.69 -64.25
N ASP B 146 -9.16 4.27 -64.20
CA ASP B 146 -9.86 4.52 -62.94
C ASP B 146 -10.42 3.24 -62.33
N SER B 147 -10.75 2.27 -63.19
CA SER B 147 -11.23 0.96 -62.74
C SER B 147 -10.07 0.02 -62.44
N CYS B 148 -8.90 0.36 -62.99
CA CYS B 148 -7.66 -0.40 -62.76
C CYS B 148 -7.12 -0.19 -61.34
N MET B 149 -7.11 1.07 -60.90
CA MET B 149 -6.67 1.42 -59.55
C MET B 149 -7.65 0.91 -58.50
N GLU B 150 -8.91 0.78 -58.88
CA GLU B 150 -9.94 0.21 -58.01
C GLU B 150 -9.70 -1.27 -57.76
N SER B 151 -9.17 -1.97 -58.78
CA SER B 151 -8.89 -3.40 -58.67
C SER B 151 -7.76 -3.71 -57.70
N ILE B 152 -6.90 -2.70 -57.46
CA ILE B 152 -5.88 -2.79 -56.41
C ILE B 152 -6.56 -2.72 -55.04
N ARG B 153 -7.39 -1.70 -54.88
CA ARG B 153 -8.11 -1.45 -53.62
C ARG B 153 -9.12 -2.55 -53.29
N ASN B 154 -9.72 -3.12 -54.33
CA ASN B 154 -10.63 -4.27 -54.17
C ASN B 154 -9.89 -5.58 -53.87
N ASN B 155 -8.56 -5.53 -53.99
CA ASN B 155 -7.69 -6.71 -53.89
C ASN B 155 -8.03 -7.77 -54.95
N THR B 156 -8.10 -7.32 -56.21
CA THR B 156 -8.40 -8.19 -57.34
C THR B 156 -7.41 -7.97 -58.48
N TYR B 157 -6.47 -7.04 -58.28
CA TYR B 157 -5.47 -6.67 -59.27
C TYR B 157 -4.61 -7.87 -59.71
N ASP B 158 -4.52 -8.05 -61.03
CA ASP B 158 -3.69 -9.10 -61.61
C ASP B 158 -2.56 -8.48 -62.42
N HIS B 159 -1.32 -8.76 -62.01
CA HIS B 159 -0.13 -8.21 -62.66
C HIS B 159 0.13 -8.81 -64.05
N SER B 160 -0.42 -10.00 -64.28
CA SER B 160 -0.25 -10.72 -65.55
C SER B 160 -0.78 -9.98 -66.76
N GLN B 161 -1.72 -9.07 -66.54
CA GLN B 161 -2.31 -8.25 -67.60
C GLN B 161 -1.36 -7.17 -68.10
N TYR B 162 -0.59 -6.59 -67.17
CA TYR B 162 0.25 -5.43 -67.48
C TYR B 162 1.74 -5.72 -67.32
N ARG B 163 2.08 -7.00 -67.14
CA ARG B 163 3.47 -7.43 -66.96
C ARG B 163 4.34 -7.05 -68.16
N GLU B 164 3.91 -7.46 -69.35
CA GLU B 164 4.65 -7.19 -70.58
C GLU B 164 4.71 -5.70 -70.91
N GLU B 165 3.66 -4.98 -70.51
CA GLU B 165 3.54 -3.55 -70.79
C GLU B 165 4.45 -2.71 -69.90
N ALA B 166 4.42 -3.00 -68.59
CA ALA B 166 5.19 -2.23 -67.60
C ALA B 166 6.70 -2.50 -67.70
N LEU B 167 7.07 -3.78 -67.84
CA LEU B 167 8.46 -4.18 -67.96
C LEU B 167 9.20 -3.46 -69.08
N LEU B 168 8.55 -3.34 -70.24
CA LEU B 168 9.13 -2.66 -71.40
C LEU B 168 9.20 -1.14 -71.22
N ASN B 169 8.28 -0.59 -70.43
CA ASN B 169 8.28 0.84 -70.12
C ASN B 169 9.37 1.21 -69.14
N ARG B 170 9.74 0.26 -68.27
CA ARG B 170 10.80 0.44 -67.29
C ARG B 170 12.19 0.42 -67.93
N LEU B 171 12.31 -0.28 -69.06
CA LEU B 171 13.60 -0.53 -69.72
C LEU B 171 13.76 0.19 -71.06
N ASN B 172 12.72 0.90 -71.50
CA ASN B 172 12.67 1.54 -72.82
C ASN B 172 12.69 0.54 -73.97
N ASP C 1 31.87 1.17 -55.73
CA ASP C 1 30.54 0.71 -56.20
C ASP C 1 29.84 -0.18 -55.15
N LYS C 2 30.03 0.14 -53.88
CA LYS C 2 29.41 -0.59 -52.77
C LYS C 2 29.22 0.32 -51.55
N ILE C 3 28.08 0.18 -50.89
CA ILE C 3 27.77 0.95 -49.68
C ILE C 3 27.04 0.09 -48.64
N CYS C 4 27.70 -0.12 -47.49
CA CYS C 4 27.17 -0.97 -46.43
C CYS C 4 26.65 -0.15 -45.25
N LEU C 5 25.58 -0.63 -44.62
CA LEU C 5 24.99 0.04 -43.46
C LEU C 5 25.22 -0.76 -42.17
N GLY C 6 25.33 -0.05 -41.05
CA GLY C 6 25.57 -0.68 -39.77
C GLY C 6 25.35 0.21 -38.56
N HIS C 7 25.92 -0.20 -37.44
CA HIS C 7 25.77 0.49 -36.15
C HIS C 7 27.06 0.45 -35.34
N HIS C 8 27.06 1.12 -34.19
CA HIS C 8 28.24 1.18 -33.34
C HIS C 8 28.17 0.21 -32.16
N ALA C 9 29.35 -0.18 -31.67
CA ALA C 9 29.47 -1.13 -30.56
C ALA C 9 30.72 -0.86 -29.73
N VAL C 10 30.79 -1.50 -28.57
CA VAL C 10 31.95 -1.37 -27.67
C VAL C 10 32.41 -2.75 -27.17
N ALA C 11 33.64 -2.82 -26.65
CA ALA C 11 34.25 -4.08 -26.24
C ALA C 11 33.63 -4.68 -24.98
N ASN C 12 33.81 -4.00 -23.84
CA ASN C 12 33.26 -4.45 -22.57
C ASN C 12 31.92 -3.78 -22.27
N GLY C 13 30.84 -4.42 -22.70
CA GLY C 13 29.48 -3.89 -22.52
C GLY C 13 28.89 -4.12 -21.15
N THR C 14 27.85 -3.36 -20.82
CA THR C 14 27.15 -3.47 -19.55
C THR C 14 26.00 -4.48 -19.65
N ILE C 15 25.82 -5.27 -18.59
CA ILE C 15 24.75 -6.28 -18.55
C ILE C 15 23.49 -5.71 -17.91
N VAL C 16 22.35 -5.93 -18.56
CA VAL C 16 21.04 -5.47 -18.06
C VAL C 16 19.98 -6.58 -18.12
N LYS C 17 18.92 -6.43 -17.31
CA LYS C 17 17.81 -7.38 -17.29
C LYS C 17 16.67 -6.96 -18.20
N THR C 18 16.11 -7.92 -18.92
CA THR C 18 15.02 -7.68 -19.87
C THR C 18 13.81 -8.53 -19.51
N LEU C 19 12.73 -8.38 -20.27
CA LEU C 19 11.53 -9.20 -20.11
C LEU C 19 11.77 -10.62 -20.62
N THR C 20 12.46 -10.72 -21.76
CA THR C 20 12.70 -12.01 -22.42
C THR C 20 14.08 -12.59 -22.10
N ASN C 21 14.97 -11.78 -21.56
CA ASN C 21 16.35 -12.21 -21.30
C ASN C 21 16.87 -11.79 -19.92
N GLU C 22 17.54 -12.72 -19.26
CA GLU C 22 18.17 -12.45 -17.97
C GLU C 22 19.51 -11.74 -18.15
N GLN C 23 20.31 -12.24 -19.10
CA GLN C 23 21.63 -11.68 -19.39
C GLN C 23 21.63 -11.01 -20.76
N GLU C 24 21.57 -9.68 -20.77
CA GLU C 24 21.53 -8.90 -22.00
C GLU C 24 22.60 -7.81 -21.98
N GLU C 25 23.37 -7.72 -23.07
CA GLU C 25 24.50 -6.80 -23.13
C GLU C 25 24.22 -5.57 -24.00
N VAL C 26 24.38 -4.40 -23.40
CA VAL C 26 24.13 -3.11 -24.08
C VAL C 26 25.38 -2.24 -24.11
N THR C 27 25.36 -1.21 -24.96
CA THR C 27 26.49 -0.30 -25.14
C THR C 27 26.66 0.68 -23.99
N ASN C 28 25.56 1.00 -23.32
CA ASN C 28 25.56 1.94 -22.19
C ASN C 28 24.35 1.72 -21.29
N ALA C 29 24.52 1.99 -19.99
CA ALA C 29 23.43 1.87 -19.01
C ALA C 29 23.62 2.85 -17.85
N THR C 30 22.57 3.02 -17.05
CA THR C 30 22.63 3.85 -15.84
C THR C 30 21.81 3.22 -14.70
N GLU C 31 22.22 3.53 -13.47
CA GLU C 31 21.58 2.99 -12.28
C GLU C 31 20.25 3.69 -11.99
N THR C 32 19.34 2.98 -11.31
CA THR C 32 18.08 3.55 -10.85
C THR C 32 17.89 3.42 -9.33
N VAL C 33 18.55 2.44 -8.74
CA VAL C 33 18.46 2.19 -7.29
C VAL C 33 19.66 2.81 -6.57
N GLU C 34 19.40 3.59 -5.53
CA GLU C 34 20.45 4.25 -4.75
C GLU C 34 21.04 3.38 -3.64
N SER C 35 22.35 3.16 -3.72
CA SER C 35 23.08 2.38 -2.73
C SER C 35 23.95 3.28 -1.85
N THR C 36 24.40 4.39 -2.43
CA THR C 36 25.29 5.33 -1.75
C THR C 36 24.54 6.22 -0.76
N SER C 37 24.89 6.09 0.51
CA SER C 37 24.31 6.92 1.56
C SER C 37 25.30 7.99 2.04
N LEU C 38 24.76 9.07 2.57
CA LEU C 38 25.57 10.11 3.20
C LEU C 38 25.39 10.03 4.71
N ASP C 39 26.49 9.92 5.44
CA ASP C 39 26.43 9.75 6.90
C ASP C 39 26.35 11.07 7.67
N ARG C 40 25.81 12.09 7.02
CA ARG C 40 25.67 13.42 7.61
C ARG C 40 24.21 13.88 7.59
N LEU C 41 23.90 14.90 8.40
CA LEU C 41 22.59 15.55 8.33
C LEU C 41 22.74 16.93 7.72
N CYS C 42 22.26 17.06 6.49
CA CYS C 42 22.46 18.26 5.68
C CYS C 42 21.42 19.34 5.96
N MET C 43 21.86 20.40 6.63
CA MET C 43 20.97 21.42 7.18
C MET C 43 21.22 22.82 6.60
N LYS C 44 21.66 22.87 5.34
CA LYS C 44 21.87 24.15 4.66
C LYS C 44 20.53 24.71 4.22
N GLY C 45 20.34 26.01 4.46
CA GLY C 45 19.07 26.67 4.19
C GLY C 45 18.06 26.45 5.30
N ARG C 46 18.14 25.27 5.93
CA ARG C 46 17.27 24.90 7.03
C ARG C 46 17.69 25.54 8.34
N SER C 47 16.75 26.21 8.99
CA SER C 47 16.94 26.72 10.34
C SER C 47 16.61 25.58 11.30
N HIS C 48 17.64 24.95 11.85
CA HIS C 48 17.47 23.73 12.64
C HIS C 48 17.92 23.89 14.10
N LYS C 49 17.42 22.99 14.95
CA LYS C 49 17.88 22.90 16.33
C LYS C 49 18.27 21.48 16.71
N ASP C 50 19.52 21.31 17.10
CA ASP C 50 20.03 20.03 17.61
C ASP C 50 19.81 20.01 19.11
N LEU C 51 19.05 19.02 19.58
CA LEU C 51 18.74 18.90 21.01
C LEU C 51 19.89 18.29 21.79
N GLY C 52 20.47 17.22 21.24
CA GLY C 52 21.56 16.51 21.90
C GLY C 52 21.03 15.57 22.96
N ASN C 53 21.66 15.61 24.13
CA ASN C 53 21.29 14.75 25.25
C ASN C 53 19.85 14.94 25.74
N CYS C 54 19.21 16.02 25.27
CA CYS C 54 17.85 16.35 25.69
C CYS C 54 16.77 15.71 24.82
N HIS C 55 15.65 15.38 25.46
CA HIS C 55 14.48 14.78 24.81
C HIS C 55 13.46 15.89 24.52
N PRO C 56 12.75 15.80 23.38
CA PRO C 56 11.74 16.79 22.98
C PRO C 56 10.71 17.14 24.05
N ILE C 57 10.28 16.14 24.84
CA ILE C 57 9.35 16.37 25.95
C ILE C 57 9.96 17.29 27.00
N GLY C 58 11.25 17.10 27.29
CA GLY C 58 11.98 17.91 28.26
C GLY C 58 11.99 19.40 27.98
N MET C 59 11.60 19.79 26.77
CA MET C 59 11.47 21.20 26.40
C MET C 59 10.24 21.83 27.06
N LEU C 60 9.20 21.02 27.22
CA LEU C 60 7.92 21.48 27.76
C LEU C 60 7.93 21.58 29.29
N ILE C 61 8.47 20.56 29.94
CA ILE C 61 8.52 20.51 31.40
C ILE C 61 9.70 21.28 32.00
N GLY C 62 10.82 21.29 31.28
CA GLY C 62 11.99 22.06 31.70
C GLY C 62 13.09 21.26 32.39
N THR C 63 13.42 20.11 31.82
CA THR C 63 14.53 19.29 32.29
C THR C 63 15.84 20.05 32.11
N PRO C 64 16.69 20.09 33.16
CA PRO C 64 17.99 20.78 33.18
C PRO C 64 18.73 20.82 31.84
N ALA C 65 18.67 19.73 31.07
CA ALA C 65 19.35 19.65 29.78
C ALA C 65 18.84 20.66 28.74
N CYS C 66 17.54 20.94 28.77
CA CYS C 66 16.91 21.81 27.78
C CYS C 66 16.70 23.25 28.25
N ASP C 67 17.60 23.75 29.08
CA ASP C 67 17.56 25.14 29.55
C ASP C 67 17.83 26.14 28.43
N LEU C 68 18.14 25.63 27.25
CA LEU C 68 18.42 26.45 26.08
C LEU C 68 17.46 26.15 24.93
N HIS C 69 16.46 25.31 25.20
CA HIS C 69 15.51 24.87 24.17
C HIS C 69 14.05 25.12 24.58
N LEU C 70 13.87 25.90 25.64
CA LEU C 70 12.53 26.22 26.16
C LEU C 70 11.73 27.06 25.16
N THR C 71 12.41 28.02 24.52
CA THR C 71 11.79 28.89 23.52
C THR C 71 12.67 29.02 22.28
N GLY C 72 12.02 29.08 21.12
CA GLY C 72 12.73 29.22 19.84
C GLY C 72 11.92 28.69 18.67
N THR C 73 12.32 29.08 17.46
CA THR C 73 11.64 28.65 16.23
C THR C 73 12.60 27.96 15.27
N TRP C 74 12.08 26.97 14.55
CA TRP C 74 12.88 26.19 13.60
C TRP C 74 12.02 25.67 12.45
N ASP C 75 12.67 25.07 11.45
CA ASP C 75 11.97 24.37 10.38
C ASP C 75 12.42 22.91 10.31
N THR C 76 13.26 22.51 11.27
CA THR C 76 13.76 21.14 11.38
C THR C 76 14.17 20.87 12.83
N LEU C 77 13.76 19.73 13.36
CA LEU C 77 14.09 19.33 14.73
C LEU C 77 14.84 18.00 14.76
N ILE C 78 16.03 18.01 15.37
CA ILE C 78 16.88 16.82 15.43
C ILE C 78 16.90 16.23 16.84
N GLU C 79 16.56 14.94 16.94
CA GLU C 79 16.55 14.23 18.22
C GLU C 79 17.60 13.13 18.23
N ARG C 80 18.27 12.97 19.37
CA ARG C 80 19.37 12.00 19.52
C ARG C 80 19.00 10.85 20.44
N GLU C 81 19.68 9.71 20.26
CA GLU C 81 19.45 8.50 21.04
C GLU C 81 19.79 8.71 22.53
N ASN C 82 19.19 7.90 23.39
CA ASN C 82 19.39 7.98 24.84
C ASN C 82 19.26 9.41 25.37
N ALA C 83 18.17 10.06 24.98
CA ALA C 83 17.90 11.44 25.38
C ALA C 83 17.36 11.51 26.81
N ILE C 84 17.31 12.72 27.37
CA ILE C 84 16.91 12.93 28.76
C ILE C 84 15.72 13.87 28.88
N ALA C 85 14.69 13.44 29.61
CA ALA C 85 13.52 14.26 29.90
C ALA C 85 13.09 14.13 31.35
N TYR C 86 13.52 13.05 32.01
CA TYR C 86 13.13 12.77 33.39
C TYR C 86 14.34 12.67 34.31
N CYS C 87 14.62 13.76 35.02
CA CYS C 87 15.65 13.76 36.05
C CYS C 87 15.16 12.94 37.24
N TYR C 88 13.89 13.13 37.58
CA TYR C 88 13.20 12.36 38.60
C TYR C 88 12.44 11.23 37.89
N PRO C 89 12.57 9.98 38.41
CA PRO C 89 11.98 8.80 37.78
C PRO C 89 10.47 8.90 37.55
N GLY C 90 10.03 8.48 36.37
CA GLY C 90 8.62 8.51 36.01
C GLY C 90 8.41 8.47 34.50
N ALA C 91 7.14 8.37 34.10
CA ALA C 91 6.76 8.33 32.69
C ALA C 91 5.50 9.13 32.42
N THR C 92 5.37 9.61 31.18
CA THR C 92 4.19 10.36 30.74
C THR C 92 3.20 9.42 30.05
N VAL C 93 1.93 9.52 30.45
CA VAL C 93 0.86 8.74 29.84
C VAL C 93 0.60 9.27 28.42
N ASN C 94 0.48 8.35 27.46
CA ASN C 94 0.42 8.68 26.04
C ASN C 94 1.66 9.48 25.60
N GLU C 95 2.82 8.89 25.83
CA GLU C 95 4.10 9.54 25.62
C GLU C 95 4.45 9.72 24.15
N GLU C 96 4.31 8.64 23.38
CA GLU C 96 4.67 8.63 21.97
C GLU C 96 3.84 9.64 21.17
N ALA C 97 2.56 9.74 21.49
CA ALA C 97 1.65 10.70 20.86
C ALA C 97 2.08 12.14 21.17
N LEU C 98 2.54 12.35 22.39
CA LEU C 98 3.08 13.65 22.79
C LEU C 98 4.40 13.92 22.08
N ARG C 99 5.27 12.92 22.05
CA ARG C 99 6.59 13.02 21.44
C ARG C 99 6.51 13.41 19.96
N GLN C 100 5.71 12.68 19.20
CA GLN C 100 5.52 12.94 17.78
C GLN C 100 4.96 14.33 17.51
N LYS C 101 4.07 14.79 18.40
CA LYS C 101 3.41 16.09 18.26
C LYS C 101 4.40 17.25 18.35
N ILE C 102 5.41 17.12 19.20
CA ILE C 102 6.46 18.11 19.34
C ILE C 102 7.37 18.08 18.12
N MET C 103 7.67 16.87 17.65
CA MET C 103 8.48 16.67 16.44
C MET C 103 7.74 17.16 15.20
N GLU C 104 6.40 17.15 15.27
CA GLU C 104 5.55 17.69 14.21
C GLU C 104 5.23 19.17 14.41
N SER C 105 6.20 19.91 14.95
CA SER C 105 6.05 21.36 15.16
C SER C 105 7.27 22.13 14.66
N GLY C 106 7.10 23.43 14.46
CA GLY C 106 8.17 24.30 13.98
C GLY C 106 8.43 25.49 14.90
N GLY C 107 8.54 25.21 16.19
CA GLY C 107 8.83 26.24 17.19
C GLY C 107 7.94 26.14 18.42
N ILE C 108 8.51 26.48 19.58
CA ILE C 108 7.77 26.47 20.84
C ILE C 108 7.80 27.85 21.50
N SER C 109 6.63 28.28 21.98
CA SER C 109 6.51 29.53 22.72
C SER C 109 5.97 29.24 24.13
N LYS C 110 6.33 30.10 25.08
CA LYS C 110 5.98 29.90 26.49
C LYS C 110 5.35 31.16 27.09
N ILE C 111 4.28 30.97 27.85
CA ILE C 111 3.61 32.07 28.56
C ILE C 111 3.35 31.64 30.01
N SER C 112 3.67 32.54 30.95
CA SER C 112 3.53 32.26 32.38
C SER C 112 2.07 32.24 32.82
N THR C 113 1.69 31.20 33.54
CA THR C 113 0.35 31.09 34.10
C THR C 113 0.16 32.01 35.31
N GLY C 114 1.18 32.07 36.17
CA GLY C 114 1.14 32.91 37.35
C GLY C 114 0.19 32.44 38.42
N PHE C 115 0.17 31.13 38.67
CA PHE C 115 -0.61 30.55 39.76
C PHE C 115 -0.07 31.02 41.11
N THR C 116 -0.95 31.53 41.96
CA THR C 116 -0.58 32.03 43.27
C THR C 116 -1.04 31.08 44.38
N TYR C 117 -0.29 31.06 45.49
CA TYR C 117 -0.56 30.14 46.60
C TYR C 117 -0.56 30.86 47.95
N GLY C 118 -1.00 30.15 48.99
CA GLY C 118 -1.12 30.72 50.33
C GLY C 118 0.16 30.72 51.14
N SER C 119 0.04 31.09 52.41
CA SER C 119 1.18 31.16 53.32
C SER C 119 1.67 29.79 53.76
N SER C 120 0.76 28.83 53.84
CA SER C 120 1.07 27.48 54.30
C SER C 120 1.60 26.57 53.20
N ILE C 121 1.73 27.11 51.99
CA ILE C 121 2.20 26.35 50.82
C ILE C 121 3.63 26.73 50.45
N ASN C 122 4.48 25.72 50.25
CA ASN C 122 5.82 25.91 49.71
C ASN C 122 5.88 25.46 48.25
N SER C 123 6.09 26.43 47.36
CA SER C 123 6.13 26.17 45.92
C SER C 123 7.53 25.85 45.40
N ALA C 124 8.55 26.22 46.17
CA ALA C 124 9.94 26.07 45.75
C ALA C 124 10.59 24.75 46.18
N GLY C 125 9.79 23.69 46.27
CA GLY C 125 10.28 22.36 46.61
C GLY C 125 11.14 21.78 45.50
N THR C 126 12.39 21.50 45.81
CA THR C 126 13.37 21.06 44.80
C THR C 126 13.94 19.67 45.10
N THR C 127 14.57 19.07 44.10
CA THR C 127 15.19 17.75 44.21
C THR C 127 16.66 17.78 43.79
N LYS C 128 17.44 16.85 44.33
CA LYS C 128 18.86 16.72 43.94
C LYS C 128 19.05 15.85 42.70
N ALA C 129 17.94 15.40 42.11
CA ALA C 129 17.95 14.69 40.84
C ALA C 129 18.01 15.68 39.69
N CYS C 130 17.33 16.81 39.85
CA CYS C 130 17.35 17.90 38.89
C CYS C 130 18.36 18.97 39.29
N MET C 131 19.64 18.60 39.31
CA MET C 131 20.70 19.52 39.71
C MET C 131 20.95 20.62 38.68
N ARG C 132 21.06 21.85 39.17
CA ARG C 132 21.33 23.01 38.34
C ARG C 132 22.38 23.88 39.05
N ASN C 133 23.54 24.00 38.42
CA ASN C 133 24.71 24.70 39.00
C ASN C 133 25.19 24.11 40.33
N GLY C 134 25.08 22.78 40.44
CA GLY C 134 25.44 22.07 41.67
C GLY C 134 24.29 21.97 42.64
N GLY C 135 23.61 23.10 42.86
CA GLY C 135 22.46 23.16 43.76
C GLY C 135 21.23 22.46 43.24
N ASN C 136 20.32 22.13 44.17
CA ASN C 136 19.09 21.42 43.84
C ASN C 136 18.04 22.32 43.19
N SER C 137 17.46 21.83 42.10
CA SER C 137 16.38 22.52 41.39
C SER C 137 15.25 21.56 41.02
N PHE C 138 14.30 22.07 40.26
CA PHE C 138 13.17 21.28 39.77
C PHE C 138 12.83 21.75 38.36
N TYR C 139 12.15 20.90 37.59
CA TYR C 139 11.71 21.24 36.23
C TYR C 139 11.28 22.70 36.15
N ALA C 140 11.95 23.46 35.28
CA ALA C 140 11.79 24.92 35.20
C ALA C 140 10.36 25.39 34.92
N GLU C 141 9.54 24.52 34.34
CA GLU C 141 8.18 24.88 33.95
C GLU C 141 7.11 24.21 34.82
N LEU C 142 7.54 23.78 36.02
CA LEU C 142 6.65 23.17 37.00
C LEU C 142 7.10 23.52 38.43
N LYS C 143 6.16 23.49 39.37
CA LYS C 143 6.49 23.72 40.78
C LYS C 143 5.93 22.64 41.71
N TRP C 144 6.82 22.07 42.53
CA TRP C 144 6.44 21.05 43.49
C TRP C 144 5.77 21.70 44.71
N LEU C 145 4.53 21.30 44.96
CA LEU C 145 3.75 21.86 46.05
C LEU C 145 3.81 20.96 47.29
N VAL C 146 4.30 21.52 48.39
CA VAL C 146 4.33 20.86 49.69
C VAL C 146 3.85 21.79 50.79
N SER C 147 3.53 21.22 51.95
CA SER C 147 3.14 22.01 53.12
C SER C 147 4.37 22.70 53.70
N LYS C 148 4.21 23.96 54.09
CA LYS C 148 5.29 24.74 54.70
C LYS C 148 5.75 24.11 56.02
N SER C 149 4.79 23.59 56.79
CA SER C 149 5.08 22.88 58.03
C SER C 149 5.13 21.38 57.78
N LYS C 150 6.28 20.78 58.10
CA LYS C 150 6.49 19.35 57.93
C LYS C 150 5.51 18.53 58.78
N GLY C 151 4.54 17.92 58.11
CA GLY C 151 3.56 17.07 58.77
C GLY C 151 2.12 17.54 58.65
N GLN C 152 1.92 18.85 58.65
CA GLN C 152 0.58 19.44 58.66
C GLN C 152 -0.13 19.30 57.30
N ASN C 153 -1.46 19.45 57.32
CA ASN C 153 -2.30 19.25 56.13
C ASN C 153 -2.18 20.35 55.08
N PHE C 154 -2.18 19.93 53.81
CA PHE C 154 -2.10 20.84 52.67
C PHE C 154 -3.50 21.36 52.31
N PRO C 155 -3.62 22.68 52.08
CA PRO C 155 -4.91 23.34 51.80
C PRO C 155 -5.62 22.86 50.53
N GLN C 156 -6.94 23.00 50.51
CA GLN C 156 -7.73 22.67 49.32
C GLN C 156 -7.68 23.84 48.34
N THR C 157 -6.55 23.95 47.65
CA THR C 157 -6.28 25.07 46.75
C THR C 157 -6.84 24.79 45.35
N THR C 158 -7.34 25.84 44.70
CA THR C 158 -7.87 25.75 43.35
C THR C 158 -7.17 26.76 42.44
N ASN C 159 -6.70 26.28 41.30
CA ASN C 159 -6.01 27.10 40.31
C ASN C 159 -6.60 26.91 38.90
N THR C 160 -6.78 28.01 38.19
CA THR C 160 -7.38 28.00 36.85
C THR C 160 -6.60 28.86 35.86
N TYR C 161 -6.21 28.27 34.74
CA TYR C 161 -5.48 28.98 33.69
C TYR C 161 -6.40 29.52 32.60
N ARG C 162 -6.20 30.64 32.25
CA ARG C 162 -7.00 31.28 31.22
C ARG C 162 -6.29 31.25 29.86
N ASN C 163 -6.94 30.83 28.91
CA ASN C 163 -6.45 30.86 27.53
C ASN C 163 -7.05 32.05 26.79
N THR C 164 -6.28 33.13 26.67
CA THR C 164 -6.74 34.36 26.03
C THR C 164 -6.01 34.63 24.72
N ASP C 165 -5.56 33.56 24.07
CA ASP C 165 -4.86 33.65 22.79
C ASP C 165 -5.71 33.04 21.68
N THR C 166 -5.50 33.52 20.44
CA THR C 166 -6.26 33.06 19.28
C THR C 166 -6.00 31.60 18.91
N ALA C 167 -4.78 31.13 19.16
CA ALA C 167 -4.40 29.73 18.90
C ALA C 167 -4.41 28.90 20.18
N GLU C 168 -4.43 27.57 20.01
CA GLU C 168 -4.51 26.64 21.15
C GLU C 168 -3.20 26.53 21.95
N HIS C 169 -3.27 25.91 23.13
CA HIS C 169 -2.12 25.77 24.01
C HIS C 169 -2.01 24.35 24.59
N LEU C 170 -0.81 23.98 25.03
CA LEU C 170 -0.57 22.69 25.67
C LEU C 170 -0.15 22.88 27.13
N ILE C 171 -0.76 22.09 28.00
CA ILE C 171 -0.49 22.17 29.44
C ILE C 171 -0.08 20.81 30.00
N MET C 172 0.89 20.82 30.91
CA MET C 172 1.35 19.60 31.56
C MET C 172 1.35 19.74 33.08
N TRP C 173 1.04 18.64 33.76
CA TRP C 173 1.04 18.59 35.23
C TRP C 173 1.54 17.23 35.73
N GLY C 174 2.13 17.24 36.93
CA GLY C 174 2.74 16.03 37.49
C GLY C 174 2.04 15.44 38.69
N ILE C 175 2.04 14.10 38.78
CA ILE C 175 1.43 13.37 39.88
C ILE C 175 2.49 12.57 40.63
N HIS C 176 2.62 12.87 41.92
CA HIS C 176 3.60 12.21 42.80
C HIS C 176 3.11 10.81 43.20
N HIS C 177 4.06 9.91 43.40
CA HIS C 177 3.76 8.56 43.91
C HIS C 177 4.82 8.16 44.95
N PRO C 178 4.45 8.22 46.25
CA PRO C 178 5.37 7.97 47.37
C PRO C 178 5.94 6.56 47.40
N SER C 179 7.05 6.41 48.12
CA SER C 179 7.71 5.12 48.31
C SER C 179 7.37 4.51 49.66
N SER C 180 7.15 5.37 50.66
CA SER C 180 6.75 4.94 51.99
C SER C 180 5.45 5.62 52.43
N THR C 181 4.75 5.00 53.38
CA THR C 181 3.46 5.51 53.86
C THR C 181 3.59 6.72 54.80
N GLN C 182 4.82 7.19 54.98
CA GLN C 182 5.09 8.35 55.85
C GLN C 182 5.42 9.61 55.05
N GLU C 183 5.67 9.44 53.75
CA GLU C 183 6.01 10.56 52.87
C GLU C 183 4.83 11.49 52.62
N LYS C 184 3.64 10.92 52.41
CA LYS C 184 2.42 11.70 52.19
C LYS C 184 2.10 12.52 53.44
N ASN C 185 2.35 11.93 54.60
CA ASN C 185 2.04 12.55 55.89
C ASN C 185 3.01 13.67 56.28
N ASP C 186 4.23 13.62 55.76
CA ASP C 186 5.25 14.62 56.08
C ASP C 186 5.33 15.76 55.07
N LEU C 187 4.74 15.55 53.88
CA LEU C 187 4.79 16.53 52.81
C LEU C 187 3.44 17.18 52.51
N TYR C 188 2.37 16.39 52.63
CA TYR C 188 1.03 16.84 52.29
C TYR C 188 0.06 16.77 53.46
N GLY C 189 0.25 15.78 54.33
CA GLY C 189 -0.60 15.59 55.50
C GLY C 189 -1.21 14.20 55.60
N THR C 190 -1.95 13.97 56.67
CA THR C 190 -2.54 12.66 56.94
C THR C 190 -3.90 12.47 56.27
N GLN C 191 -4.51 13.56 55.81
CA GLN C 191 -5.84 13.53 55.20
C GLN C 191 -5.85 12.80 53.84
N SER C 192 -7.05 12.41 53.39
CA SER C 192 -7.23 11.76 52.10
C SER C 192 -6.84 12.72 50.96
N LEU C 193 -6.36 12.15 49.86
CA LEU C 193 -5.80 12.94 48.76
C LEU C 193 -6.50 12.67 47.44
N SER C 194 -6.87 13.75 46.74
CA SER C 194 -7.48 13.66 45.42
C SER C 194 -7.14 14.88 44.56
N ILE C 195 -6.90 14.64 43.26
CA ILE C 195 -6.54 15.70 42.32
C ILE C 195 -7.52 15.71 41.14
N SER C 196 -8.29 16.78 41.03
CA SER C 196 -9.29 16.92 39.98
C SER C 196 -8.90 18.00 38.96
N VAL C 197 -8.63 17.54 37.73
CA VAL C 197 -8.34 18.45 36.61
C VAL C 197 -9.60 18.57 35.77
N GLY C 198 -9.99 19.80 35.45
CA GLY C 198 -11.23 20.06 34.72
C GLY C 198 -11.16 21.12 33.65
N SER C 199 -11.75 20.80 32.49
CA SER C 199 -11.95 21.75 31.40
C SER C 199 -13.28 21.43 30.70
N SER C 200 -13.58 22.18 29.64
CA SER C 200 -14.81 21.96 28.87
C SER C 200 -14.71 20.71 27.99
N THR C 201 -13.47 20.36 27.62
CA THR C 201 -13.21 19.24 26.72
C THR C 201 -12.64 18.01 27.44
N TYR C 202 -11.81 18.25 28.45
CA TYR C 202 -11.16 17.16 29.19
C TYR C 202 -11.28 17.34 30.70
N GLN C 203 -11.57 16.24 31.39
CA GLN C 203 -11.60 16.20 32.86
C GLN C 203 -11.28 14.80 33.39
N SER C 204 -10.55 14.74 34.50
CA SER C 204 -10.17 13.46 35.12
C SER C 204 -9.74 13.61 36.58
N ASN C 205 -9.86 12.51 37.33
CA ASN C 205 -9.33 12.41 38.68
C ASN C 205 -8.35 11.25 38.82
N PHE C 206 -7.23 11.51 39.47
CA PHE C 206 -6.21 10.49 39.73
C PHE C 206 -5.56 10.68 41.10
N VAL C 207 -5.64 9.64 41.92
CA VAL C 207 -5.09 9.66 43.27
C VAL C 207 -3.61 9.25 43.31
N PRO C 208 -2.80 9.91 44.16
CA PRO C 208 -1.40 9.51 44.35
C PRO C 208 -1.30 8.16 45.06
N VAL C 209 -0.66 7.19 44.41
CA VAL C 209 -0.55 5.84 44.95
C VAL C 209 0.80 5.60 45.67
N VAL C 210 0.72 4.99 46.85
CA VAL C 210 1.91 4.67 47.64
C VAL C 210 2.33 3.21 47.45
N GLY C 211 3.64 2.99 47.37
CA GLY C 211 4.19 1.64 47.20
C GLY C 211 5.70 1.63 47.08
N ALA C 212 6.33 0.58 47.61
CA ALA C 212 7.79 0.43 47.56
C ALA C 212 8.25 -0.07 46.20
N ARG C 213 9.39 0.47 45.75
CA ARG C 213 9.94 0.14 44.43
C ARG C 213 11.46 0.39 44.36
N PRO C 214 12.13 -0.08 43.28
CA PRO C 214 13.57 0.14 43.12
C PRO C 214 13.94 1.62 42.94
N GLN C 215 15.19 1.95 43.24
CA GLN C 215 15.66 3.33 43.20
C GLN C 215 16.29 3.70 41.86
N VAL C 216 15.78 4.78 41.26
CA VAL C 216 16.32 5.33 40.02
C VAL C 216 16.90 6.71 40.33
N ASN C 217 18.16 6.92 39.96
CA ASN C 217 18.90 8.13 40.28
C ASN C 217 18.88 8.45 41.78
N GLY C 218 19.00 7.41 42.59
CA GLY C 218 18.96 7.52 44.04
C GLY C 218 17.56 7.67 44.62
N GLN C 219 16.58 7.93 43.74
CA GLN C 219 15.21 8.21 44.15
C GLN C 219 14.28 7.01 44.08
N SER C 220 13.56 6.78 45.18
CA SER C 220 12.61 5.67 45.28
C SER C 220 11.19 6.10 44.90
N GLY C 221 10.93 7.40 44.97
CA GLY C 221 9.63 7.96 44.59
C GLY C 221 9.45 8.08 43.08
N ARG C 222 8.23 8.42 42.65
CA ARG C 222 7.92 8.60 41.23
C ARG C 222 7.09 9.85 40.98
N ILE C 223 7.42 10.57 39.90
CA ILE C 223 6.59 11.68 39.42
C ILE C 223 6.20 11.41 37.97
N ASP C 224 4.94 11.03 37.78
CA ASP C 224 4.40 10.76 36.44
C ASP C 224 3.71 12.01 35.90
N PHE C 225 3.63 12.10 34.57
CA PHE C 225 3.12 13.31 33.91
C PHE C 225 1.89 13.06 33.04
N HIS C 226 1.02 14.06 32.98
CA HIS C 226 -0.18 14.02 32.15
C HIS C 226 -0.33 15.33 31.37
N TRP C 227 -0.97 15.25 30.21
CA TRP C 227 -1.08 16.40 29.32
C TRP C 227 -2.41 16.45 28.57
N THR C 228 -2.85 17.67 28.26
CA THR C 228 -4.02 17.90 27.39
C THR C 228 -3.91 19.25 26.69
N LEU C 229 -4.75 19.45 25.67
CA LEU C 229 -4.76 20.70 24.92
C LEU C 229 -5.88 21.62 25.41
N VAL C 230 -5.53 22.89 25.63
CA VAL C 230 -6.51 23.89 26.07
C VAL C 230 -6.89 24.78 24.90
N GLN C 231 -8.18 24.71 24.53
CA GLN C 231 -8.71 25.44 23.39
C GLN C 231 -8.77 26.94 23.64
N PRO C 232 -8.61 27.76 22.58
CA PRO C 232 -8.67 29.22 22.70
C PRO C 232 -10.00 29.70 23.28
N GLY C 233 -9.93 30.34 24.45
CA GLY C 233 -11.12 30.81 25.15
C GLY C 233 -11.53 29.92 26.31
N ASP C 234 -11.16 28.65 26.23
CA ASP C 234 -11.48 27.68 27.29
C ASP C 234 -10.55 27.84 28.49
N ASN C 235 -10.99 27.34 29.64
CA ASN C 235 -10.20 27.36 30.87
C ASN C 235 -9.90 25.95 31.36
N ILE C 236 -8.83 25.82 32.16
CA ILE C 236 -8.51 24.57 32.82
C ILE C 236 -8.35 24.79 34.33
N THR C 237 -9.02 23.96 35.12
CA THR C 237 -9.09 24.13 36.57
C THR C 237 -8.49 22.93 37.31
N PHE C 238 -7.65 23.23 38.30
CA PHE C 238 -7.04 22.21 39.15
C PHE C 238 -7.63 22.26 40.56
N SER C 239 -8.31 21.20 40.95
CA SER C 239 -8.78 21.05 42.34
C SER C 239 -7.87 20.07 43.06
N HIS C 240 -7.06 20.59 43.97
CA HIS C 240 -6.00 19.80 44.61
C HIS C 240 -5.80 20.11 46.08
N ASN C 241 -5.46 19.08 46.85
CA ASN C 241 -5.07 19.22 48.26
C ASN C 241 -3.66 18.66 48.49
N GLY C 242 -2.82 18.79 47.47
CA GLY C 242 -1.46 18.24 47.50
C GLY C 242 -1.25 17.22 46.39
N GLY C 243 -0.12 16.54 46.43
CA GLY C 243 0.21 15.47 45.50
C GLY C 243 0.28 15.85 44.04
N LEU C 244 0.10 17.14 43.75
CA LEU C 244 0.12 17.65 42.38
C LEU C 244 1.32 18.55 42.13
N ILE C 245 1.91 18.40 40.95
CA ILE C 245 2.99 19.28 40.50
C ILE C 245 2.40 20.26 39.49
N ALA C 246 2.03 21.44 39.97
CA ALA C 246 1.37 22.45 39.15
C ALA C 246 2.34 23.13 38.18
N PRO C 247 1.88 23.41 36.95
CA PRO C 247 2.70 24.09 35.94
C PRO C 247 2.93 25.56 36.24
N SER C 248 4.13 26.04 35.96
CA SER C 248 4.44 27.47 36.11
C SER C 248 4.43 28.20 34.77
N ARG C 249 4.43 27.42 33.68
CA ARG C 249 4.27 27.96 32.33
C ARG C 249 3.51 26.99 31.42
N VAL C 250 2.74 27.54 30.48
CA VAL C 250 2.11 26.75 29.42
C VAL C 250 2.94 26.86 28.14
N SER C 251 2.56 26.09 27.13
CA SER C 251 3.29 26.06 25.86
C SER C 251 2.37 26.11 24.63
N LYS C 252 2.78 26.91 23.66
CA LYS C 252 2.06 27.10 22.41
C LYS C 252 2.98 26.80 21.22
N LEU C 253 2.71 25.68 20.53
CA LEU C 253 3.54 25.24 19.41
C LEU C 253 3.29 26.11 18.18
N ILE C 254 4.37 26.49 17.50
CA ILE C 254 4.30 27.41 16.38
C ILE C 254 4.51 26.67 15.06
N GLY C 255 3.63 26.93 14.09
CA GLY C 255 3.77 26.43 12.72
C GLY C 255 4.14 24.97 12.56
N ARG C 256 5.06 24.72 11.63
CA ARG C 256 5.52 23.36 11.33
C ARG C 256 6.99 23.29 10.92
N GLY C 257 7.58 22.11 11.06
CA GLY C 257 8.98 21.86 10.69
C GLY C 257 9.21 20.46 10.13
N LEU C 258 10.22 19.75 10.66
CA LEU C 258 10.52 18.37 10.26
C LEU C 258 11.34 17.64 11.34
N GLY C 259 10.78 16.55 11.85
CA GLY C 259 11.40 15.80 12.95
C GLY C 259 12.22 14.60 12.53
N ILE C 260 13.52 14.65 12.81
CA ILE C 260 14.46 13.58 12.44
C ILE C 260 15.04 12.90 13.69
N GLN C 261 14.86 11.58 13.77
CA GLN C 261 15.51 10.75 14.77
C GLN C 261 16.78 10.16 14.15
N SER C 262 17.93 10.79 14.41
CA SER C 262 19.20 10.40 13.81
C SER C 262 20.42 10.71 14.68
N ASP C 263 21.33 9.75 14.77
CA ASP C 263 22.63 9.96 15.38
C ASP C 263 23.68 10.12 14.28
N ALA C 264 23.75 11.33 13.72
CA ALA C 264 24.67 11.64 12.63
C ALA C 264 25.16 13.07 12.72
N PRO C 265 26.44 13.30 12.35
CA PRO C 265 27.04 14.64 12.37
C PRO C 265 26.28 15.64 11.49
N ILE C 266 26.19 16.88 11.95
CA ILE C 266 25.51 17.94 11.21
C ILE C 266 26.44 18.59 10.19
N ASP C 267 25.96 18.73 8.96
CA ASP C 267 26.68 19.43 7.91
C ASP C 267 25.89 20.67 7.49
N ASN C 268 26.51 21.84 7.60
CA ASN C 268 25.88 23.10 7.21
C ASN C 268 26.24 23.57 5.80
N ASN C 269 27.21 22.89 5.19
CA ASN C 269 27.61 23.17 3.81
C ASN C 269 26.81 22.33 2.82
N CYS C 270 26.16 21.29 3.35
CA CYS C 270 25.40 20.33 2.55
C CYS C 270 23.89 20.58 2.69
N GLU C 271 23.15 20.39 1.60
CA GLU C 271 21.68 20.51 1.62
C GLU C 271 21.00 19.23 1.11
N SER C 272 19.84 18.91 1.70
CA SER C 272 19.11 17.68 1.37
C SER C 272 17.61 17.79 1.64
N LYS C 273 16.85 16.86 1.08
CA LYS C 273 15.40 16.82 1.23
C LYS C 273 14.90 15.54 1.91
N CYS C 274 15.70 14.48 1.87
CA CYS C 274 15.40 13.25 2.61
C CYS C 274 16.44 12.96 3.69
N PHE C 275 15.98 12.39 4.80
CA PHE C 275 16.84 12.03 5.92
C PHE C 275 16.41 10.70 6.52
N TRP C 276 17.37 9.92 7.01
CA TRP C 276 17.10 8.66 7.71
C TRP C 276 17.99 8.54 8.95
N ARG C 277 17.90 7.40 9.64
CA ARG C 277 18.65 7.15 10.87
C ARG C 277 20.16 7.42 10.71
N GLY C 278 20.72 6.93 9.60
CA GLY C 278 22.16 7.03 9.34
C GLY C 278 22.60 8.23 8.53
N GLY C 279 21.73 9.24 8.39
CA GLY C 279 22.10 10.48 7.71
C GLY C 279 21.14 10.95 6.63
N SER C 280 21.71 11.53 5.57
CA SER C 280 20.91 12.10 4.47
C SER C 280 21.00 11.25 3.20
N ILE C 281 19.98 11.39 2.34
CA ILE C 281 19.96 10.76 1.02
C ILE C 281 19.75 11.82 -0.07
N ASN C 282 20.83 12.14 -0.78
CA ASN C 282 20.78 13.06 -1.90
C ASN C 282 20.89 12.33 -3.24
N THR C 283 19.84 12.43 -4.05
CA THR C 283 19.78 11.73 -5.33
C THR C 283 18.72 12.27 -6.28
N ARG C 284 18.83 11.87 -7.56
CA ARG C 284 17.84 12.18 -8.58
C ARG C 284 17.17 10.90 -9.07
N LEU C 285 17.70 9.75 -8.64
CA LEU C 285 17.13 8.45 -8.97
C LEU C 285 15.86 8.20 -8.15
N PRO C 286 14.90 7.44 -8.72
CA PRO C 286 13.61 7.29 -8.03
C PRO C 286 13.55 6.19 -6.97
N PHE C 287 14.61 5.39 -6.85
CA PHE C 287 14.62 4.27 -5.90
C PHE C 287 15.83 4.27 -4.96
N GLN C 288 15.76 3.47 -3.91
CA GLN C 288 16.85 3.31 -2.93
C GLN C 288 16.83 1.94 -2.25
N ASN C 289 17.99 1.48 -1.79
CA ASN C 289 18.10 0.20 -1.08
C ASN C 289 18.61 0.36 0.35
N LEU C 290 18.54 1.58 0.87
CA LEU C 290 19.12 1.92 2.18
C LEU C 290 18.19 1.65 3.36
N SER C 291 17.06 2.34 3.40
CA SER C 291 16.15 2.26 4.55
C SER C 291 14.67 2.42 4.20
N PRO C 292 13.81 1.59 4.81
CA PRO C 292 12.36 1.76 4.71
C PRO C 292 11.89 2.97 5.52
N ARG C 293 12.51 3.20 6.68
CA ARG C 293 12.15 4.31 7.54
C ARG C 293 12.88 5.59 7.13
N THR C 294 12.19 6.45 6.39
CA THR C 294 12.73 7.74 5.97
C THR C 294 11.71 8.86 6.15
N VAL C 295 12.20 10.10 6.18
CA VAL C 295 11.35 11.28 6.30
C VAL C 295 11.73 12.35 5.27
N GLY C 296 10.78 13.22 4.95
CA GLY C 296 10.98 14.27 3.94
C GLY C 296 10.67 13.79 2.54
N GLN C 297 10.99 14.61 1.55
CA GLN C 297 10.84 14.24 0.13
C GLN C 297 11.85 13.16 -0.20
N CYS C 298 11.39 11.91 -0.16
CA CYS C 298 12.30 10.77 -0.22
C CYS C 298 11.91 9.72 -1.25
N PRO C 299 12.87 9.23 -2.06
CA PRO C 299 12.66 8.19 -3.06
C PRO C 299 12.24 6.85 -2.45
N LYS C 300 11.53 6.04 -3.24
CA LYS C 300 10.89 4.82 -2.76
C LYS C 300 11.88 3.69 -2.50
N TYR C 301 11.82 3.13 -1.30
CA TYR C 301 12.72 2.04 -0.89
C TYR C 301 12.33 0.72 -1.56
N VAL C 302 13.31 0.10 -2.21
CA VAL C 302 13.12 -1.19 -2.88
C VAL C 302 14.03 -2.28 -2.29
N ASN C 303 13.57 -3.52 -2.37
CA ASN C 303 14.27 -4.67 -1.79
C ASN C 303 15.30 -5.29 -2.74
N LYS C 304 15.91 -4.45 -3.58
CA LYS C 304 16.95 -4.90 -4.50
C LYS C 304 18.18 -3.99 -4.49
N LYS C 305 19.36 -4.62 -4.62
CA LYS C 305 20.64 -3.90 -4.55
C LYS C 305 20.86 -2.98 -5.75
N SER C 306 20.64 -3.50 -6.96
CA SER C 306 20.87 -2.73 -8.17
C SER C 306 19.97 -3.17 -9.33
N LEU C 307 19.45 -2.18 -10.06
CA LEU C 307 18.72 -2.41 -11.31
C LEU C 307 19.12 -1.34 -12.33
N MET C 308 19.72 -1.78 -13.42
CA MET C 308 20.27 -0.85 -14.42
C MET C 308 19.40 -0.68 -15.64
N LEU C 309 19.23 0.58 -16.03
CA LEU C 309 18.39 0.98 -17.15
C LEU C 309 19.26 1.32 -18.36
N ALA C 310 19.07 0.59 -19.46
CA ALA C 310 19.88 0.74 -20.66
C ALA C 310 19.72 2.12 -21.29
N THR C 311 20.84 2.68 -21.75
CA THR C 311 20.84 3.98 -22.41
C THR C 311 21.58 3.91 -23.75
N GLY C 312 21.56 2.73 -24.36
CA GLY C 312 22.17 2.48 -25.66
C GLY C 312 21.64 1.21 -26.31
N MET C 313 22.02 0.97 -27.56
CA MET C 313 21.56 -0.21 -28.30
C MET C 313 22.23 -1.50 -27.81
N ARG C 314 21.76 -2.64 -28.34
CA ARG C 314 22.32 -3.93 -27.98
C ARG C 314 23.76 -4.08 -28.51
N ASN C 315 24.69 -4.37 -27.60
CA ASN C 315 26.10 -4.48 -27.93
C ASN C 315 26.44 -5.81 -28.60
N VAL C 316 26.95 -5.74 -29.83
CA VAL C 316 27.32 -6.93 -30.58
C VAL C 316 28.85 -7.07 -30.68
N PRO C 317 29.41 -8.15 -30.09
CA PRO C 317 30.85 -8.40 -30.11
C PRO C 317 31.37 -8.84 -31.49
N GLU C 318 32.70 -8.91 -31.63
CA GLU C 318 33.33 -9.30 -32.88
C GLU C 318 34.16 -10.59 -32.73
N GLY D 1 16.52 -9.44 -33.48
CA GLY D 1 15.49 -9.33 -32.39
C GLY D 1 14.09 -9.15 -32.93
N LEU D 2 13.48 -8.01 -32.62
CA LEU D 2 12.14 -7.68 -33.10
C LEU D 2 12.15 -7.13 -34.53
N PHE D 3 13.22 -6.44 -34.90
CA PHE D 3 13.34 -5.85 -36.23
C PHE D 3 14.49 -6.45 -37.04
N GLY D 4 15.30 -7.28 -36.39
CA GLY D 4 16.33 -8.08 -37.05
C GLY D 4 17.43 -7.32 -37.77
N ALA D 5 17.64 -6.06 -37.39
CA ALA D 5 18.74 -5.26 -37.95
C ALA D 5 19.99 -5.43 -37.09
N ILE D 6 19.90 -5.04 -35.81
CA ILE D 6 20.97 -5.31 -34.84
C ILE D 6 20.79 -6.71 -34.28
N ALA D 7 21.86 -7.51 -34.36
CA ALA D 7 21.84 -8.94 -34.01
C ALA D 7 20.80 -9.73 -34.82
N GLY D 8 20.70 -9.40 -36.11
CA GLY D 8 19.75 -10.04 -37.02
C GLY D 8 20.38 -10.41 -38.35
N PHE D 9 20.00 -9.71 -39.43
CA PHE D 9 20.58 -9.94 -40.74
C PHE D 9 21.98 -9.34 -40.88
N ILE D 10 22.30 -8.37 -40.03
CA ILE D 10 23.66 -7.84 -39.90
C ILE D 10 24.42 -8.70 -38.89
N GLU D 11 25.62 -9.13 -39.29
CA GLU D 11 26.45 -10.01 -38.46
C GLU D 11 26.80 -9.38 -37.11
N ASN D 12 27.47 -8.23 -37.15
CA ASN D 12 27.86 -7.50 -35.93
C ASN D 12 27.99 -6.00 -36.16
N GLY D 13 28.20 -5.26 -35.07
CA GLY D 13 28.40 -3.82 -35.14
C GLY D 13 29.85 -3.45 -35.30
N TRP D 14 30.10 -2.23 -35.75
CA TRP D 14 31.47 -1.73 -35.90
C TRP D 14 31.90 -1.00 -34.62
N GLU D 15 32.99 -1.48 -34.02
CA GLU D 15 33.43 -1.01 -32.72
C GLU D 15 34.30 0.25 -32.76
N GLY D 16 34.47 0.82 -33.95
CA GLY D 16 35.31 2.00 -34.15
C GLY D 16 34.57 3.31 -34.36
N MET D 17 33.25 3.22 -34.57
CA MET D 17 32.44 4.40 -34.85
C MET D 17 32.16 5.22 -33.58
N VAL D 18 32.86 6.34 -33.45
CA VAL D 18 32.77 7.21 -32.27
C VAL D 18 31.83 8.40 -32.50
N ASP D 19 31.79 8.87 -33.75
CA ASP D 19 30.99 10.04 -34.13
C ASP D 19 29.49 9.89 -33.85
N GLY D 20 28.93 8.73 -34.19
CA GLY D 20 27.50 8.50 -34.02
C GLY D 20 27.13 7.09 -33.58
N TRP D 21 25.84 6.78 -33.72
CA TRP D 21 25.29 5.49 -33.35
C TRP D 21 25.07 4.60 -34.57
N TYR D 22 24.64 5.23 -35.67
CA TYR D 22 24.38 4.55 -36.93
C TYR D 22 25.20 5.20 -38.05
N GLY D 23 25.62 4.41 -39.03
CA GLY D 23 26.39 4.93 -40.14
C GLY D 23 26.59 3.98 -41.30
N PHE D 24 27.28 4.47 -42.33
CA PHE D 24 27.61 3.70 -43.51
C PHE D 24 29.11 3.69 -43.80
N ARG D 25 29.57 2.63 -44.47
CA ARG D 25 30.94 2.51 -44.96
C ARG D 25 30.89 2.16 -46.44
N HIS D 26 31.64 2.90 -47.25
CA HIS D 26 31.65 2.69 -48.70
C HIS D 26 32.93 2.03 -49.21
N GLN D 27 32.81 1.31 -50.31
CA GLN D 27 33.95 0.65 -50.96
C GLN D 27 33.93 0.95 -52.46
N ASN D 28 34.66 1.99 -52.86
CA ASN D 28 34.74 2.39 -54.27
C ASN D 28 36.16 2.31 -54.84
N ALA D 29 36.34 2.86 -56.05
CA ALA D 29 37.63 2.84 -56.73
C ALA D 29 38.68 3.77 -56.10
N GLN D 30 38.22 4.64 -55.20
CA GLN D 30 39.11 5.57 -54.49
C GLN D 30 39.48 5.10 -53.10
N GLY D 31 38.63 4.25 -52.51
CA GLY D 31 38.92 3.66 -51.21
C GLY D 31 37.72 3.57 -50.27
N THR D 32 38.02 3.44 -48.97
CA THR D 32 36.99 3.32 -47.93
C THR D 32 36.97 4.56 -47.04
N GLY D 33 35.77 4.95 -46.61
CA GLY D 33 35.57 6.12 -45.76
C GLY D 33 34.52 5.92 -44.69
N GLN D 34 34.76 6.54 -43.54
CA GLN D 34 33.86 6.42 -42.39
C GLN D 34 33.05 7.72 -42.20
N ALA D 35 31.72 7.57 -42.17
CA ALA D 35 30.82 8.69 -41.93
C ALA D 35 29.52 8.22 -41.30
N ALA D 36 29.10 8.90 -40.23
CA ALA D 36 27.88 8.55 -39.51
C ALA D 36 26.77 9.59 -39.75
N ASP D 37 25.57 9.11 -40.04
CA ASP D 37 24.42 9.98 -40.30
C ASP D 37 23.91 10.64 -39.02
N TYR D 38 23.80 11.95 -39.05
CA TYR D 38 23.40 12.75 -37.89
C TYR D 38 21.93 12.60 -37.50
N LYS D 39 21.05 12.65 -38.51
CA LYS D 39 19.60 12.65 -38.28
C LYS D 39 19.06 11.33 -37.71
N SER D 40 19.58 10.21 -38.23
CA SER D 40 19.12 8.88 -37.81
C SER D 40 19.54 8.54 -36.38
N THR D 41 20.63 9.15 -35.91
CA THR D 41 21.14 8.92 -34.56
C THR D 41 20.40 9.74 -33.51
N GLN D 42 20.12 11.00 -33.83
CA GLN D 42 19.40 11.91 -32.94
C GLN D 42 18.03 11.36 -32.55
N ALA D 43 17.34 10.76 -33.52
CA ALA D 43 16.03 10.15 -33.30
C ALA D 43 16.06 9.08 -32.20
N ALA D 44 17.16 8.35 -32.11
CA ALA D 44 17.36 7.34 -31.09
C ALA D 44 17.84 7.96 -29.77
N ILE D 45 18.76 8.92 -29.87
CA ILE D 45 19.36 9.58 -28.70
C ILE D 45 18.34 10.43 -27.93
N ASP D 46 17.51 11.17 -28.67
CA ASP D 46 16.47 12.01 -28.06
C ASP D 46 15.40 11.18 -27.36
N GLN D 47 15.16 9.97 -27.87
CA GLN D 47 14.20 9.04 -27.27
C GLN D 47 14.67 8.48 -25.93
N ILE D 48 15.98 8.39 -25.75
CA ILE D 48 16.57 7.96 -24.49
C ILE D 48 16.53 9.10 -23.46
N THR D 49 16.80 10.32 -23.94
CA THR D 49 16.75 11.53 -23.12
C THR D 49 15.37 11.71 -22.47
N GLY D 50 14.32 11.42 -23.22
CA GLY D 50 12.94 11.50 -22.74
C GLY D 50 12.63 10.51 -21.62
N LYS D 51 13.29 9.37 -21.65
CA LYS D 51 13.17 8.37 -20.58
C LYS D 51 13.93 8.80 -19.34
N LEU D 52 15.07 9.46 -19.54
CA LEU D 52 15.90 9.96 -18.45
C LEU D 52 15.31 11.22 -17.81
N ASN D 53 14.43 11.91 -18.53
CA ASN D 53 13.71 13.05 -17.97
C ASN D 53 12.50 12.62 -17.14
N ARG D 54 12.02 11.39 -17.39
CA ARG D 54 10.87 10.83 -16.68
C ARG D 54 11.23 10.26 -15.32
N LEU D 55 12.52 9.93 -15.12
CA LEU D 55 12.98 9.29 -13.89
C LEU D 55 13.84 10.19 -12.98
N ILE D 56 13.94 11.47 -13.34
CA ILE D 56 14.55 12.47 -12.47
C ILE D 56 13.49 13.41 -11.89
N GLU D 57 12.23 13.15 -12.24
CA GLU D 57 11.09 13.97 -11.81
C GLU D 57 10.87 13.89 -10.29
N LYS D 58 10.63 15.05 -9.69
CA LYS D 58 10.55 15.18 -8.24
C LYS D 58 9.24 14.67 -7.62
N THR D 59 9.35 13.58 -6.87
CA THR D 59 8.25 13.07 -6.06
C THR D 59 8.25 13.79 -4.70
N ASN D 60 7.76 15.02 -4.71
CA ASN D 60 7.77 15.88 -3.52
C ASN D 60 6.84 15.40 -2.40
N THR D 61 6.12 14.32 -2.66
CA THR D 61 5.20 13.72 -1.69
C THR D 61 5.93 13.37 -0.38
N GLU D 62 5.81 14.30 0.57
CA GLU D 62 6.57 14.25 1.82
C GLU D 62 5.93 13.33 2.84
N PHE D 63 6.76 12.57 3.55
CA PHE D 63 6.30 11.69 4.62
C PHE D 63 6.98 12.05 5.93
N GLU D 64 6.35 11.68 7.03
CA GLU D 64 6.88 12.00 8.37
C GLU D 64 6.89 10.77 9.28
N SER D 65 7.60 10.89 10.40
CA SER D 65 7.79 9.79 11.34
C SER D 65 6.49 9.22 11.88
N ILE D 66 6.38 7.90 11.84
CA ILE D 66 5.27 7.19 12.50
C ILE D 66 5.80 6.17 13.51
N GLU D 67 6.99 5.66 13.26
CA GLU D 67 7.69 4.76 14.18
C GLU D 67 8.83 5.52 14.87
N SER D 68 8.91 5.38 16.19
CA SER D 68 10.01 5.96 16.95
C SER D 68 11.25 5.10 16.79
N GLU D 69 12.29 5.70 16.22
CA GLU D 69 13.52 4.96 15.89
C GLU D 69 14.39 4.69 17.12
N PHE D 70 14.08 5.37 18.23
CA PHE D 70 14.81 5.18 19.48
C PHE D 70 14.00 4.36 20.49
N SER D 71 12.85 4.88 20.90
CA SER D 71 11.99 4.20 21.87
C SER D 71 11.16 3.08 21.22
N GLU D 72 10.37 2.37 22.03
CA GLU D 72 9.58 1.24 21.56
C GLU D 72 8.11 1.57 21.36
N ILE D 73 7.54 1.08 20.26
CA ILE D 73 6.13 1.25 19.95
C ILE D 73 5.35 0.04 20.48
N GLU D 74 4.10 0.27 20.87
CA GLU D 74 3.19 -0.79 21.33
C GLU D 74 3.14 -1.94 20.31
N HIS D 75 3.10 -3.17 20.79
CA HIS D 75 3.28 -4.36 19.95
C HIS D 75 2.24 -4.55 18.84
N GLN D 76 0.96 -4.50 19.19
CA GLN D 76 -0.12 -4.76 18.23
C GLN D 76 -0.17 -3.75 17.09
N ILE D 77 -0.15 -2.47 17.44
CA ILE D 77 -0.17 -1.39 16.44
C ILE D 77 1.16 -1.30 15.67
N GLY D 78 2.24 -1.67 16.33
CA GLY D 78 3.57 -1.71 15.71
C GLY D 78 3.73 -2.84 14.73
N ASN D 79 3.04 -3.95 14.99
CA ASN D 79 3.09 -5.14 14.13
C ASN D 79 2.34 -4.92 12.80
N VAL D 80 1.28 -4.13 12.85
CA VAL D 80 0.48 -3.81 11.66
C VAL D 80 1.25 -2.87 10.73
N ILE D 81 1.98 -1.92 11.32
CA ILE D 81 2.83 -1.00 10.56
C ILE D 81 3.90 -1.77 9.78
N ASN D 82 4.50 -2.77 10.43
CA ASN D 82 5.46 -3.67 9.78
C ASN D 82 4.88 -4.37 8.55
N TRP D 83 3.66 -4.90 8.70
CA TRP D 83 2.96 -5.58 7.62
C TRP D 83 2.67 -4.63 6.47
N THR D 84 2.36 -3.38 6.80
CA THR D 84 2.06 -2.34 5.81
C THR D 84 3.33 -1.85 5.10
N LYS D 85 4.38 -1.59 5.88
CA LYS D 85 5.66 -1.13 5.33
C LYS D 85 6.31 -2.16 4.41
N ASP D 86 6.17 -3.44 4.76
CA ASP D 86 6.68 -4.53 3.94
C ASP D 86 5.88 -4.73 2.66
N SER D 87 4.56 -4.56 2.74
CA SER D 87 3.68 -4.71 1.59
C SER D 87 3.90 -3.64 0.53
N ILE D 88 4.09 -2.39 0.97
CA ILE D 88 4.41 -1.26 0.09
C ILE D 88 5.78 -1.44 -0.55
N THR D 89 6.75 -1.90 0.24
CA THR D 89 8.09 -2.24 -0.25
C THR D 89 8.01 -3.36 -1.28
N ASP D 90 7.25 -4.41 -0.96
CA ASP D 90 7.06 -5.56 -1.83
C ASP D 90 6.41 -5.17 -3.16
N ILE D 91 5.55 -4.16 -3.12
CA ILE D 91 4.93 -3.61 -4.32
C ILE D 91 5.93 -2.76 -5.11
N TRP D 92 6.61 -1.83 -4.43
CA TRP D 92 7.56 -0.94 -5.09
C TRP D 92 8.78 -1.64 -5.67
N THR D 93 9.15 -2.79 -5.08
CA THR D 93 10.24 -3.62 -5.61
C THR D 93 9.81 -4.24 -6.94
N TYR D 94 8.60 -4.80 -6.96
CA TYR D 94 8.01 -5.37 -8.18
C TYR D 94 7.76 -4.30 -9.24
N GLN D 95 7.42 -3.10 -8.80
CA GLN D 95 7.25 -1.95 -9.68
C GLN D 95 8.57 -1.53 -10.33
N ALA D 96 9.63 -1.53 -9.52
CA ALA D 96 10.97 -1.15 -9.99
C ALA D 96 11.55 -2.20 -10.93
N GLU D 97 11.27 -3.47 -10.64
CA GLU D 97 11.76 -4.58 -11.46
C GLU D 97 11.10 -4.62 -12.84
N LEU D 98 9.79 -4.37 -12.86
CA LEU D 98 9.02 -4.37 -14.11
C LEU D 98 9.37 -3.18 -15.00
N LEU D 99 9.42 -1.97 -14.42
CA LEU D 99 9.75 -0.76 -15.16
C LEU D 99 11.06 -0.92 -15.92
N VAL D 100 12.10 -1.37 -15.22
CA VAL D 100 13.43 -1.58 -15.81
C VAL D 100 13.40 -2.63 -16.91
N ALA D 101 12.86 -3.81 -16.60
CA ALA D 101 12.81 -4.93 -17.55
C ALA D 101 12.09 -4.58 -18.85
N MET D 102 10.99 -3.86 -18.73
CA MET D 102 10.18 -3.45 -19.88
C MET D 102 10.85 -2.33 -20.67
N GLU D 103 11.23 -1.25 -19.99
CA GLU D 103 11.84 -0.09 -20.62
C GLU D 103 13.10 -0.44 -21.42
N ASN D 104 13.89 -1.37 -20.91
CA ASN D 104 15.09 -1.87 -21.60
C ASN D 104 14.74 -2.59 -22.90
N GLN D 105 13.76 -3.50 -22.82
CA GLN D 105 13.25 -4.21 -23.99
C GLN D 105 12.86 -3.22 -25.10
N HIS D 106 12.18 -2.15 -24.71
CA HIS D 106 11.72 -1.12 -25.64
C HIS D 106 12.87 -0.35 -26.28
N THR D 107 13.92 -0.06 -25.50
CA THR D 107 15.08 0.68 -26.01
C THR D 107 15.89 -0.17 -26.99
N ILE D 108 15.97 -1.47 -26.72
CA ILE D 108 16.63 -2.43 -27.59
C ILE D 108 15.93 -2.50 -28.94
N ASP D 109 14.61 -2.65 -28.90
CA ASP D 109 13.78 -2.73 -30.12
C ASP D 109 13.60 -1.37 -30.77
N MET D 110 13.82 -0.30 -30.01
CA MET D 110 13.80 1.07 -30.54
C MET D 110 14.98 1.26 -31.49
N ALA D 111 16.18 0.90 -31.03
CA ALA D 111 17.40 1.05 -31.81
C ALA D 111 17.50 0.01 -32.92
N ASP D 112 16.83 -1.12 -32.73
CA ASP D 112 16.75 -2.19 -33.72
C ASP D 112 16.06 -1.69 -34.99
N SER D 113 15.04 -0.86 -34.81
CA SER D 113 14.25 -0.33 -35.93
C SER D 113 14.77 1.00 -36.46
N GLU D 114 15.48 1.75 -35.62
CA GLU D 114 15.94 3.09 -35.98
C GLU D 114 17.05 3.12 -37.04
N MET D 115 17.62 1.94 -37.33
CA MET D 115 18.56 1.82 -38.44
C MET D 115 17.92 1.08 -39.62
N LEU D 116 16.93 0.24 -39.32
CA LEU D 116 16.11 -0.39 -40.35
C LEU D 116 15.38 0.71 -41.11
N ASN D 117 14.99 1.75 -40.37
CA ASN D 117 14.41 2.97 -40.95
C ASN D 117 15.40 3.72 -41.84
N LEU D 118 16.68 3.66 -41.48
CA LEU D 118 17.74 4.23 -42.30
C LEU D 118 18.05 3.32 -43.49
N TYR D 119 17.96 2.01 -43.26
CA TYR D 119 18.18 0.99 -44.28
C TYR D 119 17.15 1.08 -45.41
N GLU D 120 15.89 1.31 -45.02
CA GLU D 120 14.80 1.47 -45.98
C GLU D 120 14.83 2.85 -46.63
N ARG D 121 15.44 3.82 -45.95
CA ARG D 121 15.55 5.18 -46.48
C ARG D 121 16.55 5.26 -47.63
N VAL D 122 17.66 4.55 -47.49
CA VAL D 122 18.70 4.49 -48.53
C VAL D 122 18.25 3.60 -49.69
N ARG D 123 17.58 2.50 -49.36
CA ARG D 123 17.04 1.56 -50.35
C ARG D 123 16.15 2.26 -51.38
N LYS D 124 15.30 3.16 -50.91
CA LYS D 124 14.37 3.89 -51.77
C LYS D 124 15.04 4.98 -52.60
N GLN D 125 16.21 5.45 -52.14
CA GLN D 125 17.01 6.43 -52.91
C GLN D 125 17.59 5.79 -54.15
N LEU D 126 18.23 4.63 -53.98
CA LEU D 126 18.90 3.93 -55.07
C LEU D 126 17.92 3.20 -55.98
N ARG D 127 16.86 2.65 -55.39
CA ARG D 127 15.74 2.05 -56.12
C ARG D 127 16.18 0.80 -56.91
N GLN D 128 16.60 1.01 -58.15
CA GLN D 128 16.98 -0.08 -59.07
C GLN D 128 18.45 0.01 -59.47
N ASN D 129 19.19 0.90 -58.81
CA ASN D 129 20.62 1.09 -59.10
C ASN D 129 21.53 0.24 -58.22
N ALA D 130 20.93 -0.48 -57.27
CA ALA D 130 21.68 -1.36 -56.38
C ALA D 130 20.85 -2.59 -55.98
N GLU D 131 21.52 -3.64 -55.52
CA GLU D 131 20.86 -4.86 -55.06
C GLU D 131 21.28 -5.25 -53.64
N GLU D 132 20.46 -6.07 -53.00
CA GLU D 132 20.69 -6.46 -51.60
C GLU D 132 21.43 -7.79 -51.48
N ASP D 133 22.40 -7.82 -50.57
CA ASP D 133 23.26 -8.99 -50.37
C ASP D 133 22.74 -9.97 -49.31
N GLY D 134 22.11 -9.43 -48.27
CA GLY D 134 21.62 -10.22 -47.15
C GLY D 134 22.33 -9.89 -45.85
N LYS D 135 23.60 -9.51 -45.96
CA LYS D 135 24.41 -9.12 -44.81
C LYS D 135 24.07 -7.71 -44.30
N GLY D 136 23.36 -6.96 -45.13
CA GLY D 136 22.98 -5.58 -44.81
C GLY D 136 23.81 -4.57 -45.56
N CYS D 137 23.99 -4.80 -46.86
CA CYS D 137 24.82 -3.94 -47.69
C CYS D 137 24.29 -3.81 -49.12
N PHE D 138 24.35 -2.58 -49.64
CA PHE D 138 23.90 -2.28 -51.00
C PHE D 138 25.09 -2.17 -51.96
N GLU D 139 25.13 -3.06 -52.95
CA GLU D 139 26.17 -3.01 -53.98
C GLU D 139 25.69 -2.28 -55.23
N ILE D 140 26.32 -1.14 -55.49
CA ILE D 140 25.95 -0.25 -56.60
C ILE D 140 26.41 -0.82 -57.94
N TYR D 141 25.51 -0.80 -58.92
CA TYR D 141 25.81 -1.32 -60.25
C TYR D 141 26.36 -0.26 -61.20
N HIS D 142 26.48 0.98 -60.73
CA HIS D 142 27.10 2.04 -61.53
C HIS D 142 28.36 2.60 -60.88
N ALA D 143 29.08 3.44 -61.62
CA ALA D 143 30.30 4.07 -61.13
C ALA D 143 29.98 5.19 -60.14
N CYS D 144 30.22 4.93 -58.86
CA CYS D 144 29.93 5.88 -57.80
C CYS D 144 31.20 6.27 -57.05
N ASP D 145 31.66 7.50 -57.30
CA ASP D 145 32.86 8.03 -56.67
C ASP D 145 32.56 8.69 -55.32
N ASP D 146 33.54 9.40 -54.76
CA ASP D 146 33.44 10.02 -53.45
C ASP D 146 32.36 11.12 -53.36
N SER D 147 32.23 11.89 -54.43
CA SER D 147 31.20 12.93 -54.51
C SER D 147 29.81 12.32 -54.74
N CYS D 148 29.79 11.13 -55.33
CA CYS D 148 28.55 10.36 -55.51
C CYS D 148 28.12 9.72 -54.19
N MET D 149 29.10 9.18 -53.46
CA MET D 149 28.84 8.61 -52.13
C MET D 149 28.38 9.68 -51.14
N GLU D 150 28.82 10.92 -51.37
CA GLU D 150 28.43 12.08 -50.57
C GLU D 150 26.92 12.33 -50.67
N SER D 151 26.38 12.24 -51.88
CA SER D 151 24.96 12.50 -52.13
C SER D 151 24.04 11.45 -51.52
N ILE D 152 24.48 10.19 -51.48
CA ILE D 152 23.72 9.09 -50.88
C ILE D 152 23.58 9.28 -49.36
N ARG D 153 24.64 9.77 -48.73
CA ARG D 153 24.63 10.08 -47.31
C ARG D 153 23.89 11.40 -47.06
N ASN D 154 24.17 12.40 -47.90
CA ASN D 154 23.60 13.73 -47.77
C ASN D 154 22.14 13.82 -48.25
N ASN D 155 21.63 12.71 -48.78
CA ASN D 155 20.25 12.58 -49.28
C ASN D 155 19.96 13.41 -50.54
N THR D 156 20.98 14.08 -51.06
CA THR D 156 20.87 14.89 -52.28
C THR D 156 21.00 14.02 -53.55
N TYR D 157 20.76 12.73 -53.38
CA TYR D 157 20.92 11.75 -54.45
C TYR D 157 19.77 11.78 -55.45
N ASP D 158 20.11 11.73 -56.74
CA ASP D 158 19.14 11.66 -57.82
C ASP D 158 19.43 10.41 -58.65
N HIS D 159 18.49 9.47 -58.67
CA HIS D 159 18.71 8.19 -59.35
C HIS D 159 18.47 8.27 -60.87
N SER D 160 17.85 9.36 -61.31
CA SER D 160 17.58 9.59 -62.74
C SER D 160 18.85 9.76 -63.57
N GLN D 161 19.89 10.31 -62.94
CA GLN D 161 21.17 10.54 -63.60
C GLN D 161 21.94 9.24 -63.82
N TYR D 162 21.73 8.27 -62.93
CA TYR D 162 22.49 7.01 -62.94
C TYR D 162 21.62 5.80 -63.33
N ARG D 163 20.37 6.06 -63.71
CA ARG D 163 19.41 5.00 -64.03
C ARG D 163 19.83 4.13 -65.21
N GLU D 164 20.30 4.78 -66.28
CA GLU D 164 20.64 4.10 -67.53
C GLU D 164 21.90 3.26 -67.44
N GLU D 165 22.91 3.74 -66.71
CA GLU D 165 24.16 3.02 -66.54
C GLU D 165 23.99 1.75 -65.70
N ALA D 166 23.12 1.84 -64.70
CA ALA D 166 22.88 0.73 -63.76
C ALA D 166 22.07 -0.40 -64.39
N LEU D 167 21.01 -0.04 -65.11
CA LEU D 167 20.12 -1.01 -65.73
C LEU D 167 20.70 -1.60 -67.02
N LEU D 168 22.03 -1.55 -67.14
CA LEU D 168 22.74 -2.20 -68.22
C LEU D 168 23.62 -3.29 -67.62
N ASN D 169 24.25 -2.97 -66.49
CA ASN D 169 25.13 -3.89 -65.78
C ASN D 169 24.39 -5.04 -65.12
N ARG D 170 23.15 -4.78 -64.68
CA ARG D 170 22.34 -5.74 -63.95
C ARG D 170 21.94 -6.95 -64.80
N LEU D 171 21.22 -6.69 -65.90
CA LEU D 171 20.76 -7.74 -66.81
C LEU D 171 21.83 -8.20 -67.80
N ASN D 172 22.96 -7.50 -67.82
CA ASN D 172 24.12 -7.83 -68.65
C ASN D 172 23.80 -7.98 -70.14
N ASP E 1 8.72 -25.06 -58.74
CA ASP E 1 9.31 -23.69 -58.88
C ASP E 1 8.76 -22.72 -57.82
N LYS E 2 8.40 -23.24 -56.65
CA LYS E 2 7.78 -22.45 -55.60
C LYS E 2 8.19 -22.93 -54.20
N ILE E 3 8.42 -21.97 -53.30
CA ILE E 3 8.71 -22.28 -51.89
C ILE E 3 7.85 -21.42 -50.95
N CYS E 4 7.11 -22.10 -50.07
CA CYS E 4 6.18 -21.43 -49.15
C CYS E 4 6.68 -21.38 -47.71
N LEU E 5 6.18 -20.39 -46.97
CA LEU E 5 6.48 -20.24 -45.55
C LEU E 5 5.18 -20.30 -44.73
N GLY E 6 5.31 -20.71 -43.47
CA GLY E 6 4.15 -20.80 -42.57
C GLY E 6 4.50 -20.92 -41.10
N HIS E 7 3.47 -21.07 -40.28
CA HIS E 7 3.63 -21.25 -38.83
C HIS E 7 2.56 -22.20 -38.29
N HIS E 8 2.98 -23.11 -37.42
CA HIS E 8 2.10 -24.18 -36.94
C HIS E 8 0.95 -23.66 -36.08
N ALA E 9 -0.12 -24.45 -36.02
CA ALA E 9 -1.29 -24.14 -35.19
C ALA E 9 -2.00 -25.43 -34.77
N VAL E 10 -2.67 -25.39 -33.62
CA VAL E 10 -3.38 -26.55 -33.10
C VAL E 10 -4.87 -26.50 -33.44
N ALA E 11 -5.54 -27.66 -33.33
CA ALA E 11 -6.98 -27.76 -33.56
C ALA E 11 -7.78 -27.21 -32.38
N ASN E 12 -7.38 -27.57 -31.17
CA ASN E 12 -8.00 -27.07 -29.95
C ASN E 12 -7.16 -25.97 -29.29
N GLY E 13 -7.48 -24.72 -29.59
CA GLY E 13 -6.76 -23.57 -29.04
C GLY E 13 -7.43 -23.00 -27.80
N THR E 14 -6.64 -22.30 -26.99
CA THR E 14 -7.14 -21.67 -25.76
C THR E 14 -7.10 -20.14 -25.83
N ILE E 15 -7.93 -19.50 -25.02
CA ILE E 15 -8.14 -18.05 -25.07
C ILE E 15 -7.34 -17.29 -24.00
N VAL E 16 -6.76 -16.15 -24.39
CA VAL E 16 -6.04 -15.28 -23.46
C VAL E 16 -6.47 -13.81 -23.61
N LYS E 17 -6.18 -13.01 -22.59
CA LYS E 17 -6.44 -11.57 -22.62
C LYS E 17 -5.19 -10.79 -23.00
N THR E 18 -5.37 -9.76 -23.82
CA THR E 18 -4.28 -8.86 -24.22
C THR E 18 -4.65 -7.41 -23.92
N LEU E 19 -3.83 -6.48 -24.40
CA LEU E 19 -4.08 -5.05 -24.22
C LEU E 19 -5.16 -4.52 -25.15
N THR E 20 -5.24 -5.11 -26.34
CA THR E 20 -6.19 -4.66 -27.37
C THR E 20 -7.38 -5.60 -27.53
N ASN E 21 -7.16 -6.89 -27.31
CA ASN E 21 -8.21 -7.90 -27.48
C ASN E 21 -8.54 -8.59 -26.16
N GLU E 22 -9.83 -8.73 -25.90
CA GLU E 22 -10.32 -9.40 -24.69
C GLU E 22 -10.29 -10.92 -24.89
N GLN E 23 -10.53 -11.35 -26.12
CA GLN E 23 -10.56 -12.77 -26.47
C GLN E 23 -9.62 -13.07 -27.63
N GLU E 24 -8.41 -13.52 -27.28
CA GLU E 24 -7.38 -13.84 -28.28
C GLU E 24 -7.01 -15.32 -28.18
N GLU E 25 -7.05 -16.01 -29.32
CA GLU E 25 -6.74 -17.44 -29.36
C GLU E 25 -5.26 -17.69 -29.60
N VAL E 26 -4.65 -18.49 -28.72
CA VAL E 26 -3.24 -18.89 -28.84
C VAL E 26 -3.08 -20.40 -28.96
N THR E 27 -1.90 -20.83 -29.41
CA THR E 27 -1.59 -22.25 -29.58
C THR E 27 -1.48 -22.97 -28.23
N ASN E 28 -0.93 -22.28 -27.24
CA ASN E 28 -0.79 -22.82 -25.89
C ASN E 28 -0.67 -21.73 -24.83
N ALA E 29 -1.20 -22.00 -23.64
CA ALA E 29 -1.18 -21.03 -22.54
C ALA E 29 -1.20 -21.73 -21.18
N THR E 30 -0.55 -21.10 -20.20
CA THR E 30 -0.50 -21.63 -18.83
C THR E 30 -1.04 -20.65 -17.79
N GLU E 31 -1.53 -21.21 -16.67
CA GLU E 31 -2.16 -20.43 -15.61
C GLU E 31 -1.11 -19.72 -14.75
N THR E 32 -1.45 -18.53 -14.26
CA THR E 32 -0.53 -17.75 -13.41
C THR E 32 -1.06 -17.59 -11.98
N VAL E 33 -2.27 -18.08 -11.73
CA VAL E 33 -2.89 -17.99 -10.41
C VAL E 33 -3.17 -19.40 -9.88
N GLU E 34 -2.68 -19.68 -8.67
CA GLU E 34 -2.88 -20.98 -8.04
C GLU E 34 -4.26 -21.05 -7.38
N SER E 35 -5.02 -22.07 -7.77
CA SER E 35 -6.38 -22.26 -7.26
C SER E 35 -6.50 -23.50 -6.37
N THR E 36 -5.53 -24.41 -6.51
CA THR E 36 -5.55 -25.67 -5.77
C THR E 36 -4.70 -25.58 -4.50
N SER E 37 -5.26 -26.10 -3.41
CA SER E 37 -4.53 -26.19 -2.14
C SER E 37 -4.85 -27.50 -1.43
N LEU E 38 -3.82 -28.13 -0.88
CA LEU E 38 -3.98 -29.32 -0.06
C LEU E 38 -4.29 -28.93 1.38
N ASP E 39 -5.36 -29.50 1.93
CA ASP E 39 -5.81 -29.18 3.29
C ASP E 39 -5.03 -29.98 4.35
N ARG E 40 -3.71 -29.88 4.28
CA ARG E 40 -2.80 -30.56 5.21
C ARG E 40 -1.56 -29.71 5.48
N LEU E 41 -1.14 -29.69 6.74
CA LEU E 41 0.07 -28.95 7.13
C LEU E 41 1.34 -29.74 6.81
N CYS E 42 2.11 -29.22 5.87
CA CYS E 42 3.34 -29.86 5.42
C CYS E 42 4.52 -29.48 6.32
N MET E 43 4.97 -30.44 7.13
CA MET E 43 5.95 -30.19 8.19
C MET E 43 7.27 -30.96 8.04
N LYS E 44 7.66 -31.23 6.80
CA LYS E 44 8.95 -31.88 6.54
C LYS E 44 10.08 -30.88 6.60
N GLY E 45 11.15 -31.25 7.31
CA GLY E 45 12.30 -30.37 7.52
C GLY E 45 12.04 -29.26 8.51
N ARG E 46 11.02 -29.45 9.35
CA ARG E 46 10.61 -28.45 10.34
C ARG E 46 10.41 -29.08 11.71
N SER E 47 11.12 -28.57 12.70
CA SER E 47 11.00 -29.03 14.08
C SER E 47 9.78 -28.38 14.74
N HIS E 48 8.60 -28.85 14.34
CA HIS E 48 7.34 -28.27 14.77
C HIS E 48 6.88 -28.76 16.14
N LYS E 49 6.16 -27.89 16.85
CA LYS E 49 5.53 -28.27 18.11
C LYS E 49 4.03 -28.00 18.04
N ASP E 50 3.25 -29.07 18.04
CA ASP E 50 1.79 -28.96 17.97
C ASP E 50 1.22 -28.62 19.34
N LEU E 51 0.44 -27.54 19.38
CA LEU E 51 -0.14 -27.05 20.64
C LEU E 51 -1.25 -27.98 21.12
N GLY E 52 -2.05 -28.48 20.18
CA GLY E 52 -3.15 -29.37 20.48
C GLY E 52 -4.33 -28.65 21.12
N ASN E 53 -4.80 -29.20 22.24
CA ASN E 53 -5.94 -28.64 22.96
C ASN E 53 -5.65 -27.33 23.71
N CYS E 54 -4.37 -26.97 23.77
CA CYS E 54 -3.94 -25.80 24.55
C CYS E 54 -3.71 -24.54 23.71
N HIS E 55 -3.77 -23.40 24.38
CA HIS E 55 -3.57 -22.10 23.76
C HIS E 55 -2.13 -21.63 23.99
N PRO E 56 -1.57 -20.87 23.03
CA PRO E 56 -0.22 -20.29 23.16
C PRO E 56 0.03 -19.52 24.46
N ILE E 57 -0.96 -18.75 24.91
CA ILE E 57 -0.85 -17.96 26.15
C ILE E 57 -0.90 -18.86 27.39
N GLY E 58 -1.51 -20.03 27.24
CA GLY E 58 -1.59 -21.03 28.31
C GLY E 58 -0.26 -21.65 28.69
N MET E 59 0.75 -21.46 27.84
CA MET E 59 2.10 -21.96 28.11
C MET E 59 2.83 -21.13 29.16
N LEU E 60 2.56 -19.83 29.16
CA LEU E 60 3.27 -18.89 30.06
C LEU E 60 2.69 -18.88 31.47
N ILE E 61 1.42 -19.22 31.60
CA ILE E 61 0.74 -19.23 32.90
C ILE E 61 0.61 -20.63 33.51
N GLY E 62 0.54 -21.65 32.65
CA GLY E 62 0.50 -23.04 33.10
C GLY E 62 -0.89 -23.66 33.14
N THR E 63 -1.53 -23.73 31.98
CA THR E 63 -2.81 -24.42 31.83
C THR E 63 -2.55 -25.94 31.84
N PRO E 64 -3.41 -26.72 32.53
CA PRO E 64 -3.34 -28.18 32.58
C PRO E 64 -3.21 -28.86 31.21
N ALA E 65 -3.57 -28.16 30.14
CA ALA E 65 -3.43 -28.67 28.79
C ALA E 65 -2.06 -28.34 28.18
N CYS E 66 -1.36 -27.37 28.79
CA CYS E 66 -0.03 -26.96 28.36
C CYS E 66 1.09 -27.55 29.22
N ASP E 67 0.78 -28.62 29.94
CA ASP E 67 1.74 -29.29 30.82
C ASP E 67 2.87 -29.99 30.07
N LEU E 68 2.56 -30.52 28.89
CA LEU E 68 3.54 -31.23 28.08
C LEU E 68 4.54 -30.31 27.36
N HIS E 69 4.20 -29.02 27.29
CA HIS E 69 5.06 -28.03 26.65
C HIS E 69 5.08 -26.67 27.36
N LEU E 70 5.55 -26.66 28.61
CA LEU E 70 5.80 -25.42 29.34
C LEU E 70 7.12 -24.82 28.84
N THR E 71 8.09 -25.69 28.57
CA THR E 71 9.34 -25.31 27.92
C THR E 71 9.44 -26.05 26.57
N GLY E 72 10.55 -25.84 25.87
CA GLY E 72 10.78 -26.50 24.58
C GLY E 72 11.18 -25.53 23.49
N THR E 73 11.89 -26.05 22.48
CA THR E 73 12.37 -25.25 21.36
C THR E 73 11.80 -25.75 20.03
N TRP E 74 11.53 -24.83 19.12
CA TRP E 74 10.94 -25.14 17.82
C TRP E 74 11.32 -24.10 16.75
N ASP E 75 10.86 -24.32 15.52
CA ASP E 75 11.01 -23.36 14.44
C ASP E 75 9.65 -22.85 13.96
N THR E 76 8.62 -23.68 14.17
CA THR E 76 7.25 -23.35 13.79
C THR E 76 6.28 -23.73 14.91
N LEU E 77 5.17 -23.00 15.01
CA LEU E 77 4.17 -23.26 16.04
C LEU E 77 2.75 -23.26 15.45
N ILE E 78 2.01 -24.32 15.76
CA ILE E 78 0.65 -24.51 15.24
C ILE E 78 -0.39 -24.31 16.34
N GLU E 79 -1.37 -23.46 16.07
CA GLU E 79 -2.47 -23.20 16.99
C GLU E 79 -3.77 -23.82 16.48
N ARG E 80 -4.57 -24.36 17.40
CA ARG E 80 -5.84 -25.00 17.04
C ARG E 80 -7.05 -24.17 17.51
N GLU E 81 -8.21 -24.45 16.92
CA GLU E 81 -9.46 -23.77 17.28
C GLU E 81 -9.99 -24.28 18.62
N ASN E 82 -10.69 -23.40 19.34
CA ASN E 82 -11.27 -23.71 20.65
C ASN E 82 -10.24 -24.15 21.70
N ALA E 83 -9.02 -23.64 21.56
CA ALA E 83 -7.92 -23.97 22.46
C ALA E 83 -8.13 -23.32 23.82
N ILE E 84 -7.97 -24.12 24.88
CA ILE E 84 -8.17 -23.66 26.25
C ILE E 84 -7.02 -22.74 26.68
N ALA E 85 -7.37 -21.49 26.98
CA ALA E 85 -6.39 -20.49 27.42
C ALA E 85 -6.42 -20.31 28.93
N TYR E 86 -7.62 -20.10 29.47
CA TYR E 86 -7.81 -19.89 30.90
C TYR E 86 -8.86 -20.85 31.43
N CYS E 87 -8.52 -21.62 32.46
CA CYS E 87 -9.49 -22.49 33.12
C CYS E 87 -10.40 -21.66 34.02
N TYR E 88 -9.78 -20.73 34.77
CA TYR E 88 -10.50 -19.77 35.59
C TYR E 88 -10.86 -18.56 34.71
N PRO E 89 -12.15 -18.16 34.71
CA PRO E 89 -12.66 -17.09 33.85
C PRO E 89 -11.85 -15.79 33.92
N GLY E 90 -11.73 -15.12 32.78
CA GLY E 90 -10.97 -13.87 32.68
C GLY E 90 -10.26 -13.73 31.35
N ALA E 91 -9.63 -12.56 31.16
CA ALA E 91 -8.92 -12.25 29.93
C ALA E 91 -7.60 -11.53 30.22
N THR E 92 -6.73 -11.45 29.21
CA THR E 92 -5.46 -10.74 29.32
C THR E 92 -5.52 -9.43 28.56
N VAL E 93 -5.07 -8.35 29.21
CA VAL E 93 -4.98 -7.04 28.57
C VAL E 93 -3.94 -7.09 27.45
N ASN E 94 -4.34 -6.64 26.26
CA ASN E 94 -3.54 -6.80 25.04
C ASN E 94 -3.28 -8.27 24.71
N GLU E 95 -4.36 -9.06 24.72
CA GLU E 95 -4.29 -10.52 24.51
C GLU E 95 -3.64 -10.90 23.18
N GLU E 96 -4.00 -10.18 22.12
CA GLU E 96 -3.47 -10.43 20.78
C GLU E 96 -1.98 -10.06 20.68
N ALA E 97 -1.60 -8.95 21.31
CA ALA E 97 -0.21 -8.50 21.34
C ALA E 97 0.69 -9.50 22.05
N LEU E 98 0.15 -10.14 23.09
CA LEU E 98 0.85 -11.17 23.84
C LEU E 98 0.94 -12.46 23.03
N ARG E 99 -0.14 -12.79 22.33
CA ARG E 99 -0.23 -13.97 21.47
C ARG E 99 0.78 -13.93 20.33
N GLN E 100 0.95 -12.75 19.73
CA GLN E 100 1.84 -12.55 18.59
C GLN E 100 3.32 -12.67 18.96
N LYS E 101 3.66 -12.32 20.21
CA LYS E 101 5.04 -12.46 20.70
C LYS E 101 5.45 -13.93 20.83
N ILE E 102 4.49 -14.78 21.17
CA ILE E 102 4.71 -16.23 21.26
C ILE E 102 4.83 -16.84 19.86
N MET E 103 4.08 -16.28 18.91
CA MET E 103 4.11 -16.75 17.51
C MET E 103 5.32 -16.20 16.76
N GLU E 104 5.92 -15.13 17.29
CA GLU E 104 7.18 -14.60 16.77
C GLU E 104 8.38 -15.43 17.24
N SER E 105 8.24 -16.08 18.40
CA SER E 105 9.34 -16.81 19.02
C SER E 105 9.45 -18.26 18.55
N GLY E 106 10.67 -18.79 18.61
CA GLY E 106 10.93 -20.19 18.31
C GLY E 106 11.45 -20.93 19.53
N GLY E 107 10.67 -20.91 20.60
CA GLY E 107 11.03 -21.61 21.84
C GLY E 107 10.82 -20.78 23.10
N ILE E 108 10.34 -21.44 24.15
CA ILE E 108 10.09 -20.79 25.44
C ILE E 108 10.87 -21.50 26.55
N SER E 109 11.49 -20.71 27.42
CA SER E 109 12.18 -21.23 28.60
C SER E 109 11.55 -20.67 29.88
N LYS E 110 11.74 -21.36 30.99
CA LYS E 110 11.19 -20.91 32.28
C LYS E 110 12.29 -20.73 33.32
N ILE E 111 12.29 -19.55 33.95
CA ILE E 111 13.27 -19.20 34.98
C ILE E 111 12.55 -18.84 36.29
N SER E 112 12.96 -19.49 37.38
CA SER E 112 12.30 -19.32 38.68
C SER E 112 12.45 -17.92 39.26
N THR E 113 11.44 -17.49 40.01
CA THR E 113 11.39 -16.15 40.58
C THR E 113 11.86 -16.13 42.04
N GLY E 114 11.47 -17.16 42.80
CA GLY E 114 11.85 -17.30 44.20
C GLY E 114 11.12 -16.30 45.09
N PHE E 115 9.79 -16.38 45.08
CA PHE E 115 8.95 -15.45 45.83
C PHE E 115 8.45 -16.09 47.13
N THR E 116 9.02 -15.66 48.25
CA THR E 116 8.61 -16.13 49.58
C THR E 116 7.77 -15.08 50.28
N TYR E 117 6.88 -15.52 51.17
CA TYR E 117 5.94 -14.64 51.84
C TYR E 117 5.92 -14.86 53.36
N GLY E 118 5.21 -13.99 54.07
CA GLY E 118 5.06 -14.09 55.52
C GLY E 118 4.14 -15.21 55.95
N SER E 119 3.99 -15.38 57.26
CA SER E 119 3.16 -16.44 57.83
C SER E 119 1.67 -16.18 57.61
N SER E 120 1.29 -14.91 57.48
CA SER E 120 -0.10 -14.50 57.29
C SER E 120 -0.62 -14.81 55.88
N ILE E 121 0.30 -14.99 54.93
CA ILE E 121 -0.04 -15.18 53.52
C ILE E 121 -0.04 -16.66 53.14
N ASN E 122 -1.11 -17.09 52.47
CA ASN E 122 -1.21 -18.44 51.95
C ASN E 122 -1.10 -18.48 50.43
N SER E 123 -0.11 -19.20 49.93
CA SER E 123 0.16 -19.30 48.49
C SER E 123 -0.36 -20.61 47.89
N ALA E 124 -0.99 -21.44 48.72
CA ALA E 124 -1.49 -22.75 48.29
C ALA E 124 -2.91 -22.70 47.74
N GLY E 125 -3.39 -21.50 47.39
CA GLY E 125 -4.73 -21.31 46.85
C GLY E 125 -4.93 -21.96 45.50
N THR E 126 -5.99 -22.75 45.38
CA THR E 126 -6.28 -23.51 44.15
C THR E 126 -7.75 -23.35 43.72
N THR E 127 -8.07 -23.80 42.51
CA THR E 127 -9.44 -23.71 41.97
C THR E 127 -9.98 -25.06 41.47
N LYS E 128 -11.30 -25.12 41.32
CA LYS E 128 -11.99 -26.33 40.83
C LYS E 128 -12.05 -26.39 39.31
N ALA E 129 -11.74 -25.26 38.67
CA ALA E 129 -11.76 -25.15 37.21
C ALA E 129 -10.57 -25.89 36.58
N CYS E 130 -9.38 -25.63 37.10
CA CYS E 130 -8.16 -26.31 36.64
C CYS E 130 -8.06 -27.71 37.23
N MET E 131 -8.60 -28.68 36.49
CA MET E 131 -8.64 -30.07 36.94
C MET E 131 -7.32 -30.80 36.71
N ARG E 132 -6.76 -31.35 37.78
CA ARG E 132 -5.56 -32.19 37.71
C ARG E 132 -5.75 -33.47 38.50
N ASN E 133 -5.79 -34.60 37.79
CA ASN E 133 -6.02 -35.94 38.36
C ASN E 133 -7.33 -36.08 39.15
N GLY E 134 -8.34 -35.34 38.73
CA GLY E 134 -9.65 -35.34 39.40
C GLY E 134 -9.64 -34.68 40.76
N GLY E 135 -8.92 -33.57 40.87
CA GLY E 135 -8.78 -32.84 42.13
C GLY E 135 -8.94 -31.35 41.99
N ASN E 136 -8.40 -30.62 42.97
CA ASN E 136 -8.46 -29.17 43.00
C ASN E 136 -7.07 -28.55 42.85
N SER E 137 -6.84 -27.91 41.70
CA SER E 137 -5.51 -27.40 41.35
C SER E 137 -5.56 -25.99 40.76
N PHE E 138 -4.42 -25.30 40.81
CA PHE E 138 -4.28 -23.96 40.22
C PHE E 138 -3.28 -24.00 39.06
N TYR E 139 -3.09 -22.86 38.40
CA TYR E 139 -2.12 -22.72 37.31
C TYR E 139 -0.71 -23.14 37.75
N ALA E 140 0.03 -23.73 36.83
CA ALA E 140 1.35 -24.29 37.13
C ALA E 140 2.43 -23.24 37.42
N GLU E 141 2.30 -22.08 36.78
CA GLU E 141 3.33 -21.03 36.89
C GLU E 141 2.86 -19.80 37.70
N LEU E 142 1.77 -19.97 38.45
CA LEU E 142 1.23 -18.91 39.30
C LEU E 142 0.72 -19.48 40.63
N LYS E 143 0.67 -18.64 41.66
CA LYS E 143 0.21 -19.05 42.98
C LYS E 143 -0.78 -18.03 43.57
N TRP E 144 -1.96 -18.50 43.94
CA TRP E 144 -3.02 -17.65 44.49
C TRP E 144 -2.68 -17.21 45.91
N LEU E 145 -2.67 -15.89 46.13
CA LEU E 145 -2.34 -15.32 47.43
C LEU E 145 -3.58 -14.82 48.17
N VAL E 146 -3.93 -15.53 49.25
CA VAL E 146 -5.02 -15.13 50.14
C VAL E 146 -4.55 -15.19 51.60
N SER E 147 -5.32 -14.56 52.49
CA SER E 147 -5.04 -14.61 53.93
C SER E 147 -5.18 -16.03 54.48
N LYS E 148 -4.35 -16.36 55.47
CA LYS E 148 -4.27 -17.71 56.01
C LYS E 148 -5.60 -18.23 56.57
N SER E 149 -6.25 -17.41 57.39
CA SER E 149 -7.54 -17.77 57.99
C SER E 149 -8.68 -16.98 57.37
N LYS E 150 -9.89 -17.55 57.43
CA LYS E 150 -11.09 -16.92 56.89
C LYS E 150 -11.50 -15.71 57.71
N GLY E 151 -11.51 -14.54 57.06
CA GLY E 151 -11.90 -13.28 57.70
C GLY E 151 -10.75 -12.35 58.01
N GLN E 152 -9.52 -12.86 57.89
CA GLN E 152 -8.32 -12.09 58.19
C GLN E 152 -8.05 -10.99 57.17
N ASN E 153 -7.21 -10.03 57.56
CA ASN E 153 -6.73 -8.98 56.65
C ASN E 153 -5.38 -9.34 56.06
N PHE E 154 -5.21 -9.04 54.77
CA PHE E 154 -3.97 -9.33 54.05
C PHE E 154 -2.94 -8.23 54.32
N PRO E 155 -1.71 -8.61 54.71
CA PRO E 155 -0.66 -7.64 55.03
C PRO E 155 -0.04 -6.99 53.79
N GLN E 156 0.60 -5.83 53.99
CA GLN E 156 1.29 -5.13 52.91
C GLN E 156 2.55 -5.91 52.49
N THR E 157 2.49 -6.51 51.31
CA THR E 157 3.55 -7.39 50.84
C THR E 157 4.35 -6.74 49.71
N THR E 158 5.67 -6.83 49.80
CA THR E 158 6.58 -6.29 48.79
C THR E 158 7.48 -7.41 48.25
N ASN E 159 7.26 -7.76 46.99
CA ASN E 159 8.05 -8.80 46.32
C ASN E 159 8.78 -8.25 45.11
N THR E 160 10.02 -8.72 44.91
CA THR E 160 10.88 -8.20 43.84
C THR E 160 11.54 -9.33 43.05
N TYR E 161 11.37 -9.28 41.72
CA TYR E 161 12.10 -10.19 40.82
C TYR E 161 13.34 -9.50 40.25
N ARG E 162 14.40 -10.27 40.10
CA ARG E 162 15.68 -9.74 39.62
C ARG E 162 16.11 -10.37 38.30
N ASN E 163 16.22 -9.54 37.27
CA ASN E 163 16.68 -9.96 35.95
C ASN E 163 18.20 -9.87 35.86
N THR E 164 18.86 -11.02 35.98
CA THR E 164 20.33 -11.09 35.96
C THR E 164 20.86 -11.61 34.61
N ASP E 165 19.99 -12.25 33.84
CA ASP E 165 20.35 -12.83 32.55
C ASP E 165 20.60 -11.74 31.49
N THR E 166 21.27 -12.13 30.41
CA THR E 166 21.60 -11.20 29.31
C THR E 166 20.41 -10.89 28.41
N ALA E 167 19.35 -11.70 28.52
CA ALA E 167 18.13 -11.51 27.74
C ALA E 167 16.94 -11.13 28.62
N GLU E 168 16.00 -10.39 28.05
CA GLU E 168 14.79 -9.95 28.76
C GLU E 168 13.81 -11.09 29.00
N HIS E 169 13.08 -11.01 30.11
CA HIS E 169 12.09 -12.04 30.47
C HIS E 169 10.66 -11.48 30.48
N LEU E 170 9.69 -12.38 30.32
CA LEU E 170 8.28 -12.00 30.30
C LEU E 170 7.60 -12.32 31.63
N ILE E 171 7.39 -11.28 32.43
CA ILE E 171 6.71 -11.39 33.72
C ILE E 171 5.19 -11.30 33.54
N MET E 172 4.46 -12.17 34.24
CA MET E 172 3.00 -12.18 34.18
C MET E 172 2.34 -12.21 35.56
N TRP E 173 1.41 -11.28 35.77
CA TRP E 173 0.63 -11.20 36.99
C TRP E 173 -0.84 -10.95 36.67
N GLY E 174 -1.72 -11.27 37.62
CA GLY E 174 -3.16 -11.09 37.44
C GLY E 174 -3.87 -10.54 38.66
N ILE E 175 -4.79 -9.62 38.41
CA ILE E 175 -5.59 -9.00 39.46
C ILE E 175 -6.93 -9.72 39.58
N HIS E 176 -7.21 -10.24 40.77
CA HIS E 176 -8.47 -10.93 41.05
C HIS E 176 -9.56 -9.94 41.43
N HIS E 177 -10.74 -10.13 40.83
CA HIS E 177 -11.89 -9.28 41.10
C HIS E 177 -12.97 -10.07 41.84
N PRO E 178 -13.18 -9.77 43.13
CA PRO E 178 -14.17 -10.48 43.97
C PRO E 178 -15.59 -10.29 43.48
N SER E 179 -16.41 -11.33 43.61
CA SER E 179 -17.79 -11.32 43.11
C SER E 179 -18.76 -10.57 44.02
N SER E 180 -18.28 -10.13 45.18
CA SER E 180 -19.11 -9.40 46.15
C SER E 180 -18.26 -8.68 47.20
N THR E 181 -18.88 -7.77 47.95
CA THR E 181 -18.22 -7.07 49.05
C THR E 181 -17.97 -7.97 50.24
N GLN E 182 -18.77 -9.03 50.37
CA GLN E 182 -18.64 -10.02 51.43
C GLN E 182 -17.50 -11.02 51.16
N GLU E 183 -17.18 -11.20 49.87
CA GLU E 183 -16.07 -12.06 49.45
C GLU E 183 -14.73 -11.29 49.48
N LYS E 184 -14.82 -9.98 49.24
CA LYS E 184 -13.66 -9.09 49.26
C LYS E 184 -13.05 -8.99 50.66
N ASN E 185 -13.91 -9.03 51.68
CA ASN E 185 -13.47 -9.00 53.07
C ASN E 185 -13.21 -10.39 53.64
N ASP E 186 -13.61 -11.41 52.90
CA ASP E 186 -13.52 -12.81 53.34
C ASP E 186 -12.09 -13.32 53.40
N LEU E 187 -11.29 -12.99 52.38
CA LEU E 187 -9.91 -13.50 52.29
C LEU E 187 -8.86 -12.45 51.92
N TYR E 188 -9.29 -11.23 51.61
CA TYR E 188 -8.37 -10.11 51.35
C TYR E 188 -8.39 -9.06 52.45
N GLY E 189 -9.49 -9.00 53.20
CA GLY E 189 -9.61 -8.09 54.34
C GLY E 189 -10.60 -6.96 54.16
N THR E 190 -10.96 -6.33 55.27
CA THR E 190 -11.90 -5.21 55.28
C THR E 190 -11.24 -3.89 54.91
N GLN E 191 -9.91 -3.90 54.81
CA GLN E 191 -9.12 -2.71 54.51
C GLN E 191 -9.29 -2.23 53.06
N SER E 192 -8.87 -0.99 52.80
CA SER E 192 -8.85 -0.44 51.46
C SER E 192 -7.82 -1.17 50.60
N LEU E 193 -8.20 -1.52 49.38
CA LEU E 193 -7.37 -2.39 48.53
C LEU E 193 -6.78 -1.67 47.33
N SER E 194 -5.47 -1.85 47.12
CA SER E 194 -4.74 -1.27 45.99
C SER E 194 -3.46 -2.05 45.68
N ILE E 195 -3.25 -2.36 44.41
CA ILE E 195 -2.09 -3.13 43.96
C ILE E 195 -1.20 -2.31 43.02
N SER E 196 0.08 -2.18 43.38
CA SER E 196 1.02 -1.37 42.62
C SER E 196 2.18 -2.20 42.05
N VAL E 197 2.47 -1.99 40.77
CA VAL E 197 3.58 -2.63 40.08
C VAL E 197 4.54 -1.55 39.58
N GLY E 198 5.80 -1.63 40.01
CA GLY E 198 6.79 -0.59 39.68
C GLY E 198 8.18 -1.09 39.34
N SER E 199 8.67 -0.62 38.19
CA SER E 199 10.05 -0.87 37.75
C SER E 199 10.56 0.35 36.99
N SER E 200 11.79 0.27 36.48
CA SER E 200 12.41 1.37 35.74
C SER E 200 11.79 1.57 34.34
N THR E 201 11.35 0.47 33.73
CA THR E 201 10.82 0.49 32.37
C THR E 201 9.29 0.43 32.31
N TYR E 202 8.66 -0.01 33.40
CA TYR E 202 7.21 -0.13 33.46
C TYR E 202 6.67 0.13 34.87
N GLN E 203 5.58 0.89 34.94
CA GLN E 203 4.84 1.07 36.20
C GLN E 203 3.37 1.44 35.94
N SER E 204 2.48 0.77 36.67
CA SER E 204 1.03 0.98 36.56
C SER E 204 0.32 0.50 37.82
N ASN E 205 -0.76 1.19 38.19
CA ASN E 205 -1.54 0.86 39.37
C ASN E 205 -2.84 0.13 39.02
N PHE E 206 -3.16 -0.90 39.80
CA PHE E 206 -4.36 -1.72 39.57
C PHE E 206 -5.21 -1.85 40.82
N VAL E 207 -6.51 -1.68 40.68
CA VAL E 207 -7.46 -1.80 41.79
C VAL E 207 -8.58 -2.78 41.41
N PRO E 208 -8.80 -3.82 42.24
CA PRO E 208 -9.84 -4.83 42.02
C PRO E 208 -11.26 -4.26 41.99
N VAL E 209 -12.19 -5.02 41.41
CA VAL E 209 -13.58 -4.60 41.23
C VAL E 209 -14.53 -5.58 41.90
N VAL E 210 -15.47 -5.06 42.69
CA VAL E 210 -16.51 -5.87 43.32
C VAL E 210 -17.75 -5.96 42.42
N GLY E 211 -18.79 -6.63 42.91
CA GLY E 211 -20.06 -6.72 42.18
C GLY E 211 -20.38 -8.09 41.63
N ALA E 212 -21.65 -8.47 41.71
CA ALA E 212 -22.12 -9.78 41.25
C ALA E 212 -22.09 -9.88 39.72
N ARG E 213 -21.85 -11.09 39.22
CA ARG E 213 -21.79 -11.37 37.78
C ARG E 213 -21.95 -12.87 37.49
N PRO E 214 -22.50 -13.21 36.31
CA PRO E 214 -22.76 -14.59 35.86
C PRO E 214 -21.59 -15.56 36.05
N GLN E 215 -21.93 -16.84 36.20
CA GLN E 215 -20.93 -17.89 36.44
C GLN E 215 -20.43 -18.52 35.15
N VAL E 216 -19.20 -18.18 34.77
CA VAL E 216 -18.50 -18.86 33.68
C VAL E 216 -17.58 -19.91 34.29
N ASN E 217 -17.73 -21.15 33.81
CA ASN E 217 -17.05 -22.32 34.40
C ASN E 217 -17.51 -22.61 35.83
N GLY E 218 -18.68 -22.08 36.18
CA GLY E 218 -19.21 -22.18 37.54
C GLY E 218 -18.50 -21.26 38.52
N GLN E 219 -18.07 -20.09 38.03
CA GLN E 219 -17.37 -19.12 38.85
C GLN E 219 -17.75 -17.67 38.55
N SER E 220 -18.10 -16.92 39.60
CA SER E 220 -18.48 -15.52 39.48
C SER E 220 -17.27 -14.58 39.53
N GLY E 221 -16.23 -15.00 40.24
CA GLY E 221 -14.99 -14.22 40.34
C GLY E 221 -14.12 -14.37 39.11
N ARG E 222 -13.42 -13.30 38.75
CA ARG E 222 -12.58 -13.27 37.55
C ARG E 222 -11.17 -12.76 37.81
N ILE E 223 -10.21 -13.24 37.02
CA ILE E 223 -8.82 -12.77 37.09
C ILE E 223 -8.38 -12.22 35.73
N ASP E 224 -8.02 -10.93 35.73
CA ASP E 224 -7.52 -10.25 34.53
C ASP E 224 -6.00 -10.15 34.57
N PHE E 225 -5.35 -10.71 33.56
CA PHE E 225 -3.89 -10.76 33.50
C PHE E 225 -3.28 -9.52 32.85
N HIS E 226 -2.16 -9.08 33.42
CA HIS E 226 -1.38 -7.96 32.87
C HIS E 226 0.07 -8.41 32.67
N TRP E 227 0.74 -7.81 31.69
CA TRP E 227 2.09 -8.25 31.31
C TRP E 227 3.00 -7.09 30.90
N THR E 228 4.30 -7.26 31.19
CA THR E 228 5.35 -6.37 30.71
C THR E 228 6.67 -7.13 30.56
N LEU E 229 7.65 -6.52 29.90
CA LEU E 229 8.94 -7.15 29.70
C LEU E 229 10.02 -6.46 30.53
N VAL E 230 10.63 -7.22 31.44
CA VAL E 230 11.72 -6.71 32.28
C VAL E 230 13.02 -6.77 31.49
N GLN E 231 13.63 -5.61 31.29
CA GLN E 231 14.89 -5.47 30.55
C GLN E 231 16.06 -6.09 31.32
N PRO E 232 17.08 -6.60 30.59
CA PRO E 232 18.26 -7.19 31.23
C PRO E 232 18.96 -6.22 32.19
N GLY E 233 19.15 -6.66 33.42
CA GLY E 233 19.79 -5.83 34.46
C GLY E 233 18.80 -5.15 35.37
N ASP E 234 17.59 -4.92 34.87
CA ASP E 234 16.56 -4.19 35.61
C ASP E 234 15.87 -5.06 36.67
N ASN E 235 15.17 -4.41 37.60
CA ASN E 235 14.46 -5.09 38.68
C ASN E 235 13.00 -4.63 38.79
N ILE E 236 12.09 -5.60 38.87
CA ILE E 236 10.66 -5.31 38.98
C ILE E 236 10.13 -5.66 40.37
N THR E 237 9.29 -4.77 40.93
CA THR E 237 8.77 -4.93 42.27
C THR E 237 7.24 -4.91 42.31
N PHE E 238 6.67 -5.86 43.04
CA PHE E 238 5.22 -5.95 43.26
C PHE E 238 4.87 -5.49 44.68
N SER E 239 4.27 -4.30 44.77
CA SER E 239 3.78 -3.79 46.05
C SER E 239 2.27 -3.92 46.14
N HIS E 240 1.82 -4.97 46.83
CA HIS E 240 0.40 -5.28 46.93
C HIS E 240 -0.02 -5.53 48.37
N ASN E 241 -1.26 -5.16 48.68
CA ASN E 241 -1.84 -5.41 50.00
C ASN E 241 -2.93 -6.49 49.97
N GLY E 242 -3.08 -7.13 48.81
CA GLY E 242 -4.07 -8.19 48.62
C GLY E 242 -4.79 -8.12 47.29
N GLY E 243 -5.18 -9.28 46.76
CA GLY E 243 -5.93 -9.36 45.52
C GLY E 243 -5.08 -9.61 44.28
N LEU E 244 -3.90 -10.19 44.48
CA LEU E 244 -2.97 -10.47 43.39
C LEU E 244 -2.36 -11.86 43.53
N ILE E 245 -2.35 -12.62 42.43
CA ILE E 245 -1.63 -13.90 42.40
C ILE E 245 -0.22 -13.69 41.84
N ALA E 246 0.76 -14.32 42.48
CA ALA E 246 2.16 -14.09 42.16
C ALA E 246 2.74 -15.15 41.20
N PRO E 247 3.66 -14.73 40.31
CA PRO E 247 4.34 -15.67 39.42
C PRO E 247 5.37 -16.52 40.16
N SER E 248 5.35 -17.83 39.91
CA SER E 248 6.33 -18.75 40.49
C SER E 248 7.59 -18.79 39.64
N ARG E 249 7.42 -18.75 38.32
CA ARG E 249 8.54 -18.68 37.36
C ARG E 249 8.15 -17.94 36.08
N VAL E 250 9.07 -17.10 35.59
CA VAL E 250 8.83 -16.28 34.40
C VAL E 250 9.26 -16.96 33.10
N SER E 251 8.84 -16.39 31.98
CA SER E 251 9.09 -16.96 30.66
C SER E 251 10.20 -16.23 29.91
N LYS E 252 11.01 -17.01 29.18
CA LYS E 252 12.07 -16.47 28.33
C LYS E 252 11.84 -16.91 26.89
N LEU E 253 11.55 -15.94 26.02
CA LEU E 253 11.29 -16.21 24.61
C LEU E 253 12.59 -16.14 23.82
N ILE E 254 12.95 -17.25 23.20
CA ILE E 254 14.22 -17.36 22.47
C ILE E 254 14.04 -17.68 20.98
N GLY E 255 14.91 -17.08 20.17
CA GLY E 255 14.91 -17.30 18.72
C GLY E 255 13.68 -16.75 18.01
N ARG E 256 13.57 -17.04 16.72
CA ARG E 256 12.42 -16.64 15.92
C ARG E 256 11.68 -17.88 15.41
N GLY E 257 10.35 -17.79 15.39
CA GLY E 257 9.52 -18.90 14.95
C GLY E 257 8.47 -18.49 13.94
N LEU E 258 7.64 -19.46 13.54
CA LEU E 258 6.54 -19.22 12.61
C LEU E 258 5.21 -19.46 13.32
N GLY E 259 4.26 -18.55 13.09
CA GLY E 259 2.93 -18.65 13.70
C GLY E 259 1.86 -19.11 12.73
N ILE E 260 1.52 -20.40 12.80
CA ILE E 260 0.47 -20.98 11.96
C ILE E 260 -0.78 -21.23 12.77
N GLN E 261 -1.94 -20.90 12.20
CA GLN E 261 -3.23 -21.16 12.84
C GLN E 261 -4.22 -21.81 11.87
N SER E 262 -4.40 -23.12 12.04
CA SER E 262 -5.26 -23.93 11.18
C SER E 262 -5.66 -25.24 11.85
N ASP E 263 -6.81 -25.77 11.46
CA ASP E 263 -7.26 -27.08 11.95
C ASP E 263 -7.28 -28.09 10.81
N ALA E 264 -6.11 -28.70 10.57
CA ALA E 264 -5.92 -29.67 9.50
C ALA E 264 -4.86 -30.70 9.89
N PRO E 265 -4.98 -31.94 9.37
CA PRO E 265 -4.02 -33.02 9.68
C PRO E 265 -2.57 -32.66 9.38
N ILE E 266 -1.66 -33.16 10.21
CA ILE E 266 -0.23 -32.92 10.05
C ILE E 266 0.39 -33.96 9.11
N ASP E 267 1.16 -33.48 8.14
CA ASP E 267 1.84 -34.34 7.18
C ASP E 267 3.35 -34.06 7.14
N ASN E 268 4.14 -35.09 7.40
CA ASN E 268 5.60 -34.96 7.46
C ASN E 268 6.34 -35.48 6.22
N ASN E 269 5.56 -35.86 5.19
CA ASN E 269 6.12 -36.30 3.91
C ASN E 269 6.25 -35.14 2.92
N CYS E 270 5.41 -34.12 3.12
CA CYS E 270 5.39 -32.93 2.27
C CYS E 270 6.04 -31.75 2.99
N GLU E 271 6.62 -30.83 2.21
CA GLU E 271 7.21 -29.62 2.77
C GLU E 271 6.73 -28.36 2.04
N SER E 272 6.16 -27.42 2.81
CA SER E 272 5.64 -26.17 2.28
C SER E 272 6.20 -24.99 3.07
N LYS E 273 6.28 -23.83 2.41
CA LYS E 273 6.78 -22.62 3.06
C LYS E 273 5.74 -21.50 3.16
N CYS E 274 4.47 -21.86 3.00
CA CYS E 274 3.35 -20.94 3.23
C CYS E 274 2.07 -21.67 3.62
N PHE E 275 1.36 -21.12 4.60
CA PHE E 275 0.18 -21.77 5.18
C PHE E 275 -0.97 -20.80 5.37
N TRP E 276 -2.19 -21.34 5.35
CA TRP E 276 -3.41 -20.60 5.67
C TRP E 276 -4.32 -21.49 6.51
N ARG E 277 -5.44 -20.94 6.98
CA ARG E 277 -6.34 -21.66 7.89
C ARG E 277 -7.01 -22.90 7.27
N GLY E 278 -6.93 -23.01 5.95
CA GLY E 278 -7.50 -24.14 5.21
C GLY E 278 -6.51 -25.26 4.96
N GLY E 279 -5.26 -24.91 4.71
CA GLY E 279 -4.21 -25.90 4.46
C GLY E 279 -2.83 -25.30 4.21
N SER E 280 -2.22 -25.69 3.10
CA SER E 280 -0.89 -25.22 2.72
C SER E 280 -0.83 -24.92 1.22
N ILE E 281 0.11 -24.06 0.83
CA ILE E 281 0.25 -23.64 -0.57
C ILE E 281 1.62 -24.03 -1.14
N ASN E 282 1.60 -24.90 -2.14
CA ASN E 282 2.82 -25.33 -2.85
C ASN E 282 2.76 -24.98 -4.34
N THR E 283 3.27 -23.79 -4.68
CA THR E 283 3.23 -23.31 -6.06
C THR E 283 4.43 -22.42 -6.44
N ARG E 284 4.76 -22.44 -7.72
CA ARG E 284 5.79 -21.57 -8.28
C ARG E 284 5.15 -20.25 -8.76
N LEU E 285 3.87 -20.32 -9.08
CA LEU E 285 3.12 -19.20 -9.65
C LEU E 285 3.10 -17.99 -8.72
N PRO E 286 3.28 -16.77 -9.28
CA PRO E 286 3.42 -15.56 -8.47
C PRO E 286 2.12 -15.04 -7.83
N PHE E 287 0.97 -15.61 -8.20
CA PHE E 287 -0.31 -15.16 -7.68
C PHE E 287 -1.20 -16.29 -7.16
N GLN E 288 -2.12 -15.94 -6.26
CA GLN E 288 -3.07 -16.90 -5.68
C GLN E 288 -4.42 -16.25 -5.39
N ASN E 289 -5.48 -17.06 -5.35
CA ASN E 289 -6.84 -16.55 -5.13
C ASN E 289 -7.64 -17.36 -4.09
N LEU E 290 -6.92 -18.03 -3.18
CA LEU E 290 -7.56 -18.91 -2.19
C LEU E 290 -7.96 -18.16 -0.93
N SER E 291 -7.05 -17.35 -0.41
CA SER E 291 -7.28 -16.60 0.83
C SER E 291 -6.38 -15.37 0.92
N PRO E 292 -6.95 -14.23 1.34
CA PRO E 292 -6.15 -13.01 1.53
C PRO E 292 -5.28 -13.02 2.79
N ARG E 293 -5.53 -14.00 3.67
CA ARG E 293 -4.79 -14.12 4.92
C ARG E 293 -3.84 -15.33 4.89
N THR E 294 -2.56 -15.05 4.70
CA THR E 294 -1.52 -16.08 4.64
C THR E 294 -0.31 -15.71 5.51
N VAL E 295 0.45 -16.73 5.91
CA VAL E 295 1.65 -16.53 6.72
C VAL E 295 2.87 -17.23 6.10
N GLY E 296 4.01 -16.55 6.12
CA GLY E 296 5.25 -17.08 5.56
C GLY E 296 5.60 -16.44 4.23
N GLN E 297 6.29 -17.21 3.38
CA GLN E 297 6.66 -16.75 2.04
C GLN E 297 5.59 -17.18 1.05
N CYS E 298 4.82 -16.23 0.56
CA CYS E 298 3.67 -16.53 -0.29
C CYS E 298 3.58 -15.71 -1.58
N PRO E 299 2.91 -16.29 -2.61
CA PRO E 299 2.47 -15.53 -3.77
C PRO E 299 1.40 -14.52 -3.35
N LYS E 300 1.35 -13.39 -4.06
CA LYS E 300 0.44 -12.31 -3.70
C LYS E 300 -1.02 -12.61 -4.06
N TYR E 301 -1.93 -12.32 -3.13
CA TYR E 301 -3.36 -12.61 -3.30
C TYR E 301 -4.01 -11.69 -4.32
N VAL E 302 -4.81 -12.28 -5.19
CA VAL E 302 -5.59 -11.55 -6.20
C VAL E 302 -7.05 -11.99 -6.20
N ASN E 303 -7.92 -11.16 -6.76
CA ASN E 303 -9.35 -11.47 -6.85
C ASN E 303 -9.73 -12.20 -8.15
N LYS E 304 -8.73 -12.42 -9.01
CA LYS E 304 -8.95 -13.10 -10.28
C LYS E 304 -8.95 -14.62 -10.14
N LYS E 305 -9.96 -15.26 -10.71
CA LYS E 305 -10.08 -16.72 -10.71
C LYS E 305 -9.10 -17.34 -11.71
N SER E 306 -8.87 -16.64 -12.82
CA SER E 306 -8.01 -17.13 -13.89
C SER E 306 -7.28 -16.01 -14.64
N LEU E 307 -5.97 -16.18 -14.77
CA LEU E 307 -5.15 -15.34 -15.65
C LEU E 307 -4.14 -16.20 -16.41
N MET E 308 -4.34 -16.30 -17.71
CA MET E 308 -3.53 -17.18 -18.55
C MET E 308 -2.42 -16.43 -19.28
N LEU E 309 -1.23 -17.02 -19.28
CA LEU E 309 -0.07 -16.46 -19.97
C LEU E 309 0.22 -17.25 -21.24
N ALA E 310 0.36 -16.54 -22.36
CA ALA E 310 0.54 -17.17 -23.67
C ALA E 310 1.90 -17.85 -23.82
N THR E 311 1.89 -19.18 -23.76
CA THR E 311 3.09 -19.99 -23.94
C THR E 311 3.44 -20.10 -25.44
N GLY E 312 2.41 -20.00 -26.28
CA GLY E 312 2.58 -20.14 -27.72
C GLY E 312 2.24 -18.89 -28.53
N MET E 313 2.04 -19.08 -29.83
CA MET E 313 1.80 -17.98 -30.76
C MET E 313 0.31 -17.82 -31.12
N ARG E 314 0.03 -16.90 -32.03
CA ARG E 314 -1.33 -16.58 -32.46
C ARG E 314 -1.94 -17.72 -33.29
N ASN E 315 -2.90 -18.41 -32.71
CA ASN E 315 -3.53 -19.57 -33.33
C ASN E 315 -4.53 -19.16 -34.42
N VAL E 316 -4.18 -19.47 -35.67
CA VAL E 316 -5.08 -19.24 -36.81
C VAL E 316 -5.63 -20.55 -37.35
N PRO E 317 -6.98 -20.66 -37.45
CA PRO E 317 -7.63 -21.88 -37.93
C PRO E 317 -7.23 -22.22 -39.36
N GLU E 318 -6.89 -23.50 -39.58
CA GLU E 318 -6.38 -23.96 -40.87
C GLU E 318 -7.21 -25.11 -41.43
N GLY F 1 -0.52 -9.01 -37.13
CA GLY F 1 -0.55 -8.05 -35.98
C GLY F 1 0.26 -6.79 -36.26
N LEU F 2 1.35 -6.62 -35.53
CA LEU F 2 2.24 -5.48 -35.73
C LEU F 2 3.09 -5.64 -37.00
N PHE F 3 3.68 -6.83 -37.18
CA PHE F 3 4.55 -7.08 -38.32
C PHE F 3 3.81 -7.67 -39.52
N GLY F 4 2.51 -7.83 -39.37
CA GLY F 4 1.61 -8.24 -40.46
C GLY F 4 1.96 -9.53 -41.18
N ALA F 5 2.58 -10.46 -40.47
CA ALA F 5 2.91 -11.76 -41.04
C ALA F 5 1.89 -12.81 -40.61
N ILE F 6 1.90 -13.15 -39.31
CA ILE F 6 0.90 -14.03 -38.72
C ILE F 6 -0.43 -13.27 -38.68
N ALA F 7 -1.46 -13.85 -39.31
CA ALA F 7 -2.76 -13.19 -39.51
C ALA F 7 -2.63 -11.86 -40.27
N GLY F 8 -1.65 -11.82 -41.18
CA GLY F 8 -1.36 -10.63 -41.97
C GLY F 8 -1.36 -10.95 -43.46
N PHE F 9 -0.17 -11.13 -44.03
CA PHE F 9 -0.05 -11.51 -45.44
C PHE F 9 0.08 -13.03 -45.65
N ILE F 10 0.40 -13.74 -44.57
CA ILE F 10 0.24 -15.19 -44.54
C ILE F 10 -1.16 -15.46 -44.00
N GLU F 11 -2.00 -16.08 -44.82
CA GLU F 11 -3.39 -16.38 -44.46
C GLU F 11 -3.44 -17.25 -43.21
N ASN F 12 -2.66 -18.34 -43.21
CA ASN F 12 -2.59 -19.28 -42.11
C ASN F 12 -1.42 -20.26 -42.30
N GLY F 13 -1.00 -20.89 -41.21
CA GLY F 13 0.09 -21.87 -41.26
C GLY F 13 -0.38 -23.27 -41.57
N TRP F 14 0.18 -24.26 -40.87
CA TRP F 14 -0.19 -25.67 -41.10
C TRP F 14 -0.31 -26.48 -39.81
N GLU F 15 -1.45 -27.15 -39.65
CA GLU F 15 -1.70 -28.01 -38.49
C GLU F 15 -0.88 -29.30 -38.54
N GLY F 16 -0.61 -29.77 -39.74
CA GLY F 16 0.17 -30.99 -39.95
C GLY F 16 1.63 -30.84 -39.56
N MET F 17 2.09 -29.59 -39.47
CA MET F 17 3.45 -29.28 -39.05
C MET F 17 3.56 -29.38 -37.53
N VAL F 18 4.18 -30.46 -37.06
CA VAL F 18 4.34 -30.70 -35.63
C VAL F 18 5.80 -30.61 -35.18
N ASP F 19 6.72 -30.67 -36.15
CA ASP F 19 8.16 -30.69 -35.87
C ASP F 19 8.82 -29.31 -35.80
N GLY F 20 8.01 -28.27 -35.53
CA GLY F 20 8.53 -26.91 -35.40
C GLY F 20 7.47 -25.82 -35.29
N TRP F 21 7.93 -24.62 -34.99
CA TRP F 21 7.07 -23.44 -34.88
C TRP F 21 7.02 -22.68 -36.20
N TYR F 22 8.11 -22.78 -36.97
CA TYR F 22 8.21 -22.16 -38.29
C TYR F 22 8.78 -23.18 -39.28
N GLY F 23 8.23 -23.21 -40.49
CA GLY F 23 8.66 -24.19 -41.48
C GLY F 23 8.54 -23.79 -42.95
N PHE F 24 9.07 -24.66 -43.81
CA PHE F 24 9.03 -24.45 -45.25
C PHE F 24 8.23 -25.57 -45.94
N ARG F 25 7.44 -25.20 -46.93
CA ARG F 25 6.78 -26.16 -47.81
C ARG F 25 7.23 -25.94 -49.25
N HIS F 26 7.81 -26.98 -49.85
CA HIS F 26 8.37 -26.87 -51.20
C HIS F 26 7.44 -27.44 -52.27
N GLN F 27 7.47 -26.82 -53.44
CA GLN F 27 6.65 -27.24 -54.57
C GLN F 27 7.47 -27.24 -55.86
N ASN F 28 7.67 -28.43 -56.41
CA ASN F 28 8.45 -28.61 -57.64
C ASN F 28 7.96 -29.75 -58.53
N ALA F 29 8.82 -30.19 -59.45
CA ALA F 29 8.48 -31.24 -60.40
C ALA F 29 8.46 -32.65 -59.78
N GLN F 30 9.29 -32.85 -58.77
CA GLN F 30 9.40 -34.15 -58.08
C GLN F 30 8.17 -34.44 -57.23
N GLY F 31 7.69 -33.44 -56.50
CA GLY F 31 6.52 -33.57 -55.64
C GLY F 31 6.44 -32.44 -54.62
N THR F 32 5.74 -32.70 -53.52
CA THR F 32 5.61 -31.72 -52.44
C THR F 32 5.89 -32.35 -51.09
N GLY F 33 6.56 -31.59 -50.22
CA GLY F 33 6.88 -32.04 -48.87
C GLY F 33 6.91 -30.90 -47.87
N GLN F 34 7.57 -31.14 -46.74
CA GLN F 34 7.63 -30.15 -45.65
C GLN F 34 8.89 -30.35 -44.81
N ALA F 35 9.54 -29.24 -44.46
CA ALA F 35 10.70 -29.25 -43.57
C ALA F 35 10.72 -28.01 -42.69
N ALA F 36 10.81 -28.23 -41.38
CA ALA F 36 10.73 -27.15 -40.39
C ALA F 36 12.07 -26.48 -40.14
N ASP F 37 12.02 -25.19 -39.82
CA ASP F 37 13.21 -24.42 -39.47
C ASP F 37 13.52 -24.55 -37.98
N TYR F 38 14.81 -24.61 -37.65
CA TYR F 38 15.24 -24.77 -36.27
C TYR F 38 15.76 -23.46 -35.66
N LYS F 39 16.36 -22.61 -36.48
CA LYS F 39 16.95 -21.35 -36.03
C LYS F 39 15.92 -20.34 -35.50
N SER F 40 14.85 -20.12 -36.27
CA SER F 40 13.80 -19.16 -35.89
C SER F 40 12.82 -19.73 -34.87
N THR F 41 12.73 -21.06 -34.80
CA THR F 41 11.89 -21.75 -33.81
C THR F 41 12.47 -21.56 -32.41
N GLN F 42 13.77 -21.79 -32.26
CA GLN F 42 14.46 -21.61 -30.99
C GLN F 42 14.52 -20.13 -30.59
N ALA F 43 14.70 -19.26 -31.59
CA ALA F 43 14.74 -17.82 -31.36
C ALA F 43 13.44 -17.26 -30.77
N ALA F 44 12.33 -17.95 -31.05
CA ALA F 44 11.03 -17.60 -30.49
C ALA F 44 10.83 -18.23 -29.11
N ILE F 45 11.35 -19.44 -28.93
CA ILE F 45 11.25 -20.16 -27.66
C ILE F 45 12.13 -19.53 -26.58
N ASP F 46 13.32 -19.05 -26.98
CA ASP F 46 14.24 -18.38 -26.05
C ASP F 46 13.64 -17.12 -25.43
N GLN F 47 12.83 -16.40 -26.20
CA GLN F 47 12.10 -15.24 -25.72
C GLN F 47 11.04 -15.66 -24.70
N ILE F 48 10.36 -16.77 -24.99
CA ILE F 48 9.27 -17.29 -24.16
C ILE F 48 9.78 -17.96 -22.88
N THR F 49 10.84 -18.76 -23.00
CA THR F 49 11.44 -19.45 -21.85
C THR F 49 12.04 -18.43 -20.87
N GLY F 50 12.57 -17.33 -21.41
CA GLY F 50 13.07 -16.22 -20.59
C GLY F 50 11.97 -15.58 -19.76
N LYS F 51 10.83 -15.34 -20.40
CA LYS F 51 9.64 -14.80 -19.72
C LYS F 51 9.08 -15.80 -18.70
N LEU F 52 8.97 -17.06 -19.11
CA LEU F 52 8.42 -18.12 -18.27
C LEU F 52 9.25 -18.33 -17.00
N ASN F 53 10.56 -18.14 -17.10
CA ASN F 53 11.44 -18.24 -15.94
C ASN F 53 11.51 -16.96 -15.12
N ARG F 54 11.07 -15.85 -15.70
CA ARG F 54 11.14 -14.55 -15.05
C ARG F 54 10.04 -14.33 -14.00
N LEU F 55 8.97 -15.12 -14.09
CA LEU F 55 7.86 -14.98 -13.15
C LEU F 55 7.72 -16.12 -12.15
N ILE F 56 8.22 -17.31 -12.51
CA ILE F 56 8.15 -18.48 -11.61
C ILE F 56 9.12 -18.40 -10.43
N GLU F 57 10.01 -17.40 -10.46
CA GLU F 57 10.91 -17.12 -9.34
C GLU F 57 10.13 -16.54 -8.16
N LYS F 58 10.36 -17.11 -6.98
CA LYS F 58 9.66 -16.67 -5.76
C LYS F 58 10.61 -15.93 -4.82
N THR F 59 10.28 -14.68 -4.53
CA THR F 59 11.01 -13.88 -3.55
C THR F 59 10.59 -14.29 -2.13
N ASN F 60 11.43 -13.96 -1.16
CA ASN F 60 11.29 -14.49 0.20
C ASN F 60 10.77 -13.49 1.24
N THR F 61 9.93 -12.55 0.82
CA THR F 61 9.35 -11.59 1.76
C THR F 61 8.36 -12.33 2.67
N GLU F 62 8.82 -12.68 3.86
CA GLU F 62 8.04 -13.46 4.82
C GLU F 62 7.11 -12.55 5.61
N PHE F 63 5.81 -12.85 5.54
CA PHE F 63 4.79 -12.07 6.24
C PHE F 63 4.23 -12.82 7.43
N GLU F 64 4.18 -12.15 8.57
CA GLU F 64 3.72 -12.74 9.82
C GLU F 64 2.28 -12.32 10.14
N SER F 65 1.60 -13.14 10.94
CA SER F 65 0.18 -12.94 11.27
C SER F 65 -0.09 -11.62 11.99
N ILE F 66 -1.13 -10.93 11.55
CA ILE F 66 -1.60 -9.69 12.19
C ILE F 66 -3.09 -9.79 12.56
N GLU F 67 -3.79 -10.72 11.92
CA GLU F 67 -5.19 -11.02 12.24
C GLU F 67 -5.34 -12.46 12.72
N SER F 68 -6.04 -12.62 13.85
CA SER F 68 -6.27 -13.94 14.43
C SER F 68 -7.49 -14.61 13.81
N GLU F 69 -7.33 -15.88 13.42
CA GLU F 69 -8.39 -16.65 12.79
C GLU F 69 -9.41 -17.16 13.80
N PHE F 70 -9.03 -17.18 15.08
CA PHE F 70 -9.91 -17.68 16.14
C PHE F 70 -10.28 -16.61 17.17
N SER F 71 -9.30 -15.77 17.52
CA SER F 71 -9.52 -14.71 18.51
C SER F 71 -10.12 -13.47 17.87
N GLU F 72 -10.91 -12.73 18.66
CA GLU F 72 -11.56 -11.51 18.20
C GLU F 72 -10.58 -10.35 18.01
N ILE F 73 -10.78 -9.59 16.94
CA ILE F 73 -9.96 -8.42 16.65
C ILE F 73 -10.71 -7.16 17.12
N GLU F 74 -9.96 -6.19 17.65
CA GLU F 74 -10.52 -4.89 18.04
C GLU F 74 -11.13 -4.22 16.81
N HIS F 75 -12.34 -3.69 16.98
CA HIS F 75 -13.15 -3.21 15.87
C HIS F 75 -12.57 -1.99 15.14
N GLN F 76 -12.06 -1.03 15.91
CA GLN F 76 -11.55 0.22 15.34
C GLN F 76 -10.29 -0.02 14.51
N ILE F 77 -9.40 -0.89 15.00
CA ILE F 77 -8.17 -1.23 14.28
C ILE F 77 -8.42 -2.29 13.21
N GLY F 78 -9.48 -3.08 13.39
CA GLY F 78 -9.90 -4.10 12.42
C GLY F 78 -10.26 -3.46 11.08
N ASN F 79 -10.86 -2.27 11.14
CA ASN F 79 -11.18 -1.49 9.95
C ASN F 79 -9.95 -0.90 9.26
N VAL F 80 -8.89 -0.64 10.04
CA VAL F 80 -7.63 -0.15 9.49
C VAL F 80 -6.90 -1.27 8.75
N ILE F 81 -6.99 -2.49 9.30
CA ILE F 81 -6.43 -3.68 8.66
C ILE F 81 -7.20 -4.03 7.39
N ASN F 82 -8.54 -4.02 7.50
CA ASN F 82 -9.42 -4.30 6.36
C ASN F 82 -9.24 -3.32 5.21
N TRP F 83 -9.05 -2.04 5.53
CA TRP F 83 -8.88 -0.99 4.52
C TRP F 83 -7.57 -1.13 3.76
N THR F 84 -6.52 -1.53 4.47
CA THR F 84 -5.20 -1.72 3.86
C THR F 84 -5.17 -2.99 3.01
N LYS F 85 -5.63 -4.11 3.58
CA LYS F 85 -5.60 -5.41 2.91
C LYS F 85 -6.42 -5.44 1.62
N ASP F 86 -7.57 -4.76 1.62
CA ASP F 86 -8.39 -4.63 0.42
C ASP F 86 -7.70 -3.75 -0.62
N SER F 87 -7.02 -2.70 -0.18
CA SER F 87 -6.25 -1.83 -1.06
C SER F 87 -5.07 -2.57 -1.68
N ILE F 88 -4.39 -3.38 -0.88
CA ILE F 88 -3.25 -4.18 -1.34
C ILE F 88 -3.70 -5.23 -2.37
N THR F 89 -4.78 -5.94 -2.05
CA THR F 89 -5.38 -6.90 -2.98
C THR F 89 -5.75 -6.22 -4.30
N ASP F 90 -6.27 -4.99 -4.21
CA ASP F 90 -6.65 -4.21 -5.39
C ASP F 90 -5.46 -3.80 -6.26
N ILE F 91 -4.32 -3.54 -5.64
CA ILE F 91 -3.10 -3.21 -6.37
C ILE F 91 -2.54 -4.44 -7.07
N TRP F 92 -2.50 -5.57 -6.36
CA TRP F 92 -1.96 -6.82 -6.91
C TRP F 92 -2.87 -7.45 -7.97
N THR F 93 -4.18 -7.36 -7.78
CA THR F 93 -5.14 -7.81 -8.78
C THR F 93 -5.00 -6.96 -10.04
N TYR F 94 -4.76 -5.66 -9.86
CA TYR F 94 -4.52 -4.75 -10.97
C TYR F 94 -3.20 -5.07 -11.68
N GLN F 95 -2.16 -5.33 -10.89
CA GLN F 95 -0.83 -5.60 -11.43
C GLN F 95 -0.75 -6.96 -12.11
N ALA F 96 -1.49 -7.94 -11.58
CA ALA F 96 -1.56 -9.28 -12.17
C ALA F 96 -2.23 -9.26 -13.54
N GLU F 97 -3.28 -8.45 -13.67
CA GLU F 97 -4.02 -8.33 -14.92
C GLU F 97 -3.24 -7.56 -15.98
N LEU F 98 -2.62 -6.45 -15.58
CA LEU F 98 -1.85 -5.62 -16.50
C LEU F 98 -0.61 -6.35 -17.03
N LEU F 99 0.01 -7.15 -16.17
CA LEU F 99 1.17 -7.96 -16.57
C LEU F 99 0.78 -8.98 -17.63
N VAL F 100 -0.26 -9.77 -17.35
CA VAL F 100 -0.75 -10.78 -18.29
C VAL F 100 -1.06 -10.13 -19.65
N ALA F 101 -1.77 -9.00 -19.64
CA ALA F 101 -2.10 -8.27 -20.86
C ALA F 101 -0.85 -7.73 -21.56
N MET F 102 0.09 -7.20 -20.78
CA MET F 102 1.36 -6.71 -21.30
C MET F 102 2.20 -7.79 -21.97
N GLU F 103 2.37 -8.91 -21.29
CA GLU F 103 3.23 -9.99 -21.76
C GLU F 103 2.61 -10.77 -22.93
N ASN F 104 1.29 -10.92 -22.90
CA ASN F 104 0.57 -11.58 -23.98
C ASN F 104 0.57 -10.76 -25.27
N GLN F 105 0.50 -9.44 -25.11
CA GLN F 105 0.57 -8.51 -26.24
C GLN F 105 1.97 -8.48 -26.84
N HIS F 106 2.98 -8.65 -25.99
CA HIS F 106 4.37 -8.63 -26.44
C HIS F 106 4.79 -9.95 -27.10
N THR F 107 4.33 -11.08 -26.55
CA THR F 107 4.63 -12.41 -27.10
C THR F 107 3.94 -12.65 -28.45
N ILE F 108 2.78 -12.04 -28.65
CA ILE F 108 2.01 -12.21 -29.87
C ILE F 108 2.63 -11.44 -31.04
N ASP F 109 3.34 -10.37 -30.73
CA ASP F 109 4.02 -9.55 -31.72
C ASP F 109 5.47 -10.00 -31.91
N MET F 110 6.00 -10.67 -30.89
CA MET F 110 7.34 -11.27 -30.95
C MET F 110 7.36 -12.41 -31.97
N ALA F 111 6.30 -13.20 -31.99
CA ALA F 111 6.15 -14.30 -32.95
C ALA F 111 6.02 -13.77 -34.38
N ASP F 112 5.34 -12.62 -34.53
CA ASP F 112 5.23 -11.92 -35.80
C ASP F 112 6.59 -11.45 -36.31
N SER F 113 7.49 -11.14 -35.39
CA SER F 113 8.83 -10.69 -35.72
C SER F 113 9.69 -11.79 -36.34
N GLU F 114 9.73 -12.95 -35.70
CA GLU F 114 10.56 -14.07 -36.16
C GLU F 114 10.04 -14.71 -37.46
N MET F 115 8.75 -14.53 -37.73
CA MET F 115 8.16 -14.94 -39.00
C MET F 115 8.56 -13.98 -40.10
N LEU F 116 8.54 -12.68 -39.79
CA LEU F 116 8.95 -11.63 -40.73
C LEU F 116 10.46 -11.67 -41.00
N ASN F 117 11.24 -11.96 -39.97
CA ASN F 117 12.69 -12.04 -40.10
C ASN F 117 13.15 -13.23 -40.95
N LEU F 118 12.42 -14.34 -40.83
CA LEU F 118 12.65 -15.53 -41.67
C LEU F 118 12.28 -15.21 -43.12
N TYR F 119 11.21 -14.43 -43.29
CA TYR F 119 10.75 -13.99 -44.60
C TYR F 119 11.74 -13.03 -45.24
N GLU F 120 12.29 -12.11 -44.44
CA GLU F 120 13.26 -11.13 -44.92
C GLU F 120 14.64 -11.73 -45.22
N ARG F 121 14.96 -12.84 -44.56
CA ARG F 121 16.22 -13.55 -44.80
C ARG F 121 16.22 -14.22 -46.17
N VAL F 122 15.14 -14.93 -46.48
CA VAL F 122 14.99 -15.66 -47.73
C VAL F 122 14.85 -14.69 -48.91
N ARG F 123 14.11 -13.60 -48.72
CA ARG F 123 13.88 -12.59 -49.75
C ARG F 123 15.17 -11.99 -50.31
N LYS F 124 16.07 -11.59 -49.41
CA LYS F 124 17.35 -11.00 -49.79
C LYS F 124 18.29 -12.03 -50.39
N GLN F 125 18.12 -13.29 -49.99
CA GLN F 125 18.95 -14.39 -50.45
C GLN F 125 18.64 -14.78 -51.90
N LEU F 126 17.35 -14.93 -52.21
CA LEU F 126 16.91 -15.27 -53.56
C LEU F 126 17.13 -14.11 -54.53
N ARG F 127 17.17 -12.90 -53.98
CA ARG F 127 17.61 -11.69 -54.69
C ARG F 127 16.81 -11.38 -55.96
N GLN F 128 17.23 -11.96 -57.08
CA GLN F 128 16.59 -11.71 -58.38
C GLN F 128 16.05 -13.00 -58.99
N ASN F 129 16.43 -14.13 -58.40
CA ASN F 129 16.03 -15.45 -58.88
C ASN F 129 14.55 -15.75 -58.67
N ALA F 130 13.91 -14.97 -57.80
CA ALA F 130 12.51 -15.21 -57.42
C ALA F 130 11.67 -13.93 -57.36
N GLU F 131 10.36 -14.14 -57.27
CA GLU F 131 9.40 -13.06 -57.02
C GLU F 131 8.39 -13.54 -55.99
N GLU F 132 7.98 -12.63 -55.09
CA GLU F 132 6.98 -12.95 -54.08
C GLU F 132 5.56 -12.70 -54.59
N ASP F 133 4.68 -13.66 -54.33
CA ASP F 133 3.28 -13.55 -54.77
C ASP F 133 2.44 -12.65 -53.86
N GLY F 134 2.92 -12.45 -52.63
CA GLY F 134 2.21 -11.64 -51.64
C GLY F 134 1.47 -12.47 -50.61
N LYS F 135 1.30 -13.76 -50.91
CA LYS F 135 0.62 -14.69 -50.02
C LYS F 135 1.59 -15.38 -49.05
N GLY F 136 2.84 -14.93 -49.06
CA GLY F 136 3.88 -15.49 -48.21
C GLY F 136 4.54 -16.70 -48.84
N CYS F 137 4.81 -16.60 -50.13
CA CYS F 137 5.36 -17.71 -50.91
C CYS F 137 6.23 -17.18 -52.05
N PHE F 138 7.47 -17.65 -52.11
CA PHE F 138 8.42 -17.21 -53.13
C PHE F 138 8.38 -18.10 -54.37
N GLU F 139 8.31 -17.46 -55.54
CA GLU F 139 8.29 -18.17 -56.81
C GLU F 139 9.60 -17.97 -57.55
N ILE F 140 10.42 -19.02 -57.62
CA ILE F 140 11.66 -18.99 -58.41
C ILE F 140 11.38 -19.23 -59.90
N TYR F 141 12.07 -18.46 -60.74
CA TYR F 141 11.91 -18.57 -62.18
C TYR F 141 12.85 -19.59 -62.82
N HIS F 142 12.97 -20.74 -62.15
CA HIS F 142 13.67 -21.92 -62.69
C HIS F 142 13.20 -23.17 -61.94
N ALA F 143 13.75 -24.32 -62.32
CA ALA F 143 13.41 -25.58 -61.67
C ALA F 143 14.34 -25.85 -60.50
N CYS F 144 13.76 -26.24 -59.36
CA CYS F 144 14.53 -26.65 -58.20
C CYS F 144 14.20 -28.09 -57.84
N ASP F 145 15.22 -28.94 -57.85
CA ASP F 145 15.09 -30.30 -57.33
C ASP F 145 15.10 -30.28 -55.80
N ASP F 146 15.00 -31.45 -55.18
CA ASP F 146 14.98 -31.56 -53.71
C ASP F 146 16.26 -30.99 -53.07
N SER F 147 17.34 -30.95 -53.82
CA SER F 147 18.60 -30.36 -53.38
C SER F 147 18.55 -28.83 -53.47
N CYS F 148 17.81 -28.32 -54.46
CA CYS F 148 17.67 -26.88 -54.68
C CYS F 148 16.78 -26.22 -53.62
N MET F 149 15.82 -26.99 -53.11
CA MET F 149 14.90 -26.51 -52.06
C MET F 149 15.52 -26.65 -50.68
N GLU F 150 16.40 -27.64 -50.52
CA GLU F 150 17.10 -27.88 -49.27
C GLU F 150 18.22 -26.85 -49.06
N SER F 151 18.71 -26.29 -50.15
CA SER F 151 19.80 -25.31 -50.11
C SER F 151 19.37 -23.96 -49.55
N ILE F 152 18.11 -23.61 -49.76
CA ILE F 152 17.55 -22.36 -49.21
C ILE F 152 17.29 -22.52 -47.71
N ARG F 153 16.95 -23.74 -47.30
CA ARG F 153 16.68 -24.06 -45.90
C ARG F 153 17.96 -24.11 -45.06
N ASN F 154 19.03 -24.66 -45.64
CA ASN F 154 20.35 -24.66 -45.00
C ASN F 154 21.11 -23.33 -45.14
N ASN F 155 20.43 -22.33 -45.68
CA ASN F 155 20.96 -20.96 -45.85
C ASN F 155 22.15 -20.84 -46.81
N THR F 156 22.53 -21.95 -47.44
CA THR F 156 23.60 -21.94 -48.43
C THR F 156 23.01 -21.95 -49.84
N TYR F 157 22.57 -20.77 -50.28
CA TYR F 157 21.98 -20.61 -51.61
C TYR F 157 22.67 -19.48 -52.38
N ASP F 158 23.29 -19.85 -53.50
CA ASP F 158 24.00 -18.90 -54.35
C ASP F 158 23.09 -18.35 -55.44
N HIS F 159 22.87 -17.04 -55.41
CA HIS F 159 21.98 -16.37 -56.35
C HIS F 159 22.58 -16.23 -57.75
N SER F 160 23.91 -16.18 -57.81
CA SER F 160 24.62 -16.00 -59.07
C SER F 160 24.66 -17.26 -59.95
N GLN F 161 24.32 -18.39 -59.35
CA GLN F 161 24.20 -19.66 -60.07
C GLN F 161 23.01 -19.67 -61.02
N TYR F 162 21.91 -19.02 -60.61
CA TYR F 162 20.68 -18.98 -61.39
C TYR F 162 20.30 -17.57 -61.83
N ARG F 163 21.27 -16.65 -61.83
CA ARG F 163 21.01 -15.23 -62.11
C ARG F 163 20.46 -14.97 -63.51
N GLU F 164 21.25 -15.31 -64.52
CA GLU F 164 20.87 -15.09 -65.92
C GLU F 164 19.78 -16.06 -66.40
N GLU F 165 19.71 -17.23 -65.77
CA GLU F 165 18.75 -18.27 -66.12
C GLU F 165 17.33 -17.84 -65.74
N ALA F 166 17.17 -17.38 -64.50
CA ALA F 166 15.88 -16.93 -64.00
C ALA F 166 15.52 -15.53 -64.48
N LEU F 167 16.53 -14.74 -64.84
CA LEU F 167 16.33 -13.40 -65.38
C LEU F 167 15.81 -13.47 -66.82
N LEU F 168 16.02 -14.62 -67.47
CA LEU F 168 15.53 -14.87 -68.82
C LEU F 168 14.03 -15.15 -68.84
N ASN F 169 13.58 -15.96 -67.88
CA ASN F 169 12.16 -16.30 -67.73
C ASN F 169 11.30 -15.08 -67.40
N ARG F 170 11.89 -14.14 -66.65
CA ARG F 170 11.19 -12.94 -66.18
C ARG F 170 10.86 -11.95 -67.29
N LEU F 171 11.64 -11.98 -68.38
CA LEU F 171 11.43 -11.08 -69.50
C LEU F 171 10.96 -11.78 -70.79
N ASN F 172 11.08 -13.11 -70.82
CA ASN F 172 10.75 -13.93 -71.99
C ASN F 172 11.61 -13.60 -73.22
#